data_8Z92
#
_entry.id   8Z92
#
_cell.length_a   201.179
_cell.length_b   287.266
_cell.length_c   111.766
_cell.angle_alpha   90.000
_cell.angle_beta   90.000
_cell.angle_gamma   90.000
#
_symmetry.space_group_name_H-M   'C 2 2 21'
#
loop_
_entity.id
_entity.type
_entity.pdbx_description
1 polymer 'Piwi domain-containing protein'
2 polymer 'TIR domain-containing protein'
3 polymer "DNA (5'-D(*CP*AP*AP*CP*CP*TP*AP*CP*TP*AP*CP*CP*TP*CP*AP*T)-3')"
4 polymer "DNA (5'-D(P*TP*GP*AP*GP*GP*TP*AP*GP*TP*AP*GP*GP*TP*TP*GP*TP*AP*TP*AP*GP*T)-3')"
#
loop_
_entity_poly.entity_id
_entity_poly.type
_entity_poly.pdbx_seq_one_letter_code
_entity_poly.pdbx_strand_id
1 'polypeptide(L)'
;MKELIYIEEPSILFAHGQKCTDPRDGLALFGPLNQIYGIKSGVVGTQKGLQIFKSYLDKIQKPIYNHNNITRPMFPGFEA
VFGCKWESQNIVFKEITDEEIRRYLFNASTHKRTYDLVTLFNDKIITANKNDEERVDVWFVIVPEEIYKYCRPNSVLPNE
LVQTKSLISKSKAKSFRYTPTLFEEFNKKLKEVEKEAKTYNYDAQFHDQLKARLLEHTIPTQILRESTLAWRDFKNTFGA
PIRDFSKIEGHLAWTISTAAYYKAGGKPWKLGDIRPGVCYLGLVYKKIEKSKNPQNACCAAQMFLDNGDGTVFKGEVGPW
YNPEKGEYHLKPKEAKALLTQALESYKEQNKSYPKEVFIHARTRFNDEEWNAFNEVTPKNTNLVGVTITKSKPLKLYKTE
GAFPIMRGNAYIVDEKKAFLWTLGFVPKLQSTLSMEVPNPIFIEINKGEAEIQQVLKDILALTKLNYNACIYADGEPVTL
RFANKIGEILTASTEIKTPPLAFKYYI
;
B,A
2 'polypeptide(L)'
;MRNKIFISHATPEDDDFTRWLSLKLIGLGYEVWCDILFLDKGVDFWSTIEKEIRENTCKFLIVSSTAGNKREGVLKELAV
ATKVKKHLQDDMFIIPLAIDENLSYDDINIEIVRLNAIDFKKSWAKGLQDLLDAFEKQNVPKKPPDHSKSNLLYQQIFLH
DKQAIEKEETYDSNWFPIISFPNELRFHRYDWRLPKQFDVRTLAFPAIRYKEYLCTFAWEYDFIHQLPKTETYNGQESIR
ISTSDILSGRYDTDFIRNYECQRLIVQLINKAFELRMKDKNVREYQMSKTFAYWIEKGKLEKDKFEKIKLVGKQKNKYWH
FGISAAGKLYPSPVLMVSSHIIFTMDGINLIKSKSIQHSSRRKQGKNWWNDKWREKLLAFIRFLSDDQNAIYLNVGSEEK
ILISNKPLKFFGKMSYVTPSE
;
E,G
3 'polydeoxyribonucleotide' (DC)(DA)(DA)(DC)(DC)(DT)(DA)(DC)(DT)(DA)(DC)(DC)(DT)(DC)(DA)(DT) D,H
4 'polydeoxyribonucleotide'
;(DT)(DG)(DA)(DG)(DG)(DT)(DA)(DG)(DT)(DA)(DG)(DG)(DT)(DT)(DG)(DT)(DA)(DT)(DA)(DG)
(DT)
;
F,I
#
loop_
_chem_comp.id
_chem_comp.type
_chem_comp.name
_chem_comp.formula
DA DNA linking 2'-DEOXYADENOSINE-5'-MONOPHOSPHATE 'C10 H14 N5 O6 P'
DC DNA linking 2'-DEOXYCYTIDINE-5'-MONOPHOSPHATE 'C9 H14 N3 O7 P'
DG DNA linking 2'-DEOXYGUANOSINE-5'-MONOPHOSPHATE 'C10 H14 N5 O7 P'
DT DNA linking THYMIDINE-5'-MONOPHOSPHATE 'C10 H15 N2 O8 P'
#
# COMPACT_ATOMS: atom_id res chain seq x y z
N MET A 1 25.46 1.33 -16.67
CA MET A 1 24.01 1.19 -16.88
C MET A 1 23.67 0.82 -18.31
N LYS A 2 23.55 -0.48 -18.59
CA LYS A 2 23.21 -0.90 -19.95
C LYS A 2 21.71 -0.76 -20.20
N GLU A 3 21.38 -0.46 -21.45
CA GLU A 3 19.99 -0.30 -21.87
C GLU A 3 19.58 -1.48 -22.74
N LEU A 4 18.27 -1.71 -22.79
CA LEU A 4 17.67 -2.79 -23.55
C LEU A 4 16.94 -2.24 -24.78
N ILE A 5 16.64 -3.14 -25.71
CA ILE A 5 15.91 -2.81 -26.92
C ILE A 5 14.51 -3.43 -26.86
N TYR A 6 13.55 -2.69 -27.41
CA TYR A 6 12.17 -3.16 -27.50
C TYR A 6 12.00 -3.93 -28.79
N ILE A 7 11.56 -5.18 -28.68
CA ILE A 7 11.15 -5.96 -29.84
C ILE A 7 9.65 -5.75 -29.98
N GLU A 8 9.25 -4.94 -30.96
CA GLU A 8 7.85 -4.60 -31.15
C GLU A 8 7.01 -5.86 -31.33
N GLU A 9 5.92 -5.92 -30.59
CA GLU A 9 5.01 -7.07 -30.62
C GLU A 9 4.54 -7.28 -32.06
N PRO A 10 5.00 -8.33 -32.72
CA PRO A 10 4.62 -8.53 -34.12
C PRO A 10 3.18 -9.02 -34.22
N SER A 11 2.58 -8.77 -35.38
CA SER A 11 1.16 -9.00 -35.58
C SER A 11 0.91 -10.25 -36.39
N ILE A 12 -0.29 -10.79 -36.24
CA ILE A 12 -0.76 -11.96 -36.97
C ILE A 12 -1.95 -11.55 -37.80
N LEU A 13 -2.07 -12.09 -39.01
CA LEU A 13 -3.16 -11.71 -39.88
C LEU A 13 -4.33 -12.68 -39.71
N PHE A 14 -5.49 -12.26 -40.18
CA PHE A 14 -6.75 -12.97 -40.04
C PHE A 14 -7.45 -12.94 -41.39
N ALA A 15 -8.70 -13.40 -41.42
CA ALA A 15 -9.46 -13.38 -42.66
C ALA A 15 -9.60 -11.95 -43.16
N HIS A 16 -10.03 -11.85 -44.42
CA HIS A 16 -10.22 -10.58 -45.12
C HIS A 16 -8.95 -9.72 -45.18
N GLY A 17 -7.79 -10.32 -44.93
CA GLY A 17 -6.52 -9.66 -45.16
C GLY A 17 -6.08 -8.63 -44.14
N GLN A 18 -6.86 -8.42 -43.09
CA GLN A 18 -6.51 -7.44 -42.06
C GLN A 18 -5.94 -8.15 -40.83
N LYS A 19 -4.86 -7.58 -40.29
CA LYS A 19 -4.12 -8.17 -39.19
C LYS A 19 -4.38 -7.42 -37.90
N CYS A 20 -4.18 -8.12 -36.77
CA CYS A 20 -4.47 -7.58 -35.45
C CYS A 20 -3.40 -8.08 -34.48
N THR A 21 -3.57 -7.76 -33.20
CA THR A 21 -2.58 -8.09 -32.19
C THR A 21 -3.00 -9.24 -31.27
N ASP A 22 -4.28 -9.44 -31.03
CA ASP A 22 -4.72 -10.50 -30.14
C ASP A 22 -5.52 -11.52 -30.94
N PRO A 23 -5.13 -12.79 -30.96
CA PRO A 23 -5.86 -13.78 -31.78
C PRO A 23 -7.27 -14.03 -31.31
N ARG A 24 -7.60 -13.69 -30.07
CA ARG A 24 -8.97 -13.83 -29.58
C ARG A 24 -9.85 -12.66 -30.04
N ASP A 25 -9.30 -11.44 -30.03
CA ASP A 25 -10.11 -10.28 -30.38
C ASP A 25 -10.45 -10.26 -31.86
N GLY A 26 -9.44 -10.42 -32.72
CA GLY A 26 -9.68 -10.33 -34.15
C GLY A 26 -10.57 -11.42 -34.71
N LEU A 27 -10.62 -12.57 -34.04
CA LEU A 27 -11.39 -13.71 -34.56
C LEU A 27 -12.87 -13.38 -34.64
N ALA A 28 -13.42 -12.80 -33.57
CA ALA A 28 -14.81 -12.38 -33.62
C ALA A 28 -14.99 -11.25 -34.64
N LEU A 29 -13.98 -10.39 -34.76
CA LEU A 29 -14.06 -9.29 -35.73
C LEU A 29 -13.89 -9.79 -37.16
N PHE A 30 -13.00 -10.78 -37.39
CA PHE A 30 -12.74 -11.20 -38.78
C PHE A 30 -12.90 -12.69 -39.05
N GLY A 31 -12.51 -13.55 -38.12
CA GLY A 31 -12.57 -14.99 -38.36
C GLY A 31 -11.32 -15.63 -38.97
N PRO A 32 -11.37 -16.95 -39.15
CA PRO A 32 -10.17 -17.69 -39.58
C PRO A 32 -9.77 -17.42 -41.02
N LEU A 33 -8.48 -17.65 -41.30
CA LEU A 33 -7.91 -17.36 -42.62
C LEU A 33 -8.57 -18.17 -43.74
N ASN A 34 -8.45 -19.50 -43.70
CA ASN A 34 -9.15 -20.35 -44.65
C ASN A 34 -10.23 -21.12 -43.90
N GLN A 35 -11.41 -21.18 -44.50
CA GLN A 35 -12.64 -21.54 -43.80
C GLN A 35 -13.25 -22.78 -44.43
N ILE A 36 -13.34 -23.86 -43.66
CA ILE A 36 -14.14 -25.01 -44.09
C ILE A 36 -15.54 -24.77 -43.55
N TYR A 37 -16.51 -25.55 -44.01
CA TYR A 37 -17.91 -25.25 -43.76
C TYR A 37 -18.67 -26.33 -43.00
N GLY A 38 -18.12 -27.52 -42.86
CA GLY A 38 -18.82 -28.55 -42.13
C GLY A 38 -17.89 -29.35 -41.25
N ILE A 39 -18.32 -29.63 -40.02
CA ILE A 39 -17.57 -30.41 -39.06
C ILE A 39 -18.51 -31.44 -38.46
N LYS A 40 -18.46 -32.67 -38.97
CA LYS A 40 -19.17 -33.78 -38.34
C LYS A 40 -18.38 -34.27 -37.13
N SER A 41 -19.06 -34.37 -35.99
CA SER A 41 -18.42 -34.75 -34.74
C SER A 41 -18.51 -36.26 -34.55
N GLY A 42 -17.37 -36.92 -34.36
CA GLY A 42 -17.33 -38.32 -34.05
C GLY A 42 -17.06 -38.53 -32.57
N VAL A 43 -18.03 -39.12 -31.88
CA VAL A 43 -17.99 -39.27 -30.43
C VAL A 43 -17.66 -40.71 -30.10
N VAL A 44 -16.82 -40.91 -29.07
CA VAL A 44 -16.49 -42.24 -28.58
C VAL A 44 -16.47 -42.22 -27.05
N GLY A 45 -17.51 -42.76 -26.42
CA GLY A 45 -17.58 -42.74 -24.97
C GLY A 45 -18.83 -43.41 -24.45
N THR A 46 -19.13 -43.15 -23.19
CA THR A 46 -20.27 -43.76 -22.51
C THR A 46 -21.56 -43.05 -22.90
N GLN A 47 -22.67 -43.49 -22.30
CA GLN A 47 -23.93 -42.77 -22.45
C GLN A 47 -23.88 -41.42 -21.76
N LYS A 48 -23.38 -41.39 -20.51
CA LYS A 48 -23.20 -40.12 -19.82
C LYS A 48 -22.24 -39.22 -20.57
N GLY A 49 -21.21 -39.82 -21.19
CA GLY A 49 -20.28 -39.04 -21.99
C GLY A 49 -20.93 -38.37 -23.19
N LEU A 50 -22.10 -38.86 -23.61
CA LEU A 50 -22.80 -38.25 -24.74
C LEU A 50 -23.43 -36.91 -24.34
N GLN A 51 -24.35 -36.95 -23.37
CA GLN A 51 -25.05 -35.71 -23.00
C GLN A 51 -24.10 -34.66 -22.44
N ILE A 52 -23.05 -35.08 -21.74
CA ILE A 52 -22.02 -34.13 -21.31
C ILE A 52 -21.38 -33.49 -22.52
N PHE A 53 -21.10 -34.29 -23.56
CA PHE A 53 -20.65 -33.75 -24.84
C PHE A 53 -21.80 -33.03 -25.55
N LYS A 54 -23.01 -33.59 -25.50
CA LYS A 54 -24.16 -32.93 -26.12
C LYS A 54 -24.46 -31.58 -25.48
N SER A 55 -24.49 -31.53 -24.14
CA SER A 55 -24.86 -30.28 -23.46
C SER A 55 -23.83 -29.19 -23.68
N TYR A 56 -22.55 -29.53 -23.66
CA TYR A 56 -21.53 -28.51 -23.86
C TYR A 56 -21.48 -28.04 -25.31
N LEU A 57 -21.51 -28.98 -26.26
CA LEU A 57 -21.58 -28.59 -27.66
C LEU A 57 -22.86 -27.81 -27.92
N ASP A 58 -23.92 -28.07 -27.15
CA ASP A 58 -25.13 -27.26 -27.21
C ASP A 58 -24.91 -25.89 -26.58
N LYS A 59 -23.91 -25.74 -25.70
CA LYS A 59 -23.70 -24.49 -25.01
C LYS A 59 -22.70 -23.56 -25.69
N ILE A 60 -21.81 -24.07 -26.55
CA ILE A 60 -20.85 -23.18 -27.20
C ILE A 60 -21.48 -22.38 -28.33
N GLN A 61 -22.72 -22.69 -28.69
CA GLN A 61 -23.48 -21.77 -29.52
C GLN A 61 -23.86 -20.54 -28.70
N LYS A 62 -24.17 -20.75 -27.43
CA LYS A 62 -24.42 -19.69 -26.46
C LYS A 62 -23.10 -19.09 -25.98
N PRO A 63 -23.05 -17.79 -25.76
CA PRO A 63 -21.82 -17.18 -25.23
C PRO A 63 -21.63 -17.47 -23.76
N ILE A 64 -20.37 -17.59 -23.37
CA ILE A 64 -19.99 -17.78 -21.97
C ILE A 64 -18.88 -16.79 -21.68
N TYR A 65 -19.09 -15.96 -20.66
CA TYR A 65 -18.15 -14.90 -20.30
C TYR A 65 -17.16 -15.38 -19.25
N ASN A 66 -16.08 -14.61 -19.11
CA ASN A 66 -15.07 -14.86 -18.10
C ASN A 66 -15.34 -13.99 -16.87
N HIS A 67 -14.54 -14.20 -15.82
CA HIS A 67 -14.74 -13.37 -14.64
C HIS A 67 -14.16 -11.98 -14.84
N ASN A 68 -13.02 -11.89 -15.52
CA ASN A 68 -12.38 -10.62 -15.81
C ASN A 68 -12.28 -10.54 -17.32
N ASN A 69 -13.34 -10.01 -17.95
CA ASN A 69 -13.41 -9.95 -19.40
C ASN A 69 -12.31 -9.06 -19.97
N ILE A 70 -11.86 -8.06 -19.21
CA ILE A 70 -10.80 -7.17 -19.67
C ILE A 70 -9.51 -7.95 -19.94
N THR A 71 -9.32 -9.09 -19.27
CA THR A 71 -8.08 -9.85 -19.39
C THR A 71 -8.19 -11.06 -20.31
N ARG A 72 -9.37 -11.65 -20.46
CA ARG A 72 -9.59 -12.74 -21.41
C ARG A 72 -10.94 -12.51 -22.06
N PRO A 73 -10.96 -11.94 -23.27
CA PRO A 73 -12.21 -11.47 -23.88
C PRO A 73 -13.24 -12.58 -24.08
N MET A 74 -14.46 -12.12 -24.33
CA MET A 74 -15.65 -12.96 -24.38
C MET A 74 -15.64 -13.88 -25.59
N PHE A 75 -16.57 -14.84 -25.56
CA PHE A 75 -16.79 -15.79 -26.64
C PHE A 75 -18.17 -15.55 -27.23
N PRO A 76 -18.28 -15.13 -28.49
CA PRO A 76 -19.59 -14.80 -29.06
C PRO A 76 -20.41 -16.02 -29.42
N GLY A 77 -19.79 -17.00 -30.03
CA GLY A 77 -20.48 -18.20 -30.50
C GLY A 77 -19.79 -18.74 -31.74
N PHE A 78 -19.80 -20.07 -31.85
CA PHE A 78 -19.08 -20.76 -32.92
C PHE A 78 -19.51 -20.26 -34.29
N GLU A 79 -20.81 -20.37 -34.59
CA GLU A 79 -21.34 -19.89 -35.86
C GLU A 79 -21.05 -18.41 -36.08
N ALA A 80 -20.91 -17.64 -35.00
CA ALA A 80 -20.70 -16.20 -35.10
C ALA A 80 -19.26 -15.82 -35.42
N VAL A 81 -18.29 -16.62 -34.99
CA VAL A 81 -16.89 -16.26 -35.10
C VAL A 81 -16.24 -16.90 -36.32
N PHE A 82 -16.35 -18.22 -36.44
CA PHE A 82 -15.60 -18.98 -37.43
C PHE A 82 -16.37 -19.21 -38.73
N GLY A 83 -17.67 -18.92 -38.75
CA GLY A 83 -18.48 -19.13 -39.93
C GLY A 83 -18.95 -20.56 -40.12
N CYS A 84 -18.13 -21.54 -39.76
CA CYS A 84 -18.57 -22.93 -39.81
C CYS A 84 -19.59 -23.20 -38.72
N LYS A 85 -20.52 -24.11 -39.01
CA LYS A 85 -21.61 -24.42 -38.10
C LYS A 85 -21.34 -25.78 -37.46
N TRP A 86 -21.51 -25.87 -36.15
CA TRP A 86 -21.28 -27.10 -35.39
C TRP A 86 -22.56 -27.49 -34.67
N GLU A 87 -23.21 -28.54 -35.14
CA GLU A 87 -24.53 -28.93 -34.66
C GLU A 87 -24.42 -30.10 -33.69
N SER A 88 -25.33 -30.12 -32.70
CA SER A 88 -25.34 -31.17 -31.69
C SER A 88 -25.90 -32.48 -32.23
N GLN A 89 -26.96 -32.40 -33.04
CA GLN A 89 -27.56 -33.62 -33.59
C GLN A 89 -26.69 -34.27 -34.66
N ASN A 90 -25.63 -33.60 -35.12
CA ASN A 90 -24.67 -34.18 -36.06
C ASN A 90 -23.61 -34.92 -35.24
N ILE A 91 -23.96 -36.11 -34.77
CA ILE A 91 -23.07 -36.93 -33.95
C ILE A 91 -23.02 -38.33 -34.52
N VAL A 92 -21.80 -38.82 -34.78
CA VAL A 92 -21.53 -40.20 -35.10
C VAL A 92 -20.96 -40.87 -33.85
N PHE A 93 -21.69 -41.82 -33.29
CA PHE A 93 -21.37 -42.42 -32.00
C PHE A 93 -20.90 -43.86 -32.17
N LYS A 94 -19.73 -44.17 -31.59
CA LYS A 94 -19.28 -45.54 -31.37
C LYS A 94 -19.13 -45.75 -29.87
N GLU A 95 -20.00 -46.55 -29.28
CA GLU A 95 -20.08 -46.64 -27.83
C GLU A 95 -19.04 -47.60 -27.26
N ILE A 96 -18.44 -47.19 -26.14
CA ILE A 96 -17.63 -48.05 -25.30
C ILE A 96 -18.27 -48.00 -23.92
N THR A 97 -19.07 -49.01 -23.59
CA THR A 97 -19.85 -49.00 -22.37
C THR A 97 -18.93 -49.05 -21.14
N ASP A 98 -19.46 -48.60 -20.01
CA ASP A 98 -18.75 -48.73 -18.74
C ASP A 98 -18.49 -50.20 -18.41
N GLU A 99 -19.35 -51.09 -18.92
CA GLU A 99 -19.17 -52.52 -18.67
C GLU A 99 -17.87 -53.04 -19.28
N GLU A 100 -17.46 -52.50 -20.43
CA GLU A 100 -16.16 -52.86 -21.00
C GLU A 100 -15.01 -52.23 -20.23
N ILE A 101 -15.26 -51.11 -19.54
CA ILE A 101 -14.21 -50.45 -18.81
C ILE A 101 -13.77 -51.29 -17.62
N ARG A 102 -14.73 -51.78 -16.84
CA ARG A 102 -14.40 -52.44 -15.58
C ARG A 102 -13.66 -53.75 -15.80
N ARG A 103 -13.95 -54.45 -16.90
CA ARG A 103 -13.25 -55.70 -17.18
C ARG A 103 -11.79 -55.45 -17.54
N TYR A 104 -11.56 -54.58 -18.53
CA TYR A 104 -10.23 -54.35 -19.07
C TYR A 104 -9.37 -53.44 -18.19
N LEU A 105 -9.98 -52.70 -17.27
CA LEU A 105 -9.24 -51.75 -16.46
C LEU A 105 -8.78 -52.37 -15.15
N PHE A 106 -9.51 -53.37 -14.64
CA PHE A 106 -9.23 -53.96 -13.31
C PHE A 106 -8.11 -54.99 -13.46
N ASN A 107 -6.88 -54.46 -13.51
CA ASN A 107 -5.68 -55.28 -13.60
C ASN A 107 -4.65 -54.79 -12.61
N ALA A 108 -3.81 -55.72 -12.12
CA ALA A 108 -2.87 -55.40 -11.06
C ALA A 108 -1.75 -54.49 -11.57
N SER A 109 -1.27 -54.73 -12.80
CA SER A 109 -0.13 -54.03 -13.35
C SER A 109 -0.61 -52.85 -14.19
N THR A 110 0.08 -51.70 -14.05
CA THR A 110 -0.35 -50.48 -14.74
C THR A 110 -0.19 -50.61 -16.26
N HIS A 111 0.88 -51.25 -16.73
CA HIS A 111 1.15 -51.30 -18.17
C HIS A 111 0.07 -52.10 -18.89
N LYS A 112 -0.30 -53.27 -18.36
CA LYS A 112 -1.40 -54.01 -18.94
C LYS A 112 -2.75 -53.38 -18.64
N ARG A 113 -2.84 -52.56 -17.59
CA ARG A 113 -4.06 -51.80 -17.33
C ARG A 113 -4.23 -50.71 -18.36
N THR A 114 -3.16 -49.99 -18.67
CA THR A 114 -3.21 -48.95 -19.69
C THR A 114 -3.39 -49.54 -21.08
N TYR A 115 -2.54 -50.53 -21.43
CA TYR A 115 -2.54 -51.07 -22.78
C TYR A 115 -3.89 -51.65 -23.18
N ASP A 116 -4.56 -52.35 -22.25
CA ASP A 116 -5.84 -52.97 -22.60
C ASP A 116 -6.93 -51.93 -22.85
N LEU A 117 -6.88 -50.80 -22.13
CA LEU A 117 -7.85 -49.75 -22.39
C LEU A 117 -7.52 -48.97 -23.65
N VAL A 118 -6.22 -48.80 -23.96
CA VAL A 118 -5.83 -48.26 -25.26
C VAL A 118 -6.25 -49.21 -26.38
N THR A 119 -6.15 -50.52 -26.13
CA THR A 119 -6.62 -51.50 -27.10
C THR A 119 -8.09 -51.31 -27.43
N LEU A 120 -8.90 -50.92 -26.44
CA LEU A 120 -10.34 -50.84 -26.65
C LEU A 120 -10.71 -49.71 -27.61
N PHE A 121 -10.03 -48.57 -27.51
CA PHE A 121 -10.37 -47.43 -28.36
C PHE A 121 -9.87 -47.60 -29.78
N ASN A 122 -8.71 -48.24 -29.98
CA ASN A 122 -8.13 -48.32 -31.32
C ASN A 122 -9.05 -49.09 -32.27
N ASP A 123 -9.57 -50.23 -31.81
CA ASP A 123 -10.49 -51.00 -32.66
C ASP A 123 -11.79 -50.24 -32.91
N LYS A 124 -12.34 -49.57 -31.89
CA LYS A 124 -13.61 -48.88 -32.07
C LYS A 124 -13.48 -47.60 -32.89
N ILE A 125 -12.30 -46.98 -32.89
CA ILE A 125 -12.10 -45.76 -33.66
C ILE A 125 -11.79 -46.08 -35.11
N ILE A 126 -10.82 -46.98 -35.34
CA ILE A 126 -10.39 -47.33 -36.69
C ILE A 126 -11.55 -47.95 -37.48
N THR A 127 -12.24 -48.92 -36.88
CA THR A 127 -13.38 -49.56 -37.53
C THR A 127 -14.57 -48.62 -37.71
N ALA A 128 -14.70 -47.58 -36.88
CA ALA A 128 -15.79 -46.63 -37.09
C ALA A 128 -15.55 -45.78 -38.33
N ASN A 129 -14.29 -45.46 -38.64
CA ASN A 129 -13.99 -44.72 -39.85
C ASN A 129 -13.96 -45.63 -41.07
N LYS A 130 -13.44 -46.85 -40.90
CA LYS A 130 -13.35 -47.80 -42.00
C LYS A 130 -14.72 -48.09 -42.60
N ASN A 131 -15.64 -48.61 -41.77
CA ASN A 131 -16.91 -49.10 -42.29
C ASN A 131 -17.77 -47.95 -42.80
N ASP A 132 -18.13 -47.02 -41.91
CA ASP A 132 -18.97 -45.90 -42.29
C ASP A 132 -18.21 -44.98 -43.24
N GLU A 133 -18.84 -44.67 -44.38
CA GLU A 133 -18.25 -43.73 -45.34
C GLU A 133 -18.35 -42.30 -44.86
N GLU A 134 -19.05 -42.04 -43.76
CA GLU A 134 -19.25 -40.70 -43.25
C GLU A 134 -17.92 -40.00 -42.99
N ARG A 135 -17.70 -38.91 -43.71
CA ARG A 135 -16.53 -38.07 -43.51
C ARG A 135 -16.62 -37.38 -42.16
N VAL A 136 -15.81 -37.84 -41.21
CA VAL A 136 -15.74 -37.25 -39.88
C VAL A 136 -14.52 -36.34 -39.84
N ASP A 137 -14.75 -35.05 -39.62
CA ASP A 137 -13.65 -34.09 -39.66
C ASP A 137 -12.65 -34.38 -38.56
N VAL A 138 -13.13 -34.52 -37.32
CA VAL A 138 -12.31 -34.89 -36.18
C VAL A 138 -13.11 -35.87 -35.33
N TRP A 139 -12.41 -36.82 -34.71
CA TRP A 139 -13.01 -37.78 -33.80
C TRP A 139 -12.75 -37.31 -32.37
N PHE A 140 -13.82 -37.15 -31.59
CA PHE A 140 -13.73 -36.66 -30.22
C PHE A 140 -13.85 -37.82 -29.24
N VAL A 141 -12.95 -37.87 -28.26
CA VAL A 141 -12.87 -38.94 -27.27
C VAL A 141 -13.25 -38.40 -25.90
N ILE A 142 -14.32 -38.96 -25.32
CA ILE A 142 -14.77 -38.55 -23.98
C ILE A 142 -14.37 -39.59 -22.95
N VAL A 143 -13.14 -39.50 -22.44
CA VAL A 143 -12.62 -40.42 -21.43
C VAL A 143 -13.31 -40.17 -20.09
N PRO A 144 -13.96 -41.17 -19.50
CA PRO A 144 -14.56 -40.98 -18.18
C PRO A 144 -13.51 -40.73 -17.10
N GLU A 145 -13.98 -40.16 -15.99
CA GLU A 145 -13.08 -39.67 -14.94
C GLU A 145 -12.29 -40.80 -14.30
N GLU A 146 -12.95 -41.93 -14.03
CA GLU A 146 -12.36 -43.06 -13.31
C GLU A 146 -11.23 -43.73 -14.07
N ILE A 147 -10.89 -43.27 -15.26
CA ILE A 147 -9.77 -43.81 -16.02
C ILE A 147 -8.53 -42.94 -15.87
N TYR A 148 -8.72 -41.61 -15.85
CA TYR A 148 -7.60 -40.68 -15.73
C TYR A 148 -6.84 -40.87 -14.43
N LYS A 149 -7.56 -41.10 -13.32
CA LYS A 149 -6.91 -41.33 -12.04
C LYS A 149 -6.22 -42.70 -11.97
N TYR A 150 -6.60 -43.65 -12.83
CA TYR A 150 -6.17 -45.02 -12.70
C TYR A 150 -5.26 -45.52 -13.81
N CYS A 151 -4.91 -44.70 -14.80
CA CYS A 151 -4.13 -45.15 -15.94
C CYS A 151 -2.84 -44.35 -16.16
N ARG A 152 -2.17 -43.93 -15.09
CA ARG A 152 -0.84 -43.36 -15.19
C ARG A 152 0.16 -44.15 -14.36
N PRO A 153 1.45 -43.98 -14.60
CA PRO A 153 2.45 -44.48 -13.65
C PRO A 153 2.33 -43.76 -12.32
N ASN A 154 2.81 -44.42 -11.27
CA ASN A 154 2.79 -43.92 -9.90
C ASN A 154 1.37 -43.72 -9.37
N SER A 155 0.39 -44.41 -9.97
CA SER A 155 -1.00 -44.43 -9.47
C SER A 155 -1.50 -45.87 -9.61
N VAL A 156 -1.17 -46.69 -8.61
CA VAL A 156 -1.51 -48.10 -8.65
C VAL A 156 -3.03 -48.27 -8.50
N LEU A 157 -3.56 -49.37 -9.05
CA LEU A 157 -4.95 -49.73 -8.82
C LEU A 157 -5.09 -50.36 -7.44
N PRO A 158 -6.16 -50.04 -6.71
CA PRO A 158 -6.32 -50.59 -5.35
C PRO A 158 -6.32 -52.11 -5.33
N ASN A 159 -6.06 -52.66 -4.15
CA ASN A 159 -6.10 -54.10 -3.94
C ASN A 159 -7.52 -54.66 -3.87
N GLU A 160 -8.53 -53.83 -4.15
CA GLU A 160 -9.93 -54.17 -3.99
C GLU A 160 -10.67 -54.37 -5.31
N LEU A 161 -10.60 -53.38 -6.22
CA LEU A 161 -11.37 -53.39 -7.46
C LEU A 161 -10.96 -54.47 -8.44
N VAL A 162 -9.77 -55.07 -8.28
CA VAL A 162 -9.15 -55.93 -9.29
C VAL A 162 -10.09 -57.07 -9.69
N GLN A 163 -10.04 -57.45 -10.98
CA GLN A 163 -10.83 -58.57 -11.48
C GLN A 163 -10.01 -59.48 -12.39
N THR A 164 -8.71 -59.26 -12.47
CA THR A 164 -7.77 -60.13 -13.19
C THR A 164 -6.37 -59.76 -12.72
N LYS A 165 -5.63 -60.75 -12.23
CA LYS A 165 -4.30 -60.49 -11.69
C LYS A 165 -3.26 -60.37 -12.78
N SER A 166 -2.19 -59.63 -12.49
CA SER A 166 -1.02 -59.64 -13.34
C SER A 166 -0.31 -60.99 -13.22
N LEU A 167 0.26 -61.45 -14.33
CA LEU A 167 0.86 -62.77 -14.39
C LEU A 167 2.37 -62.77 -14.23
N ILE A 168 3.01 -61.60 -14.30
CA ILE A 168 4.40 -61.46 -13.89
C ILE A 168 4.57 -60.06 -13.32
N SER A 169 5.56 -59.90 -12.45
CA SER A 169 5.78 -58.63 -11.78
C SER A 169 6.37 -57.62 -12.78
N LYS A 170 6.70 -56.43 -12.29
CA LYS A 170 7.24 -55.37 -13.14
C LYS A 170 8.70 -55.59 -13.50
N SER A 171 9.36 -56.59 -12.91
CA SER A 171 10.75 -56.91 -13.23
C SER A 171 10.82 -57.93 -14.36
N ASP A 203 5.57 -45.75 -23.36
CA ASP A 203 5.33 -45.17 -22.05
C ASP A 203 3.97 -45.62 -21.51
N ALA A 204 3.43 -44.94 -20.50
CA ALA A 204 2.19 -45.37 -19.88
C ALA A 204 1.06 -44.34 -19.86
N GLN A 205 1.35 -43.07 -20.13
CA GLN A 205 0.27 -42.07 -20.09
C GLN A 205 -0.69 -42.32 -21.24
N PHE A 206 -1.99 -42.12 -20.98
CA PHE A 206 -3.00 -42.53 -21.93
C PHE A 206 -2.96 -41.69 -23.21
N HIS A 207 -3.24 -40.39 -23.09
CA HIS A 207 -3.35 -39.57 -24.29
C HIS A 207 -2.04 -39.52 -25.06
N ASP A 208 -0.91 -39.78 -24.38
CA ASP A 208 0.35 -39.98 -25.09
C ASP A 208 0.37 -41.32 -25.80
N GLN A 209 -0.17 -42.36 -25.17
CA GLN A 209 -0.12 -43.70 -25.77
C GLN A 209 -1.15 -43.86 -26.88
N LEU A 210 -2.40 -43.47 -26.62
CA LEU A 210 -3.43 -43.57 -27.65
C LEU A 210 -3.03 -42.83 -28.91
N LYS A 211 -2.40 -41.67 -28.75
CA LYS A 211 -1.95 -40.86 -29.88
C LYS A 211 -0.90 -41.58 -30.71
N ALA A 212 -0.20 -42.56 -30.13
CA ALA A 212 0.89 -43.21 -30.84
C ALA A 212 0.37 -44.25 -31.84
N ARG A 213 -0.58 -45.09 -31.43
CA ARG A 213 -1.10 -46.13 -32.31
C ARG A 213 -2.10 -45.60 -33.34
N LEU A 214 -2.37 -44.30 -33.35
CA LEU A 214 -3.14 -43.66 -34.41
C LEU A 214 -2.25 -42.83 -35.33
N LEU A 215 -0.95 -43.11 -35.36
CA LEU A 215 -0.07 -42.40 -36.28
C LEU A 215 0.07 -43.09 -37.63
N GLU A 216 0.07 -44.43 -37.67
CA GLU A 216 0.06 -45.10 -38.96
C GLU A 216 -1.29 -44.94 -39.65
N HIS A 217 -2.30 -44.47 -38.91
CA HIS A 217 -3.64 -44.19 -39.44
C HIS A 217 -3.83 -42.68 -39.24
N THR A 218 -3.47 -41.90 -40.24
CA THR A 218 -3.52 -40.44 -40.17
C THR A 218 -4.93 -39.97 -39.84
N ILE A 219 -5.38 -40.25 -38.63
CA ILE A 219 -6.72 -39.92 -38.16
C ILE A 219 -6.58 -38.92 -37.02
N PRO A 220 -7.22 -37.75 -37.10
CA PRO A 220 -7.05 -36.73 -36.05
C PRO A 220 -7.94 -36.99 -34.83
N THR A 221 -7.36 -36.87 -33.63
CA THR A 221 -8.07 -37.15 -32.40
C THR A 221 -7.89 -36.02 -31.38
N GLN A 222 -8.92 -35.84 -30.56
CA GLN A 222 -8.92 -34.89 -29.44
C GLN A 222 -9.50 -35.58 -28.23
N ILE A 223 -8.75 -35.61 -27.12
CA ILE A 223 -9.13 -36.33 -25.91
C ILE A 223 -9.56 -35.33 -24.83
N LEU A 224 -10.77 -35.49 -24.33
CA LEU A 224 -11.32 -34.67 -23.25
C LEU A 224 -11.92 -35.57 -22.17
N ARG A 225 -11.72 -35.18 -20.92
CA ARG A 225 -12.28 -35.92 -19.81
C ARG A 225 -13.67 -35.39 -19.48
N GLU A 226 -14.46 -36.22 -18.81
CA GLU A 226 -15.75 -35.76 -18.32
C GLU A 226 -15.60 -34.68 -17.25
N SER A 227 -14.45 -34.65 -16.57
CA SER A 227 -14.18 -33.64 -15.55
C SER A 227 -14.09 -32.23 -16.10
N THR A 228 -13.88 -32.07 -17.41
CA THR A 228 -13.69 -30.74 -17.99
C THR A 228 -15.00 -30.12 -18.43
N LEU A 229 -15.75 -30.83 -19.28
CA LEU A 229 -16.99 -30.28 -19.83
C LEU A 229 -18.07 -30.20 -18.75
N ALA A 230 -18.17 -31.23 -17.90
CA ALA A 230 -19.18 -31.26 -16.85
C ALA A 230 -18.48 -31.29 -15.49
N TRP A 231 -18.04 -30.12 -15.05
CA TRP A 231 -17.46 -29.94 -13.73
C TRP A 231 -18.51 -29.66 -12.68
N ARG A 232 -19.75 -29.36 -13.11
CA ARG A 232 -20.82 -29.09 -12.17
C ARG A 232 -21.29 -30.36 -11.46
N ASP A 233 -21.22 -31.52 -12.12
CA ASP A 233 -21.73 -32.75 -11.53
C ASP A 233 -20.78 -33.36 -10.52
N PHE A 234 -19.50 -33.49 -10.87
CA PHE A 234 -18.54 -34.18 -10.00
C PHE A 234 -18.04 -33.23 -8.92
N LYS A 235 -18.48 -33.45 -7.69
CA LYS A 235 -18.14 -32.64 -6.53
C LYS A 235 -17.36 -33.48 -5.52
N ASN A 236 -16.85 -32.80 -4.50
CA ASN A 236 -16.18 -33.47 -3.39
C ASN A 236 -17.20 -33.73 -2.27
N THR A 237 -16.72 -33.82 -1.03
CA THR A 237 -17.62 -34.00 0.11
C THR A 237 -18.31 -32.70 0.50
N PHE A 238 -17.67 -31.55 0.26
CA PHE A 238 -18.18 -30.28 0.75
C PHE A 238 -19.25 -29.67 -0.14
N GLY A 239 -19.64 -30.34 -1.23
CA GLY A 239 -20.69 -29.82 -2.08
C GLY A 239 -20.23 -28.80 -3.10
N ALA A 240 -18.91 -28.54 -3.20
CA ALA A 240 -18.18 -27.64 -4.08
C ALA A 240 -17.59 -28.40 -5.26
N PRO A 241 -17.51 -27.78 -6.43
CA PRO A 241 -16.93 -28.46 -7.60
C PRO A 241 -15.47 -28.83 -7.35
N ILE A 242 -15.07 -29.97 -7.92
CA ILE A 242 -13.70 -30.43 -7.72
C ILE A 242 -12.71 -29.53 -8.46
N ARG A 243 -13.10 -29.01 -9.63
CA ARG A 243 -12.27 -28.07 -10.38
C ARG A 243 -13.05 -26.78 -10.57
N ASP A 244 -12.53 -25.68 -10.01
CA ASP A 244 -13.20 -24.38 -9.99
C ASP A 244 -13.01 -23.70 -11.34
N PHE A 245 -14.04 -23.78 -12.20
CA PHE A 245 -14.01 -23.08 -13.48
C PHE A 245 -14.96 -21.89 -13.52
N SER A 246 -15.70 -21.62 -12.43
CA SER A 246 -16.75 -20.61 -12.45
C SER A 246 -16.25 -19.27 -12.95
N LYS A 247 -15.01 -18.92 -12.60
CA LYS A 247 -14.44 -17.64 -13.00
C LYS A 247 -13.94 -17.66 -14.44
N ILE A 248 -13.62 -18.84 -14.98
CA ILE A 248 -12.90 -18.96 -16.23
C ILE A 248 -13.70 -19.73 -17.29
N GLU A 249 -15.02 -19.80 -17.14
CA GLU A 249 -15.82 -20.63 -18.04
C GLU A 249 -15.77 -20.13 -19.48
N GLY A 250 -15.60 -18.82 -19.68
CA GLY A 250 -15.55 -18.30 -21.04
C GLY A 250 -14.27 -18.66 -21.77
N HIS A 251 -13.12 -18.48 -21.11
CA HIS A 251 -11.84 -18.76 -21.77
C HIS A 251 -11.74 -20.21 -22.21
N LEU A 252 -12.39 -21.12 -21.50
CA LEU A 252 -12.40 -22.53 -21.91
C LEU A 252 -13.01 -22.70 -23.30
N ALA A 253 -14.08 -21.97 -23.59
CA ALA A 253 -14.65 -21.99 -24.92
C ALA A 253 -13.65 -21.52 -25.97
N TRP A 254 -12.70 -20.68 -25.57
CA TRP A 254 -11.66 -20.27 -26.50
C TRP A 254 -10.69 -21.41 -26.79
N THR A 255 -10.19 -22.06 -25.74
CA THR A 255 -9.16 -23.09 -25.91
C THR A 255 -9.69 -24.30 -26.68
N ILE A 256 -10.88 -24.80 -26.30
CA ILE A 256 -11.39 -26.02 -26.92
C ILE A 256 -11.85 -25.75 -28.35
N SER A 257 -12.78 -24.82 -28.53
CA SER A 257 -13.41 -24.63 -29.83
C SER A 257 -12.48 -24.03 -30.88
N THR A 258 -11.30 -23.53 -30.49
CA THR A 258 -10.30 -23.13 -31.47
C THR A 258 -9.48 -24.32 -31.95
N ALA A 259 -8.95 -25.10 -30.99
CA ALA A 259 -8.14 -26.27 -31.36
C ALA A 259 -8.96 -27.32 -32.10
N ALA A 260 -10.27 -27.38 -31.85
CA ALA A 260 -11.12 -28.33 -32.56
C ALA A 260 -11.28 -27.96 -34.03
N TYR A 261 -11.47 -26.67 -34.33
CA TYR A 261 -11.63 -26.23 -35.71
C TYR A 261 -10.39 -26.52 -36.55
N TYR A 262 -9.22 -26.53 -35.92
CA TYR A 262 -7.97 -26.72 -36.67
C TYR A 262 -7.85 -28.14 -37.19
N LYS A 263 -8.01 -29.14 -36.30
CA LYS A 263 -7.83 -30.53 -36.70
C LYS A 263 -8.80 -30.93 -37.80
N ALA A 264 -9.87 -30.16 -38.01
CA ALA A 264 -10.78 -30.42 -39.12
C ALA A 264 -10.19 -30.01 -40.46
N GLY A 265 -9.16 -29.17 -40.48
CA GLY A 265 -8.47 -28.88 -41.72
C GLY A 265 -8.24 -27.42 -42.04
N GLY A 266 -8.67 -26.51 -41.17
CA GLY A 266 -8.57 -25.08 -41.41
C GLY A 266 -7.62 -24.41 -40.43
N LYS A 267 -6.62 -23.70 -40.98
CA LYS A 267 -5.69 -22.94 -40.16
C LYS A 267 -6.24 -21.55 -39.92
N PRO A 268 -6.54 -21.19 -38.66
CA PRO A 268 -7.22 -19.91 -38.40
C PRO A 268 -6.40 -18.68 -38.75
N TRP A 269 -5.08 -18.73 -38.61
CA TRP A 269 -4.30 -17.52 -38.86
C TRP A 269 -2.87 -17.88 -39.24
N LYS A 270 -2.37 -17.18 -40.25
CA LYS A 270 -0.94 -17.12 -40.50
C LYS A 270 -0.32 -16.05 -39.59
N LEU A 271 0.98 -15.90 -39.70
CA LEU A 271 1.66 -14.74 -39.16
C LEU A 271 1.61 -13.62 -40.19
N GLY A 272 1.53 -12.39 -39.71
CA GLY A 272 1.11 -11.30 -40.58
C GLY A 272 2.18 -10.88 -41.56
N ASP A 273 3.38 -10.59 -41.06
CA ASP A 273 4.44 -9.98 -41.86
C ASP A 273 5.71 -10.82 -41.75
N ILE A 274 6.24 -11.25 -42.89
CA ILE A 274 7.36 -12.19 -42.90
C ILE A 274 8.12 -12.03 -44.21
N ARG A 275 9.45 -12.16 -44.14
CA ARG A 275 10.24 -12.34 -45.34
C ARG A 275 10.08 -13.77 -45.81
N PRO A 276 9.48 -14.01 -46.97
CA PRO A 276 9.12 -15.38 -47.33
C PRO A 276 10.35 -16.22 -47.62
N GLY A 277 10.14 -17.53 -47.66
CA GLY A 277 11.25 -18.43 -47.90
C GLY A 277 12.18 -18.59 -46.70
N VAL A 278 11.63 -18.77 -45.51
CA VAL A 278 12.42 -18.96 -44.30
C VAL A 278 11.91 -20.21 -43.60
N CYS A 279 12.84 -20.96 -42.98
CA CYS A 279 12.51 -22.23 -42.35
C CYS A 279 12.96 -22.26 -40.90
N TYR A 280 12.14 -22.88 -40.05
CA TYR A 280 12.43 -23.07 -38.63
C TYR A 280 12.28 -24.53 -38.27
N LEU A 281 13.37 -25.13 -37.79
CA LEU A 281 13.44 -26.55 -37.47
C LEU A 281 13.61 -26.71 -35.97
N GLY A 282 12.74 -27.50 -35.36
CA GLY A 282 12.76 -27.68 -33.91
C GLY A 282 13.25 -29.07 -33.52
N LEU A 283 14.32 -29.12 -32.75
CA LEU A 283 14.98 -30.39 -32.46
C LEU A 283 14.39 -31.04 -31.22
N VAL A 284 14.32 -32.37 -31.24
CA VAL A 284 13.76 -33.15 -30.12
C VAL A 284 14.55 -34.44 -29.98
N TYR A 285 15.06 -34.70 -28.78
CA TYR A 285 15.53 -36.01 -28.35
C TYR A 285 14.65 -36.46 -27.20
N LYS A 286 14.81 -37.72 -26.80
CA LYS A 286 14.22 -38.18 -25.54
C LYS A 286 14.91 -39.46 -25.10
N LYS A 287 15.48 -39.45 -23.90
CA LYS A 287 16.20 -40.63 -23.43
C LYS A 287 15.21 -41.74 -23.14
N ILE A 288 15.56 -42.95 -23.56
CA ILE A 288 14.74 -44.13 -23.28
C ILE A 288 15.22 -44.74 -21.98
N GLU A 289 14.40 -44.63 -20.93
CA GLU A 289 14.78 -45.15 -19.62
C GLU A 289 14.76 -46.66 -19.57
N LYS A 290 14.06 -47.30 -20.50
CA LYS A 290 13.86 -48.75 -20.47
C LYS A 290 15.05 -49.52 -21.02
N SER A 291 15.93 -48.87 -21.78
CA SER A 291 17.10 -49.50 -22.40
C SER A 291 18.29 -49.57 -21.45
N LYS A 292 19.15 -50.57 -21.70
CA LYS A 292 20.34 -50.77 -20.89
C LYS A 292 21.40 -49.70 -21.13
N ASN A 293 21.49 -49.17 -22.35
CA ASN A 293 22.44 -48.16 -22.74
C ASN A 293 21.92 -46.77 -22.37
N PRO A 294 22.76 -45.89 -21.77
CA PRO A 294 22.26 -44.57 -21.40
C PRO A 294 22.42 -43.57 -22.53
N GLN A 295 22.40 -44.06 -23.77
CA GLN A 295 22.50 -43.21 -24.96
C GLN A 295 21.34 -43.36 -25.92
N ASN A 296 20.59 -44.46 -25.87
CA ASN A 296 19.49 -44.68 -26.81
C ASN A 296 18.38 -43.66 -26.60
N ALA A 297 17.99 -43.00 -27.69
CA ALA A 297 16.93 -42.00 -27.65
C ALA A 297 16.22 -41.97 -29.00
N CYS A 298 14.95 -41.56 -28.97
CA CYS A 298 14.15 -41.48 -30.19
C CYS A 298 14.10 -40.01 -30.59
N CYS A 299 14.75 -39.70 -31.70
CA CYS A 299 14.91 -38.33 -32.15
C CYS A 299 13.72 -37.88 -32.98
N ALA A 300 13.43 -36.59 -32.93
CA ALA A 300 12.37 -35.99 -33.73
C ALA A 300 12.79 -34.59 -34.15
N ALA A 301 12.34 -34.21 -35.34
CA ALA A 301 12.64 -32.91 -35.93
C ALA A 301 11.36 -32.31 -36.45
N GLN A 302 10.94 -31.20 -35.86
CA GLN A 302 9.70 -30.54 -36.22
C GLN A 302 10.02 -29.25 -36.96
N MET A 303 9.41 -29.09 -38.13
CA MET A 303 9.63 -27.93 -38.98
C MET A 303 8.42 -27.02 -38.91
N PHE A 304 8.66 -25.73 -38.76
CA PHE A 304 7.58 -24.77 -38.93
C PHE A 304 7.89 -23.76 -40.02
N LEU A 305 6.83 -23.35 -40.72
CA LEU A 305 6.85 -22.23 -41.64
C LEU A 305 5.87 -21.20 -41.09
N ASP A 306 5.45 -20.26 -41.92
CA ASP A 306 4.53 -19.22 -41.49
C ASP A 306 3.28 -19.75 -40.79
N ASN A 307 2.77 -20.91 -41.18
CA ASN A 307 1.44 -21.32 -40.73
C ASN A 307 1.44 -22.03 -39.37
N GLY A 308 2.45 -22.85 -39.08
CA GLY A 308 2.47 -23.62 -37.85
C GLY A 308 1.63 -24.88 -37.86
N ASP A 309 0.78 -25.09 -38.87
CA ASP A 309 0.38 -26.45 -39.20
C ASP A 309 1.60 -27.36 -39.26
N GLY A 310 2.63 -26.94 -39.99
CA GLY A 310 3.92 -27.58 -39.98
C GLY A 310 3.93 -29.03 -40.41
N THR A 311 5.11 -29.62 -40.27
CA THR A 311 5.34 -31.03 -40.57
C THR A 311 6.41 -31.54 -39.62
N VAL A 312 6.29 -32.79 -39.22
CA VAL A 312 7.20 -33.42 -38.28
C VAL A 312 7.85 -34.62 -38.96
N PHE A 313 9.17 -34.65 -38.99
CA PHE A 313 9.93 -35.71 -39.63
C PHE A 313 10.63 -36.52 -38.54
N LYS A 314 10.26 -37.79 -38.42
CA LYS A 314 10.81 -38.63 -37.37
C LYS A 314 12.23 -39.04 -37.69
N GLY A 315 13.14 -38.83 -36.75
CA GLY A 315 14.51 -39.28 -36.89
C GLY A 315 14.68 -40.65 -36.24
N GLU A 316 15.56 -41.45 -36.82
CA GLU A 316 15.73 -42.80 -36.35
C GLU A 316 16.50 -42.81 -35.02
N VAL A 317 16.49 -43.96 -34.37
CA VAL A 317 17.04 -44.15 -33.03
C VAL A 317 18.53 -44.44 -33.11
N GLY A 318 19.27 -43.83 -32.18
CA GLY A 318 20.68 -44.05 -32.07
C GLY A 318 21.23 -43.45 -30.78
N PRO A 319 22.52 -43.67 -30.51
CA PRO A 319 23.12 -43.13 -29.29
C PRO A 319 23.36 -41.62 -29.35
N TRP A 320 22.56 -40.85 -28.61
CA TRP A 320 22.72 -39.40 -28.57
C TRP A 320 23.05 -38.82 -27.21
N TYR A 321 22.70 -39.50 -26.12
CA TYR A 321 22.97 -38.99 -24.78
C TYR A 321 24.44 -39.19 -24.44
N ASN A 322 25.14 -38.10 -24.19
CA ASN A 322 26.51 -38.17 -23.69
C ASN A 322 26.46 -38.12 -22.17
N PRO A 323 26.47 -39.28 -21.49
CA PRO A 323 26.25 -39.26 -20.03
C PRO A 323 27.38 -38.62 -19.25
N GLU A 324 28.54 -38.47 -19.86
CA GLU A 324 29.67 -37.81 -19.18
C GLU A 324 29.45 -36.30 -19.14
N LYS A 325 29.24 -35.69 -20.31
CA LYS A 325 29.00 -34.25 -20.38
C LYS A 325 27.55 -33.88 -20.10
N GLY A 326 26.61 -34.80 -20.31
CA GLY A 326 25.22 -34.60 -19.97
C GLY A 326 24.33 -34.13 -21.10
N GLU A 327 24.90 -33.56 -22.17
CA GLU A 327 24.09 -33.00 -23.25
C GLU A 327 23.86 -34.03 -24.34
N TYR A 328 22.73 -33.89 -25.03
CA TYR A 328 22.45 -34.71 -26.20
C TYR A 328 23.13 -34.15 -27.44
N HIS A 329 23.57 -35.05 -28.31
CA HIS A 329 24.20 -34.66 -29.57
C HIS A 329 23.88 -35.75 -30.59
N LEU A 330 23.91 -35.37 -31.87
CA LEU A 330 23.57 -36.29 -32.95
C LEU A 330 24.84 -36.89 -33.54
N LYS A 331 24.65 -37.94 -34.35
CA LYS A 331 25.66 -38.63 -35.12
C LYS A 331 25.55 -38.23 -36.59
N PRO A 332 26.69 -37.98 -37.27
CA PRO A 332 26.65 -37.38 -38.62
C PRO A 332 25.82 -38.15 -39.64
N LYS A 333 25.44 -39.38 -39.31
CA LYS A 333 24.63 -40.18 -40.21
C LYS A 333 23.17 -39.73 -40.19
N GLU A 334 22.58 -39.59 -39.00
CA GLU A 334 21.15 -39.28 -38.89
C GLU A 334 20.83 -37.83 -39.21
N ALA A 335 21.79 -36.91 -39.06
CA ALA A 335 21.51 -35.51 -39.35
C ALA A 335 21.21 -35.27 -40.82
N LYS A 336 21.89 -35.99 -41.71
CA LYS A 336 21.64 -35.84 -43.13
C LYS A 336 20.35 -36.54 -43.55
N ALA A 337 20.12 -37.76 -43.03
CA ALA A 337 18.89 -38.48 -43.35
C ALA A 337 17.66 -37.77 -42.80
N LEU A 338 17.84 -36.83 -41.88
CA LEU A 338 16.75 -36.08 -41.28
C LEU A 338 16.53 -34.71 -41.90
N LEU A 339 17.61 -33.96 -42.16
CA LEU A 339 17.46 -32.66 -42.82
C LEU A 339 16.91 -32.82 -44.23
N THR A 340 17.43 -33.78 -45.00
CA THR A 340 17.00 -33.96 -46.38
C THR A 340 15.56 -34.45 -46.43
N GLN A 341 15.23 -35.50 -45.67
CA GLN A 341 13.85 -35.96 -45.58
C GLN A 341 12.92 -34.84 -45.13
N ALA A 342 13.47 -33.85 -44.41
CA ALA A 342 12.75 -32.64 -44.04
C ALA A 342 12.80 -31.56 -45.11
N LEU A 343 13.98 -31.26 -45.63
CA LEU A 343 14.14 -30.11 -46.52
C LEU A 343 13.54 -30.38 -47.90
N GLU A 344 13.67 -31.61 -48.40
CA GLU A 344 13.10 -31.93 -49.70
C GLU A 344 11.58 -31.82 -49.69
N SER A 345 10.95 -32.12 -48.56
CA SER A 345 9.52 -31.88 -48.43
C SER A 345 9.18 -30.39 -48.52
N TYR A 346 10.14 -29.51 -48.20
CA TYR A 346 9.94 -28.09 -48.47
C TYR A 346 10.08 -27.80 -49.96
N LYS A 347 10.98 -28.51 -50.64
CA LYS A 347 11.08 -28.37 -52.09
C LYS A 347 9.78 -28.76 -52.78
N GLU A 348 8.94 -29.55 -52.12
CA GLU A 348 7.60 -29.85 -52.62
C GLU A 348 6.52 -28.92 -52.04
N GLN A 349 6.71 -28.41 -50.83
CA GLN A 349 5.73 -27.51 -50.24
C GLN A 349 5.72 -26.16 -50.96
N ASN A 350 6.89 -25.52 -51.08
CA ASN A 350 7.08 -24.42 -52.00
C ASN A 350 7.96 -24.94 -53.12
N LYS A 351 7.88 -24.31 -54.28
CA LYS A 351 8.50 -24.92 -55.46
C LYS A 351 10.03 -24.94 -55.40
N SER A 352 10.66 -24.32 -54.41
CA SER A 352 12.10 -24.10 -54.43
C SER A 352 12.72 -24.52 -53.10
N TYR A 353 14.04 -24.38 -53.01
CA TYR A 353 14.78 -24.59 -51.78
C TYR A 353 14.68 -23.38 -50.86
N PRO A 354 14.88 -23.58 -49.55
CA PRO A 354 14.83 -22.45 -48.60
C PRO A 354 16.08 -21.59 -48.66
N LYS A 355 15.90 -20.30 -48.39
CA LYS A 355 17.01 -19.36 -48.36
C LYS A 355 17.64 -19.24 -46.97
N GLU A 356 16.82 -19.19 -45.93
CA GLU A 356 17.34 -19.16 -44.57
C GLU A 356 16.68 -20.25 -43.74
N VAL A 357 17.49 -20.91 -42.92
CA VAL A 357 17.03 -21.98 -42.02
C VAL A 357 17.59 -21.69 -40.65
N PHE A 358 16.72 -21.65 -39.64
CA PHE A 358 17.11 -21.46 -38.25
C PHE A 358 16.72 -22.71 -37.48
N ILE A 359 17.68 -23.25 -36.73
CA ILE A 359 17.51 -24.51 -36.03
C ILE A 359 17.44 -24.24 -34.53
N HIS A 360 16.29 -24.49 -33.93
CA HIS A 360 16.09 -24.26 -32.51
C HIS A 360 16.31 -25.57 -31.75
N ALA A 361 16.87 -25.46 -30.55
CA ALA A 361 17.21 -26.63 -29.74
C ALA A 361 17.51 -26.17 -28.33
N ARG A 362 17.70 -27.15 -27.44
CA ARG A 362 17.90 -26.94 -26.02
C ARG A 362 19.38 -26.86 -25.63
N THR A 363 20.22 -27.65 -26.27
CA THR A 363 21.64 -27.74 -25.97
C THR A 363 22.49 -26.96 -26.96
N ARG A 364 23.71 -26.63 -26.55
CA ARG A 364 24.66 -26.04 -27.48
C ARG A 364 25.14 -27.08 -28.47
N PHE A 365 25.54 -26.62 -29.65
CA PHE A 365 26.03 -27.50 -30.72
C PHE A 365 27.55 -27.62 -30.65
N ASN A 366 28.06 -28.85 -30.72
CA ASN A 366 29.48 -29.08 -30.91
C ASN A 366 29.80 -29.08 -32.42
N ASP A 367 31.07 -29.29 -32.76
CA ASP A 367 31.51 -29.09 -34.14
C ASP A 367 31.22 -30.28 -35.05
N GLU A 368 31.26 -31.51 -34.53
CA GLU A 368 31.09 -32.68 -35.38
C GLU A 368 29.69 -32.77 -35.95
N GLU A 369 28.71 -32.15 -35.30
CA GLU A 369 27.33 -32.22 -35.77
C GLU A 369 27.06 -31.21 -36.88
N TRP A 370 27.66 -30.02 -36.80
CA TRP A 370 27.30 -28.97 -37.74
C TRP A 370 27.83 -29.23 -39.14
N ASN A 371 29.00 -29.86 -39.28
CA ASN A 371 29.47 -30.24 -40.61
C ASN A 371 28.52 -31.23 -41.27
N ALA A 372 27.73 -31.98 -40.50
CA ALA A 372 26.69 -32.82 -41.10
C ALA A 372 25.58 -31.98 -41.71
N PHE A 373 25.28 -30.83 -41.13
CA PHE A 373 24.24 -29.97 -41.68
C PHE A 373 24.76 -29.13 -42.84
N ASN A 374 25.92 -28.49 -42.66
CA ASN A 374 26.49 -27.67 -43.72
C ASN A 374 26.73 -28.47 -45.01
N GLU A 375 27.01 -29.77 -44.89
CA GLU A 375 27.30 -30.57 -46.07
C GLU A 375 26.07 -30.74 -46.98
N VAL A 376 24.89 -30.92 -46.39
CA VAL A 376 23.68 -31.10 -47.19
C VAL A 376 23.02 -29.78 -47.57
N THR A 377 23.30 -28.71 -46.83
CA THR A 377 22.65 -27.43 -47.09
C THR A 377 23.14 -26.85 -48.43
N PRO A 378 22.23 -26.33 -49.25
CA PRO A 378 22.66 -25.67 -50.48
C PRO A 378 23.67 -24.57 -50.21
N LYS A 379 24.53 -24.31 -51.19
CA LYS A 379 25.53 -23.26 -51.04
C LYS A 379 24.87 -21.89 -50.90
N ASN A 380 23.67 -21.72 -51.43
CA ASN A 380 22.97 -20.45 -51.28
C ASN A 380 22.48 -20.24 -49.86
N THR A 381 21.91 -21.28 -49.25
CA THR A 381 21.17 -21.18 -48.00
C THR A 381 22.08 -20.98 -46.79
N ASN A 382 21.96 -19.82 -46.14
CA ASN A 382 22.61 -19.57 -44.86
C ASN A 382 21.94 -20.38 -43.75
N LEU A 383 22.73 -20.91 -42.83
CA LEU A 383 22.23 -21.81 -41.80
C LEU A 383 22.79 -21.43 -40.44
N VAL A 384 21.90 -21.33 -39.43
CA VAL A 384 22.25 -20.86 -38.10
C VAL A 384 21.51 -21.68 -37.05
N GLY A 385 22.21 -22.04 -35.98
CA GLY A 385 21.61 -22.77 -34.86
C GLY A 385 21.52 -21.90 -33.62
N VAL A 386 20.41 -22.02 -32.90
CA VAL A 386 20.05 -21.10 -31.81
C VAL A 386 19.76 -21.91 -30.56
N THR A 387 20.30 -21.46 -29.42
CA THR A 387 20.10 -22.12 -28.12
C THR A 387 19.11 -21.30 -27.30
N ILE A 388 17.91 -21.85 -27.08
CA ILE A 388 16.89 -21.22 -26.26
C ILE A 388 16.85 -21.99 -24.94
N THR A 389 17.33 -21.38 -23.86
CA THR A 389 17.31 -22.02 -22.56
C THR A 389 16.45 -21.24 -21.58
N LYS A 390 15.61 -21.96 -20.85
CA LYS A 390 14.88 -21.35 -19.74
C LYS A 390 15.80 -21.54 -18.55
N SER A 391 16.71 -20.60 -18.37
CA SER A 391 17.71 -20.65 -17.34
C SER A 391 17.24 -19.70 -16.24
N LYS A 392 18.05 -19.54 -15.21
CA LYS A 392 17.61 -18.69 -14.13
C LYS A 392 18.48 -17.43 -14.03
N PRO A 393 18.86 -16.82 -15.18
CA PRO A 393 19.91 -15.81 -15.15
C PRO A 393 19.53 -14.47 -14.54
N LEU A 394 18.38 -13.91 -14.91
CA LEU A 394 18.01 -12.59 -14.42
C LEU A 394 16.51 -12.48 -14.20
N LYS A 395 16.14 -11.79 -13.14
CA LYS A 395 14.84 -11.16 -13.03
C LYS A 395 15.05 -9.66 -13.22
N LEU A 396 14.02 -8.96 -13.65
CA LEU A 396 14.10 -7.50 -13.76
C LEU A 396 12.97 -6.86 -12.97
N TYR A 397 13.34 -6.29 -11.83
CA TYR A 397 12.40 -5.63 -10.95
C TYR A 397 12.24 -4.19 -11.41
N LYS A 398 11.03 -3.82 -11.83
CA LYS A 398 10.76 -2.43 -12.18
C LYS A 398 10.93 -1.56 -10.95
N THR A 399 11.55 -0.40 -11.14
CA THR A 399 11.94 0.43 -10.01
C THR A 399 10.79 1.22 -9.40
N GLU A 400 9.64 1.30 -10.08
CA GLU A 400 8.48 2.01 -9.54
C GLU A 400 7.21 1.23 -9.81
N GLY A 401 6.44 0.95 -8.77
CA GLY A 401 5.14 0.36 -8.95
C GLY A 401 5.15 -1.16 -8.82
N ALA A 402 3.97 -1.71 -8.60
CA ALA A 402 3.78 -3.13 -8.37
C ALA A 402 3.71 -3.94 -9.66
N PHE A 403 3.89 -3.31 -10.81
CA PHE A 403 3.75 -4.11 -12.02
C PHE A 403 5.12 -4.37 -12.62
N PRO A 404 5.36 -5.55 -13.18
CA PRO A 404 6.69 -5.89 -13.68
C PRO A 404 6.90 -5.27 -15.05
N ILE A 405 8.09 -5.50 -15.60
CA ILE A 405 8.40 -4.88 -16.89
C ILE A 405 7.53 -5.51 -17.98
N MET A 406 7.33 -4.76 -19.06
CA MET A 406 6.43 -5.19 -20.11
C MET A 406 7.14 -6.08 -21.10
N ARG A 407 6.40 -7.08 -21.61
CA ARG A 407 6.94 -8.05 -22.55
C ARG A 407 7.47 -7.35 -23.79
N GLY A 408 8.69 -7.67 -24.17
CA GLY A 408 9.28 -7.08 -25.35
C GLY A 408 10.65 -6.49 -25.09
N ASN A 409 10.94 -6.14 -23.85
CA ASN A 409 12.30 -5.72 -23.52
C ASN A 409 13.26 -6.87 -23.72
N ALA A 410 14.50 -6.54 -24.06
CA ALA A 410 15.47 -7.57 -24.40
C ALA A 410 16.87 -7.00 -24.22
N TYR A 411 17.64 -7.61 -23.32
CA TYR A 411 19.04 -7.23 -23.16
C TYR A 411 19.86 -7.90 -24.26
N ILE A 412 20.59 -7.09 -25.03
CA ILE A 412 21.58 -7.61 -25.97
C ILE A 412 22.94 -7.45 -25.31
N VAL A 413 23.55 -8.57 -24.91
CA VAL A 413 24.86 -8.53 -24.28
C VAL A 413 25.96 -8.44 -25.33
N ASP A 414 26.00 -9.39 -26.24
CA ASP A 414 26.92 -9.37 -27.36
C ASP A 414 26.13 -9.66 -28.64
N GLU A 415 26.85 -9.66 -29.78
CA GLU A 415 26.19 -9.74 -31.08
C GLU A 415 25.71 -11.14 -31.42
N LYS A 416 25.87 -12.11 -30.52
CA LYS A 416 25.34 -13.45 -30.74
C LYS A 416 24.55 -14.01 -29.56
N LYS A 417 24.50 -13.32 -28.41
CA LYS A 417 23.74 -13.76 -27.25
C LYS A 417 22.87 -12.62 -26.75
N ALA A 418 21.66 -12.94 -26.30
CA ALA A 418 20.74 -11.89 -25.90
C ALA A 418 19.66 -12.45 -24.98
N PHE A 419 19.19 -11.59 -24.08
CA PHE A 419 18.07 -11.88 -23.19
C PHE A 419 16.77 -11.36 -23.77
N LEU A 420 15.70 -12.15 -23.64
CA LEU A 420 14.39 -11.76 -24.14
C LEU A 420 13.32 -12.03 -23.08
N TRP A 421 12.47 -11.02 -22.84
CA TRP A 421 11.36 -11.14 -21.91
C TRP A 421 10.15 -11.58 -22.70
N THR A 422 9.84 -12.87 -22.67
CA THR A 422 8.59 -13.37 -23.22
C THR A 422 7.46 -13.24 -22.23
N LEU A 423 7.77 -13.18 -20.94
CA LEU A 423 6.79 -13.04 -19.87
C LEU A 423 6.86 -11.63 -19.32
N GLY A 424 6.03 -11.37 -18.31
CA GLY A 424 5.93 -10.05 -17.72
C GLY A 424 4.59 -9.41 -17.99
N PHE A 425 4.59 -8.10 -18.21
CA PHE A 425 3.36 -7.35 -18.41
C PHE A 425 3.01 -7.27 -19.89
N VAL A 426 1.72 -7.22 -20.17
CA VAL A 426 1.18 -7.07 -21.52
C VAL A 426 0.31 -5.81 -21.52
N PRO A 427 0.61 -4.82 -22.35
CA PRO A 427 -0.09 -3.53 -22.22
C PRO A 427 -1.56 -3.58 -22.61
N LYS A 428 -1.92 -4.32 -23.66
CA LYS A 428 -3.32 -4.41 -24.05
C LYS A 428 -4.15 -5.12 -22.98
N LEU A 429 -3.60 -6.16 -22.36
CA LEU A 429 -4.37 -6.99 -21.43
C LEU A 429 -4.50 -6.36 -20.05
N GLN A 430 -3.57 -5.50 -19.66
CA GLN A 430 -3.53 -4.90 -18.33
C GLN A 430 -3.39 -5.95 -17.23
N SER A 431 -2.89 -7.13 -17.58
CA SER A 431 -2.50 -8.14 -16.60
C SER A 431 -1.21 -8.81 -17.06
N THR A 432 -0.46 -9.33 -16.10
CA THR A 432 0.79 -10.03 -16.40
C THR A 432 0.47 -11.47 -16.82
N LEU A 433 1.48 -12.11 -17.42
CA LEU A 433 1.36 -13.53 -17.77
C LEU A 433 2.03 -14.43 -16.76
N SER A 434 3.00 -13.92 -15.99
CA SER A 434 3.61 -14.64 -14.90
C SER A 434 3.19 -14.01 -13.58
N MET A 435 2.86 -14.85 -12.62
CA MET A 435 2.26 -14.40 -11.37
C MET A 435 3.28 -13.86 -10.39
N GLU A 436 4.50 -13.63 -10.86
CA GLU A 436 5.55 -12.95 -10.11
C GLU A 436 6.42 -12.19 -11.10
N VAL A 437 7.56 -11.67 -10.62
CA VAL A 437 8.56 -11.07 -11.49
C VAL A 437 8.93 -12.08 -12.56
N PRO A 438 8.82 -11.73 -13.85
CA PRO A 438 8.98 -12.73 -14.90
C PRO A 438 10.43 -13.17 -15.06
N ASN A 439 10.59 -14.27 -15.79
CA ASN A 439 11.90 -14.85 -16.06
C ASN A 439 12.12 -14.85 -17.57
N PRO A 440 13.13 -14.17 -18.09
CA PRO A 440 13.39 -14.21 -19.53
C PRO A 440 14.01 -15.53 -19.93
N ILE A 441 14.03 -15.75 -21.23
CA ILE A 441 14.67 -16.92 -21.82
C ILE A 441 15.97 -16.46 -22.48
N PHE A 442 16.96 -17.33 -22.46
CA PHE A 442 18.30 -17.00 -22.94
C PHE A 442 18.48 -17.57 -24.34
N ILE A 443 18.81 -16.69 -25.28
CA ILE A 443 18.94 -17.03 -26.68
C ILE A 443 20.38 -16.79 -27.10
N GLU A 444 21.08 -17.86 -27.46
CA GLU A 444 22.46 -17.78 -27.88
C GLU A 444 22.60 -18.35 -29.29
N ILE A 445 23.17 -17.56 -30.20
CA ILE A 445 23.52 -18.05 -31.53
C ILE A 445 24.81 -18.83 -31.43
N ASN A 446 24.70 -20.14 -31.19
CA ASN A 446 25.88 -20.97 -30.94
C ASN A 446 26.66 -21.22 -32.23
N LYS A 447 25.96 -21.40 -33.35
CA LYS A 447 26.59 -21.72 -34.62
C LYS A 447 25.99 -20.87 -35.73
N GLY A 448 26.84 -20.52 -36.69
CA GLY A 448 26.46 -19.59 -37.73
C GLY A 448 26.82 -18.17 -37.35
N GLU A 449 26.28 -17.23 -38.11
CA GLU A 449 26.39 -15.82 -37.75
C GLU A 449 25.22 -15.08 -38.38
N ALA A 450 24.50 -14.33 -37.56
CA ALA A 450 23.31 -13.65 -38.01
C ALA A 450 23.06 -12.43 -37.14
N GLU A 451 22.36 -11.46 -37.72
CA GLU A 451 21.88 -10.29 -37.00
C GLU A 451 20.97 -10.74 -35.87
N ILE A 452 21.39 -10.55 -34.61
CA ILE A 452 20.65 -11.12 -33.48
C ILE A 452 19.28 -10.49 -33.34
N GLN A 453 19.16 -9.19 -33.61
CA GLN A 453 17.89 -8.50 -33.43
C GLN A 453 16.84 -9.00 -34.40
N GLN A 454 17.26 -9.68 -35.47
CA GLN A 454 16.32 -10.24 -36.41
C GLN A 454 15.81 -11.59 -35.95
N VAL A 455 16.62 -12.34 -35.21
CA VAL A 455 16.16 -13.56 -34.56
C VAL A 455 15.11 -13.24 -33.52
N LEU A 456 15.40 -12.23 -32.67
CA LEU A 456 14.48 -11.84 -31.61
C LEU A 456 13.13 -11.40 -32.16
N LYS A 457 13.14 -10.52 -33.16
CA LYS A 457 11.89 -10.10 -33.78
C LYS A 457 11.15 -11.26 -34.43
N ASP A 458 11.85 -12.36 -34.69
CA ASP A 458 11.26 -13.56 -35.27
C ASP A 458 10.88 -14.59 -34.21
N ILE A 459 11.70 -14.72 -33.16
CA ILE A 459 11.37 -15.64 -32.08
C ILE A 459 10.10 -15.19 -31.37
N LEU A 460 9.95 -13.89 -31.18
CA LEU A 460 8.71 -13.34 -30.63
C LEU A 460 7.50 -13.75 -31.46
N ALA A 461 7.60 -13.62 -32.79
CA ALA A 461 6.50 -13.99 -33.68
C ALA A 461 6.19 -15.48 -33.64
N LEU A 462 7.12 -16.30 -33.14
CA LEU A 462 6.88 -17.73 -33.01
C LEU A 462 6.19 -18.09 -31.70
N THR A 463 5.84 -17.09 -30.89
CA THR A 463 5.04 -17.28 -29.69
C THR A 463 3.54 -17.18 -29.98
N LYS A 464 3.15 -16.18 -30.76
CA LYS A 464 1.74 -16.02 -31.15
C LYS A 464 1.18 -17.32 -31.75
N LEU A 465 1.97 -17.99 -32.57
CA LEU A 465 1.48 -19.16 -33.30
C LEU A 465 1.39 -20.33 -32.34
N ASN A 466 0.19 -20.56 -31.80
CA ASN A 466 -0.11 -21.76 -31.04
C ASN A 466 -1.60 -21.99 -31.18
N TYR A 467 -1.99 -23.06 -31.88
CA TYR A 467 -3.40 -23.26 -32.18
C TYR A 467 -4.15 -23.89 -31.01
N ASN A 468 -3.52 -24.82 -30.30
CA ASN A 468 -4.22 -25.56 -29.26
C ASN A 468 -4.73 -24.66 -28.14
N ALA A 469 -4.23 -23.43 -28.05
CA ALA A 469 -4.77 -22.45 -27.12
C ALA A 469 -4.63 -21.07 -27.74
N CYS A 470 -5.72 -20.31 -27.77
CA CYS A 470 -5.71 -18.95 -28.30
C CYS A 470 -5.39 -18.01 -27.14
N ILE A 471 -4.10 -17.65 -27.04
CA ILE A 471 -3.59 -16.79 -25.99
C ILE A 471 -2.80 -15.66 -26.65
N TYR A 472 -2.54 -14.62 -25.85
CA TYR A 472 -1.76 -13.50 -26.37
C TYR A 472 -0.36 -13.95 -26.80
N ALA A 473 0.31 -14.75 -25.99
CA ALA A 473 1.68 -15.16 -26.31
C ALA A 473 2.05 -16.39 -25.50
N ASP A 474 3.05 -17.11 -26.00
CA ASP A 474 3.68 -18.20 -25.28
C ASP A 474 4.97 -17.71 -24.64
N GLY A 475 5.48 -18.50 -23.68
CA GLY A 475 6.74 -18.20 -23.02
C GLY A 475 7.93 -18.72 -23.78
N GLU A 476 7.83 -19.95 -24.27
CA GLU A 476 8.76 -20.65 -25.15
C GLU A 476 8.24 -20.59 -26.57
N PRO A 477 9.09 -20.40 -27.58
CA PRO A 477 8.59 -20.39 -28.96
C PRO A 477 7.94 -21.72 -29.30
N VAL A 478 7.12 -21.70 -30.35
CA VAL A 478 6.31 -22.87 -30.65
C VAL A 478 7.16 -24.02 -31.21
N THR A 479 8.37 -23.72 -31.67
CA THR A 479 9.21 -24.78 -32.22
C THR A 479 9.60 -25.81 -31.16
N LEU A 480 9.69 -25.41 -29.89
CA LEU A 480 10.00 -26.30 -28.78
C LEU A 480 8.84 -26.50 -27.83
N ARG A 481 7.63 -26.03 -28.18
CA ARG A 481 6.50 -26.14 -27.26
C ARG A 481 6.19 -27.58 -26.92
N PHE A 482 5.97 -28.42 -27.93
CA PHE A 482 5.54 -29.79 -27.73
C PHE A 482 6.70 -30.77 -27.88
N ALA A 483 7.92 -30.31 -27.60
CA ALA A 483 9.10 -31.16 -27.67
C ALA A 483 8.90 -32.45 -26.88
N ASN A 484 8.53 -32.33 -25.60
CA ASN A 484 8.41 -33.52 -24.77
C ASN A 484 7.15 -34.32 -25.11
N LYS A 485 6.05 -33.67 -25.48
CA LYS A 485 4.84 -34.41 -25.84
C LYS A 485 5.02 -35.16 -27.15
N ILE A 486 5.81 -34.63 -28.08
CA ILE A 486 6.12 -35.39 -29.28
C ILE A 486 7.04 -36.56 -28.94
N GLY A 487 8.04 -36.31 -28.09
CA GLY A 487 8.94 -37.38 -27.68
C GLY A 487 8.23 -38.55 -27.02
N GLU A 488 7.23 -38.26 -26.19
CA GLU A 488 6.50 -39.31 -25.49
C GLU A 488 5.59 -40.11 -26.42
N ILE A 489 5.32 -39.63 -27.63
CA ILE A 489 4.53 -40.41 -28.59
C ILE A 489 5.39 -41.45 -29.28
N LEU A 490 6.61 -41.07 -29.69
CA LEU A 490 7.46 -41.95 -30.46
C LEU A 490 7.94 -43.16 -29.63
N THR A 491 8.42 -42.89 -28.41
CA THR A 491 8.96 -43.95 -27.55
C THR A 491 7.89 -44.91 -27.02
N ALA A 492 6.61 -44.53 -27.08
CA ALA A 492 5.54 -45.42 -26.59
C ALA A 492 5.33 -46.63 -27.49
N SER A 493 5.81 -46.58 -28.74
CA SER A 493 5.69 -47.68 -29.68
C SER A 493 6.96 -47.67 -30.53
N THR A 494 7.75 -48.74 -30.45
CA THR A 494 9.03 -48.79 -31.15
C THR A 494 8.94 -49.34 -32.56
N GLU A 495 7.98 -50.22 -32.82
CA GLU A 495 7.87 -50.88 -34.12
C GLU A 495 7.30 -49.98 -35.19
N ILE A 496 6.82 -48.78 -34.82
CA ILE A 496 6.21 -47.87 -35.77
C ILE A 496 7.26 -47.32 -36.73
N LYS A 497 6.89 -47.24 -38.00
CA LYS A 497 7.64 -46.51 -39.03
C LYS A 497 6.82 -45.27 -39.33
N THR A 498 7.08 -44.19 -38.60
CA THR A 498 6.25 -42.99 -38.72
C THR A 498 6.77 -42.12 -39.85
N PRO A 499 5.97 -41.88 -40.89
CA PRO A 499 6.41 -41.00 -41.96
C PRO A 499 6.31 -39.55 -41.55
N PRO A 500 6.72 -38.62 -42.41
CA PRO A 500 6.37 -37.21 -42.22
C PRO A 500 4.86 -37.02 -42.07
N LEU A 501 4.43 -36.44 -40.96
CA LEU A 501 3.03 -36.21 -40.68
C LEU A 501 2.81 -34.79 -40.18
N ALA A 502 1.65 -34.23 -40.50
CA ALA A 502 1.29 -32.91 -40.00
C ALA A 502 1.16 -32.96 -38.47
N PHE A 503 1.13 -31.76 -37.87
CA PHE A 503 1.11 -31.67 -36.41
C PHE A 503 -0.27 -31.97 -35.83
N LYS A 504 -1.34 -31.74 -36.60
CA LYS A 504 -2.69 -31.94 -36.09
C LYS A 504 -2.99 -33.40 -35.78
N TYR A 505 -2.17 -34.33 -36.28
CA TYR A 505 -2.31 -35.74 -35.94
C TYR A 505 -1.49 -36.12 -34.72
N TYR A 506 -0.61 -35.22 -34.25
CA TYR A 506 0.24 -35.43 -33.09
C TYR A 506 -0.30 -34.79 -31.82
N ILE A 507 -1.06 -33.70 -31.92
CA ILE A 507 -1.57 -33.03 -30.73
C ILE A 507 -2.69 -33.84 -30.08
N MET B 1 -28.50 12.04 -47.25
CA MET B 1 -29.67 11.23 -46.95
C MET B 1 -29.50 10.49 -45.62
N ARG B 2 -30.58 9.84 -45.19
CA ARG B 2 -30.59 9.15 -43.90
C ARG B 2 -30.04 7.74 -44.09
N ASN B 3 -28.82 7.52 -43.60
CA ASN B 3 -28.20 6.21 -43.72
C ASN B 3 -27.62 5.70 -42.40
N LYS B 4 -27.22 6.60 -41.51
CA LYS B 4 -26.56 6.20 -40.28
C LYS B 4 -27.49 5.35 -39.42
N ILE B 5 -26.99 4.24 -38.90
CA ILE B 5 -27.78 3.30 -38.10
C ILE B 5 -27.36 3.42 -36.63
N PHE B 6 -28.31 3.74 -35.76
CA PHE B 6 -28.05 3.86 -34.33
C PHE B 6 -28.23 2.51 -33.64
N ILE B 7 -27.53 2.36 -32.53
CA ILE B 7 -27.70 1.22 -31.63
C ILE B 7 -27.77 1.77 -30.21
N SER B 8 -28.91 1.57 -29.56
CA SER B 8 -29.13 2.01 -28.19
C SER B 8 -28.97 0.81 -27.27
N HIS B 9 -28.06 0.92 -26.30
CA HIS B 9 -27.59 -0.20 -25.52
C HIS B 9 -27.73 0.06 -24.02
N ALA B 10 -27.84 -1.02 -23.27
CA ALA B 10 -27.89 -0.99 -21.81
C ALA B 10 -26.47 -0.97 -21.25
N THR B 11 -26.11 0.14 -20.59
CA THR B 11 -24.84 0.39 -19.92
C THR B 11 -24.93 0.10 -18.42
N PRO B 12 -23.93 -0.59 -17.84
CA PRO B 12 -22.79 -1.17 -18.55
C PRO B 12 -22.88 -2.70 -18.62
N GLU B 13 -24.05 -3.25 -18.28
CA GLU B 13 -24.21 -4.70 -18.25
C GLU B 13 -24.03 -5.32 -19.62
N ASP B 14 -24.51 -4.66 -20.66
CA ASP B 14 -24.56 -5.25 -21.99
C ASP B 14 -23.80 -4.41 -23.02
N ASP B 15 -22.80 -3.65 -22.56
CA ASP B 15 -21.86 -3.00 -23.46
C ASP B 15 -20.98 -3.98 -24.23
N ASP B 16 -20.85 -5.23 -23.75
CA ASP B 16 -20.01 -6.21 -24.43
C ASP B 16 -20.53 -6.53 -25.82
N PHE B 17 -21.86 -6.65 -25.96
CA PHE B 17 -22.41 -7.03 -27.25
C PHE B 17 -22.22 -5.93 -28.29
N THR B 18 -22.49 -4.68 -27.91
CA THR B 18 -22.36 -3.57 -28.85
C THR B 18 -20.95 -3.48 -29.41
N ARG B 19 -19.95 -3.78 -28.57
CA ARG B 19 -18.56 -3.82 -29.03
C ARG B 19 -18.35 -4.89 -30.09
N TRP B 20 -19.13 -5.98 -30.02
CA TRP B 20 -18.99 -7.08 -30.97
C TRP B 20 -19.68 -6.80 -32.30
N LEU B 21 -20.80 -6.07 -32.29
CA LEU B 21 -21.59 -5.88 -33.50
C LEU B 21 -21.18 -4.65 -34.30
N SER B 22 -20.98 -3.51 -33.62
CA SER B 22 -20.63 -2.28 -34.33
C SER B 22 -19.36 -2.46 -35.17
N LEU B 23 -18.33 -3.09 -34.61
CA LEU B 23 -17.12 -3.35 -35.38
C LEU B 23 -17.40 -4.35 -36.49
N LYS B 24 -18.25 -5.34 -36.21
CA LYS B 24 -18.66 -6.29 -37.24
C LYS B 24 -19.40 -5.60 -38.37
N LEU B 25 -20.20 -4.57 -38.05
CA LEU B 25 -21.09 -3.95 -39.02
C LEU B 25 -20.41 -2.88 -39.87
N ILE B 26 -19.58 -2.02 -39.26
CA ILE B 26 -18.95 -0.94 -40.02
C ILE B 26 -18.10 -1.50 -41.16
N GLY B 27 -17.48 -2.66 -40.95
CA GLY B 27 -16.72 -3.30 -42.01
C GLY B 27 -17.61 -3.92 -43.08
N LEU B 28 -18.80 -4.37 -42.69
CA LEU B 28 -19.75 -4.96 -43.64
C LEU B 28 -20.42 -3.91 -44.52
N GLY B 29 -19.94 -2.67 -44.50
CA GLY B 29 -20.41 -1.64 -45.39
C GLY B 29 -21.36 -0.62 -44.80
N TYR B 30 -21.51 -0.60 -43.48
CA TYR B 30 -22.50 0.24 -42.81
C TYR B 30 -21.84 1.43 -42.13
N GLU B 31 -22.52 2.57 -42.20
CA GLU B 31 -22.11 3.77 -41.46
C GLU B 31 -22.93 3.79 -40.18
N VAL B 32 -22.34 3.33 -39.09
CA VAL B 32 -23.06 3.09 -37.84
C VAL B 32 -22.79 4.24 -36.88
N TRP B 33 -23.64 4.36 -35.86
CA TRP B 33 -23.55 5.43 -34.88
C TRP B 33 -24.03 4.90 -33.55
N CYS B 34 -23.20 4.99 -32.52
CA CYS B 34 -23.61 4.60 -31.17
C CYS B 34 -22.74 5.32 -30.16
N ASP B 35 -23.27 5.48 -28.94
CA ASP B 35 -22.61 6.25 -27.90
C ASP B 35 -21.44 5.52 -27.27
N ILE B 36 -21.06 4.35 -27.80
CA ILE B 36 -19.81 3.70 -27.41
C ILE B 36 -18.62 4.20 -28.24
N LEU B 37 -18.87 4.83 -29.38
CA LEU B 37 -17.82 5.18 -30.32
C LEU B 37 -17.16 6.53 -30.05
N PHE B 38 -17.89 7.51 -29.54
CA PHE B 38 -17.39 8.86 -29.38
C PHE B 38 -17.24 9.21 -27.89
N LEU B 39 -16.06 9.71 -27.52
CA LEU B 39 -15.82 10.21 -26.17
C LEU B 39 -16.20 11.69 -26.12
N ASP B 40 -17.17 12.03 -25.26
CA ASP B 40 -17.81 13.33 -25.29
C ASP B 40 -17.43 14.16 -24.06
N LYS B 41 -16.80 15.31 -24.30
CA LYS B 41 -16.63 16.33 -23.27
C LYS B 41 -17.69 17.42 -23.34
N GLY B 42 -18.26 17.62 -24.53
CA GLY B 42 -19.27 18.63 -24.78
C GLY B 42 -20.45 18.63 -23.85
N VAL B 43 -20.84 19.83 -23.40
CA VAL B 43 -21.91 19.96 -22.42
C VAL B 43 -23.21 19.36 -22.93
N ASP B 44 -23.41 19.32 -24.24
CA ASP B 44 -24.66 18.80 -24.83
C ASP B 44 -24.42 17.35 -25.25
N PHE B 45 -24.84 16.42 -24.39
CA PHE B 45 -24.75 15.01 -24.71
C PHE B 45 -25.98 14.53 -25.46
N TRP B 46 -27.16 15.00 -25.07
CA TRP B 46 -28.39 14.60 -25.75
C TRP B 46 -28.53 15.29 -27.10
N SER B 47 -28.04 16.53 -27.22
CA SER B 47 -28.16 17.27 -28.47
C SER B 47 -27.57 16.50 -29.64
N THR B 48 -26.62 15.60 -29.38
CA THR B 48 -26.07 14.77 -30.45
C THR B 48 -27.07 13.69 -30.86
N ILE B 49 -27.64 12.97 -29.88
CA ILE B 49 -28.52 11.86 -30.22
C ILE B 49 -29.83 12.37 -30.81
N GLU B 50 -30.48 13.32 -30.13
CA GLU B 50 -31.77 13.83 -30.63
C GLU B 50 -31.65 14.34 -32.06
N LYS B 51 -30.53 14.99 -32.39
CA LYS B 51 -30.25 15.36 -33.77
C LYS B 51 -30.01 14.13 -34.65
N GLU B 52 -29.01 13.31 -34.30
CA GLU B 52 -28.61 12.21 -35.16
C GLU B 52 -29.66 11.11 -35.28
N ILE B 53 -30.66 11.09 -34.41
CA ILE B 53 -31.75 10.11 -34.52
C ILE B 53 -32.82 10.58 -35.50
N ARG B 54 -32.98 11.90 -35.65
CA ARG B 54 -34.09 12.46 -36.39
C ARG B 54 -33.84 12.55 -37.89
N GLU B 55 -32.72 13.13 -38.33
CA GLU B 55 -32.59 13.42 -39.75
C GLU B 55 -31.88 12.31 -40.52
N ASN B 56 -30.77 11.77 -39.99
CA ASN B 56 -29.92 10.85 -40.73
C ASN B 56 -30.00 9.40 -40.26
N THR B 57 -30.77 9.09 -39.23
CA THR B 57 -30.80 7.73 -38.71
C THR B 57 -31.83 6.92 -39.48
N CYS B 58 -31.40 5.78 -40.00
CA CYS B 58 -32.28 4.94 -40.80
C CYS B 58 -32.96 3.83 -40.01
N LYS B 59 -32.30 3.28 -39.00
CA LYS B 59 -32.92 2.28 -38.13
C LYS B 59 -32.44 2.45 -36.70
N PHE B 60 -33.28 2.00 -35.76
CA PHE B 60 -33.02 2.11 -34.33
C PHE B 60 -32.96 0.72 -33.73
N LEU B 61 -31.86 0.41 -33.03
CA LEU B 61 -31.66 -0.88 -32.41
C LEU B 61 -31.59 -0.74 -30.90
N ILE B 62 -32.39 -1.54 -30.19
CA ILE B 62 -32.51 -1.50 -28.74
C ILE B 62 -32.32 -2.91 -28.21
N VAL B 63 -31.52 -3.05 -27.15
CA VAL B 63 -31.15 -4.35 -26.60
C VAL B 63 -32.16 -4.75 -25.54
N SER B 64 -33.01 -5.74 -25.86
CA SER B 64 -34.03 -6.21 -24.92
C SER B 64 -33.39 -7.23 -23.97
N SER B 65 -32.69 -6.72 -22.97
CA SER B 65 -32.02 -7.50 -21.94
C SER B 65 -32.68 -7.24 -20.59
N THR B 66 -32.14 -7.89 -19.56
CA THR B 66 -32.57 -7.64 -18.19
C THR B 66 -32.48 -6.15 -17.85
N ALA B 67 -31.28 -5.59 -17.96
CA ALA B 67 -31.06 -4.18 -17.66
C ALA B 67 -31.38 -3.26 -18.82
N GLY B 68 -31.77 -3.79 -19.97
CA GLY B 68 -32.21 -2.93 -21.05
C GLY B 68 -33.47 -2.16 -20.71
N ASN B 69 -34.45 -2.86 -20.14
CA ASN B 69 -35.72 -2.24 -19.76
C ASN B 69 -35.53 -1.20 -18.65
N LYS B 70 -34.64 -1.50 -17.69
CA LYS B 70 -34.64 -0.77 -16.42
C LYS B 70 -33.86 0.54 -16.49
N ARG B 71 -32.82 0.63 -17.31
CA ARG B 71 -31.98 1.82 -17.30
C ARG B 71 -32.74 3.05 -17.76
N GLU B 72 -32.51 4.16 -17.05
CA GLU B 72 -33.21 5.41 -17.35
C GLU B 72 -32.92 5.88 -18.77
N GLY B 73 -31.64 6.06 -19.10
CA GLY B 73 -31.29 6.60 -20.41
C GLY B 73 -31.86 5.81 -21.57
N VAL B 74 -31.96 4.48 -21.42
CA VAL B 74 -32.32 3.63 -22.56
C VAL B 74 -33.75 3.91 -23.01
N LEU B 75 -34.69 3.95 -22.07
CA LEU B 75 -36.07 4.22 -22.42
C LEU B 75 -36.28 5.66 -22.85
N LYS B 76 -35.40 6.56 -22.44
CA LYS B 76 -35.48 7.96 -22.84
C LYS B 76 -34.84 8.23 -24.20
N GLU B 77 -33.80 7.46 -24.56
CA GLU B 77 -33.32 7.50 -25.94
C GLU B 77 -34.40 7.03 -26.90
N LEU B 78 -35.15 6.00 -26.50
CA LEU B 78 -36.21 5.43 -27.33
C LEU B 78 -37.36 6.39 -27.56
N ALA B 79 -37.51 7.43 -26.73
CA ALA B 79 -38.65 8.34 -26.86
C ALA B 79 -38.73 8.96 -28.25
N VAL B 80 -37.63 9.56 -28.73
CA VAL B 80 -37.66 10.20 -30.04
C VAL B 80 -37.84 9.15 -31.14
N ALA B 81 -37.35 7.93 -30.92
CA ALA B 81 -37.45 6.89 -31.95
C ALA B 81 -38.90 6.53 -32.26
N THR B 82 -39.75 6.37 -31.23
CA THR B 82 -41.16 6.15 -31.49
C THR B 82 -41.86 7.43 -31.92
N LYS B 83 -41.24 8.59 -31.70
CA LYS B 83 -41.76 9.86 -32.19
C LYS B 83 -41.54 10.03 -33.68
N VAL B 84 -40.38 9.60 -34.18
CA VAL B 84 -40.10 9.69 -35.61
C VAL B 84 -40.72 8.51 -36.35
N LYS B 85 -40.91 7.37 -35.67
CA LYS B 85 -41.60 6.23 -36.27
C LYS B 85 -42.96 6.62 -36.81
N LYS B 86 -43.57 7.65 -36.23
CA LYS B 86 -44.84 8.17 -36.72
C LYS B 86 -44.65 9.06 -37.95
N HIS B 87 -43.45 9.59 -38.15
CA HIS B 87 -43.21 10.52 -39.24
C HIS B 87 -43.05 9.80 -40.57
N LEU B 88 -42.16 8.82 -40.64
CA LEU B 88 -42.05 8.01 -41.84
C LEU B 88 -43.08 6.89 -41.88
N GLN B 89 -43.75 6.62 -40.75
CA GLN B 89 -44.89 5.71 -40.68
C GLN B 89 -44.52 4.29 -41.11
N ASP B 90 -43.38 3.79 -40.62
CA ASP B 90 -42.94 2.45 -40.94
C ASP B 90 -43.11 1.57 -39.71
N ASP B 91 -43.78 0.44 -39.90
CA ASP B 91 -44.11 -0.44 -38.78
C ASP B 91 -42.86 -1.07 -38.16
N MET B 92 -41.83 -1.36 -38.97
CA MET B 92 -40.62 -2.01 -38.48
C MET B 92 -39.43 -1.05 -38.44
N PHE B 93 -39.67 0.23 -38.14
CA PHE B 93 -38.55 1.15 -37.90
C PHE B 93 -37.76 0.74 -36.66
N ILE B 94 -38.44 0.32 -35.61
CA ILE B 94 -37.81 -0.06 -34.35
C ILE B 94 -37.76 -1.58 -34.29
N ILE B 95 -36.55 -2.13 -34.22
CA ILE B 95 -36.35 -3.58 -34.17
C ILE B 95 -35.51 -3.90 -32.94
N PRO B 96 -35.95 -4.79 -32.07
CA PRO B 96 -35.21 -5.10 -30.85
C PRO B 96 -34.26 -6.27 -31.03
N LEU B 97 -33.27 -6.31 -30.13
CA LEU B 97 -32.32 -7.42 -30.06
C LEU B 97 -32.49 -8.08 -28.70
N ALA B 98 -33.11 -9.25 -28.70
CA ALA B 98 -33.42 -9.98 -27.48
C ALA B 98 -32.23 -10.85 -27.10
N ILE B 99 -31.52 -10.48 -26.04
CA ILE B 99 -30.31 -11.21 -25.64
C ILE B 99 -30.48 -11.96 -24.32
N ASP B 100 -31.43 -11.60 -23.48
CA ASP B 100 -31.59 -12.27 -22.19
C ASP B 100 -32.59 -13.40 -22.31
N GLU B 101 -32.32 -14.51 -21.61
CA GLU B 101 -33.19 -15.66 -21.61
C GLU B 101 -34.23 -15.62 -20.49
N ASN B 102 -33.84 -15.11 -19.33
CA ASN B 102 -34.69 -15.14 -18.14
C ASN B 102 -35.95 -14.30 -18.29
N LEU B 103 -35.92 -13.25 -19.12
CA LEU B 103 -37.05 -12.34 -19.24
C LEU B 103 -38.23 -13.05 -19.89
N SER B 104 -39.33 -13.17 -19.14
CA SER B 104 -40.56 -13.74 -19.68
C SER B 104 -41.21 -12.71 -20.60
N TYR B 105 -42.41 -13.02 -21.08
CA TYR B 105 -43.11 -12.07 -21.94
C TYR B 105 -43.58 -10.85 -21.13
N ASP B 106 -43.76 -11.02 -19.82
CA ASP B 106 -44.39 -10.00 -19.00
C ASP B 106 -43.46 -8.81 -18.80
N ASP B 107 -42.21 -9.07 -18.41
CA ASP B 107 -41.31 -8.01 -17.95
C ASP B 107 -40.89 -7.07 -19.08
N ILE B 108 -41.06 -7.48 -20.34
CA ILE B 108 -40.63 -6.66 -21.46
C ILE B 108 -41.49 -5.40 -21.54
N ASN B 109 -40.87 -4.27 -21.87
CA ASN B 109 -41.58 -3.01 -21.94
C ASN B 109 -42.67 -3.04 -23.01
N ILE B 110 -43.83 -2.49 -22.67
CA ILE B 110 -45.01 -2.58 -23.53
C ILE B 110 -44.83 -1.78 -24.83
N GLU B 111 -43.89 -0.84 -24.89
CA GLU B 111 -43.61 -0.16 -26.15
C GLU B 111 -43.04 -1.11 -27.19
N ILE B 112 -42.41 -2.20 -26.76
CA ILE B 112 -41.69 -3.10 -27.67
C ILE B 112 -42.19 -4.54 -27.58
N VAL B 113 -43.04 -4.88 -26.61
CA VAL B 113 -43.52 -6.26 -26.44
C VAL B 113 -44.11 -6.80 -27.74
N ARG B 114 -45.05 -6.06 -28.33
CA ARG B 114 -45.73 -6.50 -29.54
C ARG B 114 -44.87 -6.35 -30.79
N LEU B 115 -43.74 -5.65 -30.69
CA LEU B 115 -42.89 -5.41 -31.85
C LEU B 115 -42.19 -6.69 -32.28
N ASN B 116 -41.99 -6.81 -33.60
CA ASN B 116 -41.34 -7.97 -34.18
C ASN B 116 -39.93 -8.14 -33.64
N ALA B 117 -39.74 -9.09 -32.73
CA ALA B 117 -38.49 -9.27 -32.01
C ALA B 117 -37.54 -10.17 -32.79
N ILE B 118 -36.31 -10.29 -32.29
CA ILE B 118 -35.30 -11.15 -32.88
C ILE B 118 -34.62 -11.95 -31.78
N ASP B 119 -34.64 -13.27 -31.90
CA ASP B 119 -34.04 -14.15 -30.89
C ASP B 119 -32.54 -14.20 -31.10
N PHE B 120 -31.78 -13.80 -30.08
CA PHE B 120 -30.34 -13.94 -30.09
C PHE B 120 -29.86 -14.99 -29.09
N LYS B 121 -30.78 -15.58 -28.33
CA LYS B 121 -30.40 -16.47 -27.23
C LYS B 121 -29.76 -17.76 -27.72
N LYS B 122 -30.17 -18.28 -28.87
CA LYS B 122 -29.62 -19.56 -29.33
C LYS B 122 -28.23 -19.36 -29.92
N SER B 123 -28.12 -18.52 -30.94
CA SER B 123 -26.85 -18.25 -31.60
C SER B 123 -26.83 -16.78 -32.02
N TRP B 124 -25.75 -16.08 -31.68
CA TRP B 124 -25.66 -14.66 -32.01
C TRP B 124 -25.65 -14.44 -33.52
N ALA B 125 -25.06 -15.36 -34.28
CA ALA B 125 -25.07 -15.26 -35.72
C ALA B 125 -26.44 -15.58 -36.29
N LYS B 126 -27.04 -16.69 -35.86
CA LYS B 126 -28.34 -17.13 -36.37
C LYS B 126 -29.42 -16.06 -36.24
N GLY B 127 -29.23 -15.09 -35.35
CA GLY B 127 -30.11 -13.94 -35.32
C GLY B 127 -29.64 -12.86 -36.26
N LEU B 128 -28.32 -12.66 -36.28
CA LEU B 128 -27.71 -11.66 -37.16
C LEU B 128 -28.00 -11.95 -38.62
N GLN B 129 -27.98 -13.23 -38.99
CA GLN B 129 -28.37 -13.63 -40.34
C GLN B 129 -29.85 -13.36 -40.60
N ASP B 130 -30.69 -13.64 -39.60
CA ASP B 130 -32.11 -13.33 -39.69
C ASP B 130 -32.40 -11.83 -39.66
N LEU B 131 -31.45 -11.01 -39.20
CA LEU B 131 -31.63 -9.57 -39.16
C LEU B 131 -31.25 -8.89 -40.47
N LEU B 132 -30.11 -9.26 -41.04
CA LEU B 132 -29.63 -8.56 -42.24
C LEU B 132 -30.30 -9.07 -43.51
N ASP B 133 -31.14 -10.10 -43.41
CA ASP B 133 -32.03 -10.41 -44.52
C ASP B 133 -33.12 -9.35 -44.64
N ALA B 134 -33.55 -8.79 -43.51
CA ALA B 134 -34.46 -7.65 -43.53
C ALA B 134 -33.76 -6.39 -44.03
N PHE B 135 -32.45 -6.27 -43.77
CA PHE B 135 -31.67 -5.18 -44.35
C PHE B 135 -31.60 -5.27 -45.86
N GLU B 136 -31.82 -6.45 -46.42
CA GLU B 136 -31.89 -6.64 -47.86
C GLU B 136 -33.32 -6.64 -48.38
N LYS B 137 -34.28 -7.00 -47.51
CA LYS B 137 -35.69 -6.97 -47.88
C LYS B 137 -36.24 -5.56 -47.93
N GLN B 138 -35.64 -4.63 -47.16
CA GLN B 138 -35.89 -3.21 -47.31
C GLN B 138 -34.59 -2.54 -47.73
N ASN B 139 -34.65 -1.72 -48.78
CA ASN B 139 -33.43 -1.21 -49.41
C ASN B 139 -32.71 -0.17 -48.54
N VAL B 140 -31.78 -0.64 -47.72
CA VAL B 140 -30.99 0.21 -46.85
C VAL B 140 -29.70 0.59 -47.58
N PRO B 141 -29.42 1.89 -47.78
CA PRO B 141 -28.20 2.29 -48.52
C PRO B 141 -26.93 1.94 -47.77
N LYS B 142 -26.13 1.01 -48.31
CA LYS B 142 -24.94 0.48 -47.65
C LYS B 142 -23.86 0.19 -48.69
N LYS B 143 -22.63 0.58 -48.37
CA LYS B 143 -21.52 0.37 -49.28
C LYS B 143 -21.05 -1.09 -49.26
N PRO B 144 -20.31 -1.53 -50.27
CA PRO B 144 -19.85 -2.93 -50.32
C PRO B 144 -18.95 -3.26 -49.14
N PRO B 145 -18.83 -4.54 -48.79
CA PRO B 145 -18.10 -4.89 -47.56
C PRO B 145 -16.61 -4.63 -47.70
N ASP B 146 -16.05 -3.92 -46.72
CA ASP B 146 -14.61 -3.65 -46.64
C ASP B 146 -14.22 -3.67 -45.17
N HIS B 147 -13.57 -4.75 -44.73
CA HIS B 147 -13.11 -4.86 -43.34
C HIS B 147 -11.82 -4.10 -43.05
N SER B 148 -11.26 -3.36 -44.02
CA SER B 148 -10.11 -2.52 -43.73
C SER B 148 -10.49 -1.38 -42.78
N LYS B 149 -11.72 -0.89 -42.89
CA LYS B 149 -12.26 0.16 -42.06
C LYS B 149 -12.73 -0.36 -40.70
N SER B 150 -12.87 -1.68 -40.55
CA SER B 150 -13.37 -2.31 -39.33
C SER B 150 -12.53 -2.00 -38.09
N ASN B 151 -11.31 -2.54 -38.04
CA ASN B 151 -10.47 -2.43 -36.84
C ASN B 151 -9.74 -1.09 -36.70
N LEU B 152 -9.82 -0.21 -37.69
CA LEU B 152 -9.17 1.10 -37.52
C LEU B 152 -9.79 1.87 -36.36
N LEU B 153 -11.08 1.67 -36.10
CA LEU B 153 -11.66 2.13 -34.84
C LEU B 153 -11.15 1.29 -33.67
N TYR B 154 -11.11 -0.04 -33.84
CA TYR B 154 -10.66 -0.91 -32.76
C TYR B 154 -9.28 -0.51 -32.24
N GLN B 155 -8.36 -0.14 -33.14
CA GLN B 155 -7.08 0.36 -32.68
C GLN B 155 -7.21 1.76 -32.09
N GLN B 156 -8.23 2.52 -32.49
CA GLN B 156 -8.41 3.87 -31.97
C GLN B 156 -9.32 3.91 -30.74
N ILE B 157 -10.30 3.02 -30.64
CA ILE B 157 -11.30 3.13 -29.59
C ILE B 157 -10.89 2.38 -28.34
N PHE B 158 -10.56 1.10 -28.45
CA PHE B 158 -10.21 0.30 -27.29
C PHE B 158 -8.71 0.16 -27.09
N LEU B 159 -7.98 -0.17 -28.15
CA LEU B 159 -6.55 -0.40 -28.06
C LEU B 159 -5.73 0.88 -27.95
N HIS B 160 -6.36 2.06 -28.06
CA HIS B 160 -5.59 3.30 -27.98
C HIS B 160 -5.08 3.57 -26.58
N ASP B 161 -5.92 3.32 -25.56
CA ASP B 161 -5.51 3.57 -24.19
C ASP B 161 -4.49 2.55 -23.69
N LYS B 162 -4.57 1.31 -24.18
CA LYS B 162 -3.75 0.21 -23.66
C LYS B 162 -2.78 -0.22 -24.76
N GLN B 163 -1.66 0.51 -24.87
CA GLN B 163 -0.62 0.19 -25.84
C GLN B 163 0.72 0.69 -25.31
N ALA B 164 1.78 0.45 -26.08
CA ALA B 164 3.14 0.70 -25.61
C ALA B 164 3.45 2.18 -25.69
N ILE B 165 3.42 2.85 -24.54
CA ILE B 165 3.81 4.25 -24.47
C ILE B 165 5.30 4.37 -24.75
N GLU B 166 5.78 5.62 -24.82
CA GLU B 166 7.18 5.89 -25.07
C GLU B 166 7.95 6.33 -23.82
N LYS B 167 7.39 6.12 -22.63
CA LYS B 167 8.02 6.60 -21.40
C LYS B 167 9.27 5.79 -21.08
N GLU B 168 10.39 6.47 -20.88
CA GLU B 168 11.63 5.83 -20.48
C GLU B 168 11.59 5.54 -18.98
N GLU B 169 12.21 4.42 -18.59
CA GLU B 169 12.27 4.04 -17.18
C GLU B 169 13.46 3.13 -16.93
N THR B 170 13.78 2.96 -15.65
CA THR B 170 14.91 2.17 -15.18
C THR B 170 14.39 0.95 -14.44
N TYR B 171 15.04 -0.20 -14.66
CA TYR B 171 14.76 -1.42 -13.91
C TYR B 171 15.98 -1.81 -13.08
N ASP B 172 15.74 -2.29 -11.86
CA ASP B 172 16.79 -2.87 -11.04
C ASP B 172 16.86 -4.37 -11.26
N SER B 173 18.07 -4.92 -11.14
CA SER B 173 18.36 -6.32 -11.40
C SER B 173 18.70 -7.04 -10.10
N ASN B 174 18.90 -8.36 -10.22
CA ASN B 174 19.43 -9.17 -9.14
C ASN B 174 20.88 -9.59 -9.36
N TRP B 175 21.56 -9.01 -10.35
CA TRP B 175 22.99 -9.21 -10.56
C TRP B 175 23.78 -8.22 -9.73
N PHE B 176 24.64 -8.72 -8.86
CA PHE B 176 25.39 -7.87 -7.95
C PHE B 176 26.85 -7.88 -8.36
N PRO B 177 27.43 -6.73 -8.71
CA PRO B 177 28.79 -6.72 -9.25
C PRO B 177 29.84 -6.90 -8.18
N ILE B 178 30.97 -7.48 -8.58
CA ILE B 178 32.11 -7.68 -7.71
C ILE B 178 32.95 -6.41 -7.72
N ILE B 179 33.22 -5.87 -6.53
CA ILE B 179 34.07 -4.68 -6.43
C ILE B 179 35.47 -5.00 -6.93
N SER B 180 36.14 -5.96 -6.26
CA SER B 180 37.51 -6.28 -6.57
C SER B 180 37.80 -7.69 -6.08
N PHE B 181 38.56 -8.44 -6.88
CA PHE B 181 39.01 -9.76 -6.49
C PHE B 181 40.36 -9.64 -5.76
N PRO B 182 40.93 -10.75 -5.27
CA PRO B 182 42.36 -10.76 -4.95
C PRO B 182 43.19 -10.71 -6.23
N ASN B 183 44.47 -10.41 -6.06
CA ASN B 183 45.35 -10.23 -7.23
C ASN B 183 45.43 -11.49 -8.08
N GLU B 184 45.95 -12.57 -7.51
CA GLU B 184 46.26 -13.75 -8.31
C GLU B 184 45.66 -14.99 -7.66
N LEU B 185 45.35 -15.97 -8.50
CA LEU B 185 44.92 -17.28 -8.05
C LEU B 185 46.10 -18.24 -8.13
N ARG B 186 46.43 -18.86 -7.00
CA ARG B 186 47.64 -19.67 -6.89
C ARG B 186 47.27 -21.12 -6.68
N PHE B 187 48.05 -22.01 -7.29
CA PHE B 187 47.88 -23.46 -7.17
C PHE B 187 49.05 -24.05 -6.39
N HIS B 188 48.80 -25.13 -5.66
CA HIS B 188 49.81 -25.69 -4.79
C HIS B 188 50.04 -27.15 -5.12
N ARG B 189 51.29 -27.52 -5.33
CA ARG B 189 51.68 -28.93 -5.53
C ARG B 189 51.86 -29.54 -4.14
N TYR B 190 50.75 -30.02 -3.57
CA TYR B 190 50.75 -30.58 -2.23
C TYR B 190 51.07 -32.07 -2.23
N ASP B 191 50.79 -32.77 -3.33
CA ASP B 191 51.08 -34.19 -3.47
C ASP B 191 50.70 -35.05 -2.26
N TRP B 192 51.66 -35.28 -1.36
CA TRP B 192 51.44 -36.07 -0.17
C TRP B 192 51.02 -35.23 1.03
N ARG B 193 51.12 -33.90 0.93
CA ARG B 193 50.77 -33.08 2.08
C ARG B 193 49.28 -33.11 2.32
N LEU B 194 48.49 -33.23 1.26
CA LEU B 194 47.05 -33.33 1.40
C LEU B 194 46.65 -34.78 1.25
N PRO B 195 46.05 -35.39 2.27
CA PRO B 195 45.70 -36.80 2.19
C PRO B 195 44.58 -37.08 1.20
N LYS B 196 44.66 -38.26 0.58
CA LYS B 196 43.61 -38.68 -0.33
C LYS B 196 42.26 -38.76 0.38
N GLN B 197 42.28 -38.96 1.69
CA GLN B 197 41.05 -39.12 2.48
C GLN B 197 40.47 -37.80 2.95
N PHE B 198 41.14 -36.67 2.72
CA PHE B 198 40.65 -35.40 3.24
C PHE B 198 39.78 -34.69 2.22
N ASP B 199 38.53 -34.44 2.59
CA ASP B 199 37.61 -33.63 1.82
C ASP B 199 37.88 -32.15 2.04
N VAL B 200 37.75 -31.36 0.97
CA VAL B 200 38.20 -29.96 1.03
C VAL B 200 37.20 -29.00 1.63
N ARG B 201 35.95 -29.43 1.88
CA ARG B 201 35.00 -28.52 2.53
C ARG B 201 35.37 -28.23 3.98
N THR B 202 36.17 -29.10 4.60
CA THR B 202 36.58 -28.92 5.98
C THR B 202 37.65 -27.84 6.12
N LEU B 203 38.19 -27.35 5.00
CA LEU B 203 39.41 -26.55 4.99
C LEU B 203 39.28 -25.22 5.73
N ALA B 204 38.05 -24.75 5.99
CA ALA B 204 37.75 -23.44 6.57
C ALA B 204 38.09 -22.28 5.63
N PHE B 205 38.69 -22.58 4.47
CA PHE B 205 38.97 -21.62 3.42
C PHE B 205 38.67 -22.29 2.09
N PRO B 206 38.35 -21.51 1.06
CA PRO B 206 37.86 -22.12 -0.20
C PRO B 206 38.99 -22.84 -0.91
N ALA B 207 38.77 -24.13 -1.19
CA ALA B 207 39.77 -24.99 -1.81
C ALA B 207 39.09 -26.04 -2.66
N ILE B 208 39.58 -26.21 -3.88
CA ILE B 208 39.08 -27.19 -4.82
C ILE B 208 40.25 -28.08 -5.23
N ARG B 209 40.12 -29.38 -4.99
CA ARG B 209 41.18 -30.29 -5.39
C ARG B 209 41.27 -30.32 -6.90
N TYR B 210 42.48 -30.11 -7.43
CA TYR B 210 42.73 -30.25 -8.85
C TYR B 210 43.43 -31.58 -9.13
N LYS B 211 43.84 -31.77 -10.39
CA LYS B 211 44.47 -33.01 -10.80
C LYS B 211 45.68 -33.34 -9.93
N GLU B 212 46.58 -32.38 -9.76
CA GLU B 212 47.71 -32.52 -8.85
C GLU B 212 47.75 -31.46 -7.76
N TYR B 213 47.01 -30.38 -7.91
CA TYR B 213 47.10 -29.24 -7.03
C TYR B 213 45.80 -29.08 -6.27
N LEU B 214 45.79 -28.08 -5.38
CA LEU B 214 44.58 -27.65 -4.68
C LEU B 214 44.50 -26.13 -4.84
N CYS B 215 43.50 -25.68 -5.58
CA CYS B 215 43.34 -24.28 -5.96
C CYS B 215 42.73 -23.47 -4.82
N THR B 216 43.27 -22.27 -4.59
CA THR B 216 42.77 -21.44 -3.49
C THR B 216 43.19 -19.99 -3.67
N PHE B 217 42.37 -19.08 -3.12
CA PHE B 217 42.74 -17.67 -3.04
C PHE B 217 43.62 -17.40 -1.84
N ALA B 218 43.37 -18.10 -0.74
CA ALA B 218 44.23 -17.99 0.43
C ALA B 218 45.65 -18.44 0.08
N TRP B 219 46.62 -17.88 0.79
CA TRP B 219 48.00 -18.26 0.53
C TRP B 219 48.28 -19.63 1.13
N GLU B 220 49.39 -20.22 0.70
CA GLU B 220 49.76 -21.56 1.12
C GLU B 220 49.97 -21.65 2.62
N TYR B 221 50.31 -20.52 3.25
CA TYR B 221 50.51 -20.45 4.69
C TYR B 221 49.22 -20.20 5.48
N ASP B 222 48.05 -20.24 4.81
CA ASP B 222 46.81 -19.86 5.51
C ASP B 222 46.33 -20.99 6.40
N PHE B 223 46.12 -22.18 5.86
CA PHE B 223 45.71 -23.32 6.66
C PHE B 223 46.89 -24.27 6.85
N ILE B 224 47.45 -24.26 8.06
CA ILE B 224 48.42 -25.23 8.51
C ILE B 224 47.88 -26.06 9.67
N HIS B 225 47.11 -25.44 10.56
CA HIS B 225 46.58 -26.14 11.71
C HIS B 225 45.52 -27.16 11.29
N GLN B 226 44.67 -26.80 10.34
CA GLN B 226 43.67 -27.73 9.84
C GLN B 226 44.34 -28.91 9.13
N LEU B 227 45.39 -28.62 8.36
CA LEU B 227 46.13 -29.65 7.63
C LEU B 227 47.61 -29.43 7.92
N PRO B 228 48.21 -30.24 8.83
CA PRO B 228 49.66 -30.09 9.06
C PRO B 228 50.52 -30.64 7.94
N LYS B 229 51.84 -30.49 8.08
CA LYS B 229 52.82 -30.87 7.07
C LYS B 229 52.73 -30.00 5.83
N THR B 230 52.03 -28.88 5.94
CA THR B 230 52.11 -27.84 4.94
C THR B 230 53.38 -26.99 5.12
N GLU B 231 53.87 -26.88 6.36
CA GLU B 231 55.01 -26.03 6.67
C GLU B 231 56.24 -26.36 5.83
N THR B 232 56.31 -27.56 5.27
CA THR B 232 57.43 -27.93 4.41
C THR B 232 57.33 -27.31 3.03
N TYR B 233 56.17 -26.76 2.66
CA TYR B 233 55.99 -26.26 1.30
C TYR B 233 56.76 -24.95 1.07
N ASN B 234 57.33 -24.83 -0.12
CA ASN B 234 58.03 -23.64 -0.55
C ASN B 234 57.16 -22.88 -1.56
N GLY B 235 57.28 -21.55 -1.54
CA GLY B 235 56.41 -20.71 -2.35
C GLY B 235 56.72 -20.73 -3.84
N GLN B 236 57.95 -21.09 -4.22
CA GLN B 236 58.30 -21.13 -5.63
C GLN B 236 57.70 -22.32 -6.37
N GLU B 237 57.26 -23.36 -5.66
CA GLU B 237 56.65 -24.49 -6.35
C GLU B 237 55.25 -24.17 -6.85
N SER B 238 54.61 -23.14 -6.31
CA SER B 238 53.27 -22.78 -6.72
C SER B 238 53.27 -22.09 -8.08
N ILE B 239 52.33 -22.47 -8.94
CA ILE B 239 52.14 -21.79 -10.21
C ILE B 239 51.05 -20.75 -9.99
N ARG B 240 51.38 -19.49 -10.26
CA ARG B 240 50.46 -18.39 -10.00
C ARG B 240 49.93 -17.83 -11.32
N ILE B 241 48.67 -17.38 -11.30
CA ILE B 241 48.03 -16.76 -12.44
C ILE B 241 47.29 -15.53 -11.95
N SER B 242 47.49 -14.41 -12.63
CA SER B 242 46.76 -13.19 -12.30
C SER B 242 45.28 -13.36 -12.60
N THR B 243 44.45 -12.80 -11.73
CA THR B 243 43.01 -12.91 -11.89
C THR B 243 42.55 -12.22 -13.17
N SER B 244 42.99 -10.98 -13.39
CA SER B 244 42.50 -10.20 -14.51
C SER B 244 42.94 -10.75 -15.86
N ASP B 245 43.86 -11.71 -15.90
CA ASP B 245 44.16 -12.40 -17.15
C ASP B 245 43.09 -13.44 -17.49
N ILE B 246 42.40 -13.97 -16.48
CA ILE B 246 41.47 -15.08 -16.71
C ILE B 246 40.19 -14.57 -17.38
N LEU B 247 39.51 -13.61 -16.74
CA LEU B 247 38.25 -13.13 -17.27
C LEU B 247 38.45 -12.30 -18.53
N SER B 248 39.67 -11.84 -18.78
CA SER B 248 39.99 -11.10 -19.99
C SER B 248 40.28 -12.01 -21.18
N GLY B 249 40.16 -13.33 -21.01
CA GLY B 249 40.40 -14.26 -22.09
C GLY B 249 41.83 -14.34 -22.58
N ARG B 250 42.76 -13.62 -21.95
CA ARG B 250 44.14 -13.62 -22.45
C ARG B 250 44.82 -14.96 -22.25
N TYR B 251 44.49 -15.66 -21.16
CA TYR B 251 45.18 -16.87 -20.77
C TYR B 251 44.56 -18.11 -21.42
N ASP B 252 45.42 -18.96 -21.97
CA ASP B 252 45.03 -20.29 -22.40
C ASP B 252 46.31 -21.10 -22.54
N THR B 253 46.32 -22.30 -21.98
CA THR B 253 47.49 -23.16 -22.01
C THR B 253 47.06 -24.58 -22.37
N ASP B 254 48.07 -25.46 -22.52
CA ASP B 254 47.84 -26.86 -22.85
C ASP B 254 47.44 -27.69 -21.64
N PHE B 255 47.85 -27.27 -20.43
CA PHE B 255 47.51 -28.02 -19.23
C PHE B 255 46.22 -27.55 -18.58
N ILE B 256 45.82 -26.29 -18.77
CA ILE B 256 44.50 -25.83 -18.37
C ILE B 256 44.04 -24.76 -19.34
N ARG B 257 42.80 -24.87 -19.80
CA ARG B 257 42.21 -23.88 -20.68
C ARG B 257 41.37 -22.92 -19.86
N ASN B 258 41.17 -21.72 -20.40
CA ASN B 258 40.53 -20.67 -19.61
C ASN B 258 39.11 -21.05 -19.25
N TYR B 259 38.38 -21.69 -20.19
CA TYR B 259 37.01 -22.08 -19.90
C TYR B 259 36.94 -23.09 -18.76
N GLU B 260 38.06 -23.75 -18.46
CA GLU B 260 38.12 -24.63 -17.29
C GLU B 260 38.37 -23.82 -16.03
N CYS B 261 39.22 -22.79 -16.12
CA CYS B 261 39.43 -21.90 -14.98
C CYS B 261 38.12 -21.21 -14.60
N GLN B 262 37.43 -20.66 -15.59
CA GLN B 262 36.16 -19.99 -15.36
C GLN B 262 35.16 -20.87 -14.61
N ARG B 263 35.24 -22.20 -14.78
CA ARG B 263 34.37 -23.08 -14.00
C ARG B 263 34.83 -23.19 -12.55
N LEU B 264 36.14 -23.11 -12.30
CA LEU B 264 36.66 -23.19 -10.94
C LEU B 264 36.28 -21.96 -10.12
N ILE B 265 36.35 -20.78 -10.72
CA ILE B 265 36.15 -19.54 -9.96
C ILE B 265 34.73 -19.47 -9.42
N VAL B 266 33.77 -20.01 -10.16
CA VAL B 266 32.38 -20.01 -9.71
C VAL B 266 32.25 -20.79 -8.40
N GLN B 267 32.78 -22.02 -8.37
CA GLN B 267 32.67 -22.85 -7.17
C GLN B 267 33.38 -22.24 -5.96
N LEU B 268 34.47 -21.49 -6.18
CA LEU B 268 35.15 -20.88 -5.05
C LEU B 268 34.31 -19.76 -4.45
N ILE B 269 33.61 -18.99 -5.29
CA ILE B 269 32.76 -17.91 -4.80
C ILE B 269 31.66 -18.47 -3.91
N ASN B 270 31.04 -19.57 -4.32
CA ASN B 270 29.94 -20.14 -3.56
C ASN B 270 30.42 -20.65 -2.21
N LYS B 271 31.50 -21.43 -2.20
CA LYS B 271 32.06 -21.90 -0.93
C LYS B 271 32.48 -20.72 -0.06
N ALA B 272 33.02 -19.67 -0.69
CA ALA B 272 33.32 -18.44 0.02
C ALA B 272 32.07 -17.85 0.66
N PHE B 273 30.94 -17.90 -0.08
CA PHE B 273 29.69 -17.37 0.45
C PHE B 273 29.25 -18.14 1.68
N GLU B 274 29.13 -19.46 1.55
CA GLU B 274 28.63 -20.28 2.65
C GLU B 274 29.45 -20.06 3.92
N LEU B 275 30.77 -19.96 3.78
CA LEU B 275 31.63 -19.79 4.95
C LEU B 275 31.38 -18.46 5.65
N ARG B 276 31.41 -17.36 4.90
CA ARG B 276 31.13 -16.04 5.47
C ARG B 276 29.69 -15.94 5.99
N MET B 277 28.80 -16.81 5.52
CA MET B 277 27.40 -16.73 5.93
C MET B 277 27.22 -17.13 7.39
N LYS B 278 27.90 -18.19 7.84
CA LYS B 278 27.81 -18.60 9.23
C LYS B 278 28.30 -17.55 10.21
N ASP B 279 28.93 -16.48 9.73
CA ASP B 279 29.30 -15.34 10.55
C ASP B 279 28.22 -14.27 10.58
N LYS B 280 27.10 -14.46 9.85
CA LYS B 280 26.20 -13.37 9.52
C LYS B 280 24.76 -13.55 9.98
N ASN B 281 24.54 -14.27 11.08
CA ASN B 281 23.28 -14.20 11.82
C ASN B 281 22.07 -14.64 10.99
N VAL B 282 22.16 -15.82 10.38
CA VAL B 282 21.05 -16.39 9.63
C VAL B 282 21.02 -17.91 9.80
N ARG B 283 19.81 -18.46 9.94
CA ARG B 283 19.61 -19.90 9.89
C ARG B 283 19.61 -20.38 8.44
N GLU B 284 20.10 -21.60 8.23
CA GLU B 284 20.21 -22.15 6.89
C GLU B 284 19.13 -23.19 6.66
N TYR B 285 18.73 -23.31 5.39
CA TYR B 285 17.65 -24.21 4.97
C TYR B 285 18.21 -25.09 3.87
N GLN B 286 18.16 -26.40 4.07
CA GLN B 286 18.83 -27.31 3.17
C GLN B 286 17.91 -27.60 1.99
N MET B 287 18.24 -27.04 0.84
CA MET B 287 17.52 -27.27 -0.40
C MET B 287 18.26 -28.33 -1.22
N SER B 288 17.77 -28.57 -2.43
CA SER B 288 18.38 -29.59 -3.28
C SER B 288 19.74 -29.14 -3.79
N LYS B 289 19.78 -28.00 -4.48
CA LYS B 289 20.97 -27.59 -5.19
C LYS B 289 21.84 -26.59 -4.45
N THR B 290 21.34 -25.93 -3.41
CA THR B 290 22.14 -25.00 -2.64
C THR B 290 21.58 -24.92 -1.23
N PHE B 291 22.26 -24.15 -0.38
CA PHE B 291 21.73 -23.81 0.94
C PHE B 291 21.01 -22.48 0.82
N ALA B 292 19.87 -22.38 1.48
CA ALA B 292 19.14 -21.13 1.58
C ALA B 292 19.40 -20.49 2.93
N TYR B 293 19.40 -19.17 2.94
CA TYR B 293 19.71 -18.40 4.14
C TYR B 293 18.55 -17.45 4.40
N TRP B 294 18.02 -17.51 5.62
CA TRP B 294 16.84 -16.76 6.00
C TRP B 294 17.06 -16.23 7.41
N ILE B 295 16.20 -15.29 7.80
CA ILE B 295 16.33 -14.59 9.08
C ILE B 295 15.33 -15.18 10.06
N GLU B 296 15.78 -15.48 11.27
CA GLU B 296 14.89 -15.97 12.30
C GLU B 296 13.92 -14.89 12.74
N LYS B 297 12.84 -15.30 13.39
CA LYS B 297 11.86 -14.34 13.86
C LYS B 297 12.48 -13.47 14.95
N GLY B 298 12.18 -12.17 14.91
CA GLY B 298 12.64 -11.28 15.95
C GLY B 298 14.11 -10.97 15.98
N LYS B 299 14.91 -11.52 15.05
CA LYS B 299 16.33 -11.21 15.06
C LYS B 299 16.61 -9.78 14.61
N LEU B 300 15.58 -9.08 14.12
CA LEU B 300 15.63 -7.67 13.81
C LEU B 300 14.46 -7.01 14.52
N GLU B 301 14.48 -5.68 14.61
CA GLU B 301 13.48 -4.98 15.41
C GLU B 301 12.13 -4.97 14.72
N LYS B 302 11.10 -5.41 15.46
CA LYS B 302 9.74 -5.60 14.95
C LYS B 302 9.71 -6.32 13.61
N ASP B 303 10.66 -7.23 13.40
CA ASP B 303 10.75 -8.05 12.20
C ASP B 303 10.79 -7.18 10.95
N LYS B 304 11.27 -5.94 11.10
CA LYS B 304 11.41 -5.01 10.00
C LYS B 304 12.84 -4.52 9.93
N PHE B 305 13.35 -4.42 8.71
CA PHE B 305 14.68 -3.88 8.43
C PHE B 305 14.54 -2.71 7.49
N GLU B 306 14.92 -1.52 7.96
CA GLU B 306 14.82 -0.30 7.18
C GLU B 306 13.37 -0.06 6.75
N LYS B 307 12.46 -0.11 7.73
CA LYS B 307 11.02 0.04 7.53
C LYS B 307 10.45 -1.01 6.59
N ILE B 308 11.29 -1.95 6.15
CA ILE B 308 10.92 -2.99 5.20
C ILE B 308 10.74 -4.28 5.98
N LYS B 309 9.57 -4.90 5.85
CA LYS B 309 9.36 -6.18 6.51
C LYS B 309 10.19 -7.26 5.84
N LEU B 310 10.77 -8.14 6.66
CA LEU B 310 11.42 -9.33 6.14
C LEU B 310 10.90 -10.62 6.76
N VAL B 311 10.01 -10.55 7.75
CA VAL B 311 9.47 -11.73 8.42
C VAL B 311 8.01 -11.48 8.79
N GLY B 312 7.12 -12.33 8.29
CA GLY B 312 5.70 -12.20 8.57
C GLY B 312 5.09 -13.57 8.82
N LYS B 313 3.83 -13.56 9.23
CA LYS B 313 3.08 -14.78 9.48
C LYS B 313 2.10 -14.99 8.35
N GLN B 314 1.76 -16.25 8.09
CA GLN B 314 0.59 -16.60 7.29
C GLN B 314 -0.24 -17.57 8.08
N LYS B 315 -1.48 -17.16 8.42
CA LYS B 315 -2.38 -18.01 9.21
C LYS B 315 -1.67 -18.34 10.52
N ASN B 316 -1.60 -19.61 10.91
CA ASN B 316 -0.75 -20.01 12.04
C ASN B 316 0.73 -19.97 11.67
N LYS B 317 1.07 -20.29 10.41
CA LYS B 317 2.46 -20.47 10.01
C LYS B 317 3.21 -19.14 9.99
N TYR B 318 4.53 -19.22 10.23
CA TYR B 318 5.44 -18.09 10.18
C TYR B 318 6.34 -18.21 8.96
N TRP B 319 6.35 -17.17 8.12
CA TRP B 319 7.08 -17.18 6.87
C TRP B 319 8.22 -16.18 6.95
N HIS B 320 9.37 -16.53 6.39
CA HIS B 320 10.52 -15.65 6.38
C HIS B 320 10.93 -15.38 4.94
N PHE B 321 11.77 -14.38 4.74
CA PHE B 321 12.36 -14.14 3.43
C PHE B 321 13.78 -14.67 3.43
N GLY B 322 14.18 -15.27 2.30
CA GLY B 322 15.46 -15.93 2.19
C GLY B 322 16.11 -15.66 0.85
N ILE B 323 17.39 -15.97 0.77
CA ILE B 323 18.17 -15.81 -0.46
C ILE B 323 19.07 -17.01 -0.64
N SER B 324 19.63 -17.12 -1.85
CA SER B 324 20.57 -18.18 -2.20
C SER B 324 21.48 -17.64 -3.29
N ALA B 325 22.79 -17.66 -3.04
CA ALA B 325 23.76 -16.98 -3.91
C ALA B 325 24.31 -17.93 -4.97
N ALA B 326 25.05 -17.36 -5.92
CA ALA B 326 25.63 -18.07 -7.04
C ALA B 326 26.53 -17.11 -7.81
N GLY B 327 27.51 -17.69 -8.52
CA GLY B 327 28.42 -16.88 -9.30
C GLY B 327 28.25 -16.99 -10.81
N LYS B 328 28.71 -15.98 -11.53
CA LYS B 328 28.69 -15.96 -12.99
C LYS B 328 29.71 -14.91 -13.45
N LEU B 329 30.40 -15.19 -14.55
CA LEU B 329 31.52 -14.34 -14.97
C LEU B 329 31.28 -13.56 -16.25
N TYR B 330 30.31 -13.95 -17.08
CA TYR B 330 29.97 -13.21 -18.28
C TYR B 330 28.57 -12.63 -18.15
N PRO B 331 28.36 -11.37 -18.56
CA PRO B 331 29.35 -10.47 -19.17
C PRO B 331 30.33 -9.88 -18.18
N SER B 332 29.86 -9.69 -16.96
CA SER B 332 30.62 -9.04 -15.91
C SER B 332 30.81 -9.98 -14.74
N PRO B 333 31.93 -9.86 -14.01
CA PRO B 333 32.04 -10.56 -12.73
C PRO B 333 30.93 -10.11 -11.80
N VAL B 334 29.96 -10.99 -11.55
CA VAL B 334 28.75 -10.63 -10.82
C VAL B 334 28.40 -11.72 -9.83
N LEU B 335 27.50 -11.38 -8.91
CA LEU B 335 26.98 -12.32 -7.93
C LEU B 335 25.45 -12.33 -8.05
N MET B 336 24.89 -13.50 -8.35
CA MET B 336 23.46 -13.66 -8.60
C MET B 336 22.76 -14.06 -7.31
N VAL B 337 21.76 -13.29 -6.90
CA VAL B 337 21.04 -13.53 -5.65
C VAL B 337 19.58 -13.83 -5.97
N SER B 338 19.16 -15.06 -5.70
CA SER B 338 17.79 -15.49 -5.90
C SER B 338 17.02 -15.44 -4.58
N SER B 339 15.70 -15.24 -4.69
CA SER B 339 14.83 -15.07 -3.55
C SER B 339 14.13 -16.38 -3.20
N HIS B 340 13.89 -16.58 -1.90
CA HIS B 340 13.16 -17.77 -1.47
C HIS B 340 12.32 -17.43 -0.25
N ILE B 341 11.30 -18.26 -0.01
CA ILE B 341 10.40 -18.09 1.12
C ILE B 341 10.44 -19.37 1.94
N ILE B 342 10.80 -19.26 3.20
CA ILE B 342 10.89 -20.39 4.12
C ILE B 342 9.72 -20.28 5.10
N PHE B 343 9.23 -21.42 5.57
CA PHE B 343 8.11 -21.44 6.50
C PHE B 343 8.48 -22.09 7.81
N THR B 344 8.00 -21.49 8.89
CA THR B 344 8.28 -21.91 10.25
C THR B 344 6.95 -22.01 10.99
N MET B 345 6.90 -22.91 11.97
CA MET B 345 5.65 -23.08 12.71
C MET B 345 5.56 -22.12 13.90
N ASP B 346 6.67 -21.81 14.56
CA ASP B 346 6.65 -20.96 15.73
C ASP B 346 7.59 -19.78 15.64
N GLY B 347 8.34 -19.65 14.54
CA GLY B 347 9.31 -18.59 14.39
C GLY B 347 10.75 -19.07 14.36
N ILE B 348 11.01 -20.27 14.88
CA ILE B 348 12.37 -20.80 14.96
C ILE B 348 12.50 -22.19 14.33
N ASN B 349 11.46 -23.00 14.47
CA ASN B 349 11.54 -24.42 14.10
C ASN B 349 10.92 -24.64 12.73
N LEU B 350 11.74 -25.10 11.78
CA LEU B 350 11.25 -25.32 10.43
C LEU B 350 10.13 -26.35 10.42
N ILE B 351 9.33 -26.32 9.36
CA ILE B 351 8.30 -27.32 9.14
C ILE B 351 8.92 -28.43 8.31
N LYS B 352 9.01 -29.62 8.89
CA LYS B 352 9.79 -30.68 8.26
C LYS B 352 9.16 -31.14 6.96
N SER B 353 7.83 -31.15 6.89
CA SER B 353 7.15 -31.62 5.68
C SER B 353 7.44 -30.70 4.51
N LYS B 354 8.12 -31.23 3.49
CA LYS B 354 8.36 -30.45 2.29
C LYS B 354 7.06 -30.13 1.57
N SER B 355 6.06 -31.02 1.67
CA SER B 355 4.77 -30.77 1.03
C SER B 355 4.20 -29.42 1.43
N ILE B 356 4.30 -29.06 2.72
CA ILE B 356 3.76 -27.79 3.17
C ILE B 356 4.61 -26.62 2.66
N GLN B 357 5.93 -26.81 2.59
CA GLN B 357 6.84 -25.72 2.22
C GLN B 357 6.54 -25.17 0.84
N HIS B 358 6.19 -26.05 -0.11
CA HIS B 358 5.92 -25.57 -1.46
C HIS B 358 4.47 -25.14 -1.60
N SER B 359 3.54 -26.00 -1.18
CA SER B 359 2.11 -25.72 -1.37
C SER B 359 1.66 -24.48 -0.60
N SER B 360 2.34 -24.14 0.49
CA SER B 360 2.01 -22.92 1.23
C SER B 360 2.89 -21.74 0.83
N ARG B 361 3.93 -21.97 0.02
CA ARG B 361 4.71 -20.85 -0.49
C ARG B 361 3.98 -20.10 -1.59
N ARG B 362 3.37 -20.83 -2.51
CA ARG B 362 2.58 -20.18 -3.56
C ARG B 362 1.28 -19.60 -3.03
N LYS B 363 0.73 -20.18 -1.95
CA LYS B 363 -0.45 -19.59 -1.36
C LYS B 363 -0.15 -18.18 -0.87
N GLN B 364 1.09 -17.96 -0.42
CA GLN B 364 1.59 -16.64 -0.06
C GLN B 364 2.26 -15.94 -1.25
N GLY B 365 3.14 -16.65 -1.96
CA GLY B 365 3.96 -16.01 -2.98
C GLY B 365 3.16 -15.40 -4.11
N LYS B 366 2.06 -16.04 -4.51
CA LYS B 366 1.18 -15.48 -5.53
C LYS B 366 0.66 -14.11 -5.13
N ASN B 367 0.52 -13.86 -3.83
CA ASN B 367 -0.01 -12.59 -3.36
C ASN B 367 0.96 -11.43 -3.56
N TRP B 368 2.25 -11.70 -3.69
CA TRP B 368 3.21 -10.62 -3.85
C TRP B 368 3.34 -10.21 -5.32
N TRP B 369 3.91 -9.02 -5.53
CA TRP B 369 4.10 -8.45 -6.86
C TRP B 369 5.42 -7.68 -6.88
N ASN B 370 5.64 -6.95 -7.98
CA ASN B 370 6.94 -6.33 -8.25
C ASN B 370 7.50 -5.59 -7.04
N ASP B 371 6.64 -4.88 -6.29
CA ASP B 371 7.13 -4.05 -5.20
C ASP B 371 7.72 -4.91 -4.08
N LYS B 372 7.00 -5.95 -3.66
CA LYS B 372 7.36 -6.69 -2.45
C LYS B 372 8.55 -7.61 -2.67
N TRP B 373 8.75 -8.11 -3.89
CA TRP B 373 9.94 -8.91 -4.18
C TRP B 373 11.20 -8.08 -4.15
N ARG B 374 11.21 -6.95 -4.86
CA ARG B 374 12.39 -6.10 -4.83
C ARG B 374 12.61 -5.51 -3.45
N GLU B 375 11.52 -5.14 -2.75
CA GLU B 375 11.66 -4.53 -1.43
C GLU B 375 12.30 -5.48 -0.43
N LYS B 376 11.93 -6.75 -0.46
CA LYS B 376 12.47 -7.71 0.50
C LYS B 376 13.80 -8.29 0.07
N LEU B 377 14.05 -8.41 -1.25
CA LEU B 377 15.34 -8.89 -1.72
C LEU B 377 16.42 -7.82 -1.53
N LEU B 378 16.15 -6.60 -2.01
CA LEU B 378 17.15 -5.55 -1.88
C LEU B 378 17.39 -5.13 -0.43
N ALA B 379 16.43 -5.40 0.45
CA ALA B 379 16.66 -5.15 1.87
C ALA B 379 17.52 -6.25 2.50
N PHE B 380 17.40 -7.48 2.02
CA PHE B 380 18.10 -8.58 2.66
C PHE B 380 19.61 -8.51 2.43
N ILE B 381 20.04 -8.08 1.24
CA ILE B 381 21.48 -8.02 0.96
C ILE B 381 22.11 -6.84 1.69
N ARG B 382 21.36 -5.75 1.87
CA ARG B 382 21.83 -4.68 2.73
C ARG B 382 22.08 -5.18 4.14
N PHE B 383 21.27 -6.12 4.60
CA PHE B 383 21.46 -6.65 5.95
C PHE B 383 22.75 -7.47 6.02
N LEU B 384 23.05 -8.25 4.99
CA LEU B 384 24.26 -9.07 5.00
C LEU B 384 25.52 -8.26 4.74
N SER B 385 25.38 -7.00 4.33
CA SER B 385 26.55 -6.19 4.04
C SER B 385 27.30 -5.82 5.33
N ASP B 386 28.61 -5.64 5.19
CA ASP B 386 29.49 -5.38 6.32
C ASP B 386 29.67 -3.89 6.67
N ASP B 387 29.57 -2.98 5.70
CA ASP B 387 29.79 -1.57 6.01
C ASP B 387 28.64 -0.66 5.59
N GLN B 388 28.61 -0.21 4.33
CA GLN B 388 27.51 0.56 3.78
C GLN B 388 26.99 -0.14 2.54
N ASN B 389 27.80 -0.18 1.48
CA ASN B 389 27.45 -0.83 0.23
C ASN B 389 28.12 -2.18 0.02
N ALA B 390 29.29 -2.40 0.60
CA ALA B 390 30.10 -3.57 0.28
C ALA B 390 29.76 -4.80 1.14
N ILE B 391 30.23 -5.95 0.67
CA ILE B 391 30.24 -7.21 1.41
C ILE B 391 31.65 -7.77 1.36
N TYR B 392 32.18 -8.15 2.52
CA TYR B 392 33.50 -8.77 2.61
C TYR B 392 33.32 -10.28 2.65
N LEU B 393 33.70 -10.96 1.57
CA LEU B 393 33.78 -12.42 1.54
C LEU B 393 35.22 -12.82 1.80
N ASN B 394 35.45 -13.52 2.90
CA ASN B 394 36.80 -13.95 3.28
C ASN B 394 37.17 -15.16 2.44
N VAL B 395 38.17 -14.98 1.57
CA VAL B 395 38.78 -16.07 0.82
C VAL B 395 40.25 -16.26 1.18
N GLY B 396 40.77 -15.46 2.10
CA GLY B 396 42.12 -15.58 2.63
C GLY B 396 42.16 -14.83 3.94
N SER B 397 43.23 -15.08 4.71
CA SER B 397 43.46 -14.27 5.89
C SER B 397 43.74 -12.83 5.50
N GLU B 398 44.33 -12.62 4.31
CA GLU B 398 44.64 -11.29 3.83
C GLU B 398 44.12 -11.00 2.43
N GLU B 399 43.64 -11.99 1.70
CA GLU B 399 43.06 -11.79 0.38
C GLU B 399 41.56 -12.06 0.48
N LYS B 400 40.76 -11.04 0.17
CA LYS B 400 39.31 -11.10 0.31
C LYS B 400 38.63 -10.81 -1.02
N ILE B 401 37.37 -11.23 -1.12
CA ILE B 401 36.53 -10.92 -2.28
C ILE B 401 35.44 -9.96 -1.82
N LEU B 402 35.36 -8.82 -2.49
CA LEU B 402 34.48 -7.71 -2.11
C LEU B 402 33.32 -7.65 -3.09
N ILE B 403 32.11 -7.52 -2.59
CA ILE B 403 30.91 -7.52 -3.42
C ILE B 403 30.01 -6.36 -3.02
N SER B 404 29.48 -5.67 -4.02
CA SER B 404 28.65 -4.48 -3.81
C SER B 404 27.18 -4.88 -3.82
N ASN B 405 26.45 -4.40 -2.81
CA ASN B 405 25.04 -4.76 -2.65
C ASN B 405 24.13 -4.03 -3.63
N LYS B 406 24.60 -2.95 -4.26
CA LYS B 406 23.77 -2.17 -5.18
C LYS B 406 23.76 -2.82 -6.56
N PRO B 407 22.66 -3.46 -6.95
CA PRO B 407 22.64 -4.17 -8.24
C PRO B 407 22.63 -3.20 -9.40
N LEU B 408 23.27 -3.63 -10.49
CA LEU B 408 23.38 -2.75 -11.66
C LEU B 408 22.00 -2.54 -12.29
N LYS B 409 21.67 -1.29 -12.59
CA LYS B 409 20.36 -0.95 -13.11
C LYS B 409 20.35 -1.09 -14.62
N PHE B 410 19.14 -1.15 -15.18
CA PHE B 410 18.93 -1.25 -16.62
C PHE B 410 18.04 -0.11 -17.07
N PHE B 411 18.54 0.67 -18.01
CA PHE B 411 17.78 1.77 -18.59
C PHE B 411 16.95 1.25 -19.76
N GLY B 412 15.80 1.90 -19.97
CA GLY B 412 14.95 1.49 -21.07
C GLY B 412 13.98 2.58 -21.46
N LYS B 413 13.44 2.44 -22.66
CA LYS B 413 12.43 3.34 -23.20
C LYS B 413 11.16 2.55 -23.47
N MET B 414 10.07 3.28 -23.67
CA MET B 414 8.77 2.69 -24.01
C MET B 414 8.25 1.81 -22.87
N SER B 415 8.02 2.46 -21.73
CA SER B 415 7.39 1.80 -20.60
C SER B 415 5.88 1.72 -20.82
N TYR B 416 5.26 0.74 -20.19
CA TYR B 416 3.82 0.68 -20.16
C TYR B 416 3.26 1.70 -19.18
N VAL B 417 1.96 1.93 -19.27
CA VAL B 417 1.28 2.89 -18.42
C VAL B 417 0.78 2.15 -17.19
N THR B 418 1.26 2.55 -16.02
CA THR B 418 0.95 1.81 -14.80
C THR B 418 -0.47 2.11 -14.35
N PRO B 419 -1.28 1.08 -14.01
CA PRO B 419 -2.61 1.22 -13.41
C PRO B 419 -2.56 1.19 -11.88
N MET C 1 46.62 10.72 27.38
CA MET C 1 46.54 9.93 28.59
C MET C 1 45.19 9.18 28.62
N ARG C 2 45.04 8.24 29.56
CA ARG C 2 43.82 7.45 29.68
C ARG C 2 42.83 8.18 30.57
N ASN C 3 41.78 8.73 29.97
CA ASN C 3 40.78 9.43 30.76
C ASN C 3 39.38 8.93 30.44
N LYS C 4 39.20 8.48 29.19
CA LYS C 4 37.88 8.10 28.68
C LYS C 4 37.29 6.93 29.46
N ILE C 5 36.00 7.03 29.75
CA ILE C 5 35.25 5.97 30.42
C ILE C 5 34.41 5.28 29.35
N PHE C 6 34.65 3.98 29.18
CA PHE C 6 33.99 3.19 28.16
C PHE C 6 32.65 2.69 28.69
N ILE C 7 31.71 2.53 27.78
CA ILE C 7 30.42 1.91 28.08
C ILE C 7 30.11 0.94 26.95
N SER C 8 30.17 -0.36 27.24
CA SER C 8 29.80 -1.39 26.29
C SER C 8 28.45 -1.94 26.74
N HIS C 9 27.45 -1.82 25.87
CA HIS C 9 26.08 -2.14 26.22
C HIS C 9 25.52 -3.06 25.14
N ALA C 10 24.48 -3.80 25.51
CA ALA C 10 23.80 -4.64 24.53
C ALA C 10 22.84 -3.75 23.74
N THR C 11 23.15 -3.55 22.46
CA THR C 11 22.36 -2.80 21.50
C THR C 11 21.55 -3.76 20.65
N PRO C 12 20.25 -3.48 20.39
CA PRO C 12 19.43 -2.34 20.80
C PRO C 12 18.44 -2.59 21.93
N GLU C 13 18.61 -3.68 22.68
CA GLU C 13 17.66 -3.96 23.77
C GLU C 13 17.67 -2.84 24.80
N ASP C 14 18.85 -2.30 25.09
CA ASP C 14 19.02 -1.34 26.17
C ASP C 14 19.68 -0.04 25.68
N ASP C 15 19.48 0.31 24.40
CA ASP C 15 19.90 1.62 23.93
C ASP C 15 19.14 2.75 24.60
N ASP C 16 17.95 2.48 25.17
CA ASP C 16 17.23 3.51 25.89
C ASP C 16 17.98 3.94 27.14
N PHE C 17 18.54 2.96 27.87
CA PHE C 17 19.25 3.27 29.11
C PHE C 17 20.57 3.98 28.84
N THR C 18 21.38 3.43 27.92
CA THR C 18 22.69 3.98 27.67
C THR C 18 22.62 5.43 27.22
N ARG C 19 21.61 5.76 26.42
CA ARG C 19 21.41 7.14 25.99
C ARG C 19 21.09 8.06 27.16
N TRP C 20 20.47 7.52 28.22
CA TRP C 20 20.19 8.35 29.40
C TRP C 20 21.41 8.51 30.29
N LEU C 21 22.31 7.52 30.30
CA LEU C 21 23.44 7.52 31.22
C LEU C 21 24.62 8.29 30.66
N SER C 22 24.96 8.05 29.39
CA SER C 22 26.06 8.80 28.78
C SER C 22 25.77 10.29 28.79
N LEU C 23 24.55 10.69 28.45
CA LEU C 23 24.21 12.11 28.45
C LEU C 23 24.20 12.68 29.86
N LYS C 24 23.74 11.93 30.85
CA LYS C 24 23.81 12.40 32.23
C LYS C 24 25.27 12.55 32.66
N LEU C 25 26.14 11.67 32.18
CA LEU C 25 27.53 11.64 32.64
C LEU C 25 28.39 12.66 31.88
N ILE C 26 28.22 12.77 30.56
CA ILE C 26 29.01 13.72 29.79
C ILE C 26 28.79 15.14 30.27
N GLY C 27 27.57 15.46 30.73
CA GLY C 27 27.32 16.79 31.27
C GLY C 27 27.92 17.00 32.65
N LEU C 28 28.01 15.95 33.45
CA LEU C 28 28.62 16.04 34.77
C LEU C 28 30.14 16.10 34.73
N GLY C 29 30.75 16.26 33.56
CA GLY C 29 32.17 16.49 33.44
C GLY C 29 33.00 15.30 33.03
N TYR C 30 32.38 14.20 32.62
CA TYR C 30 33.08 12.97 32.29
C TYR C 30 33.10 12.79 30.77
N GLU C 31 34.24 12.35 30.25
CA GLU C 31 34.40 12.11 28.81
C GLU C 31 34.17 10.63 28.53
N VAL C 32 32.98 10.30 28.05
CA VAL C 32 32.53 8.93 27.94
C VAL C 32 32.65 8.45 26.50
N TRP C 33 32.57 7.14 26.30
CA TRP C 33 32.70 6.53 24.98
C TRP C 33 31.75 5.35 24.94
N CYS C 34 30.80 5.36 23.99
CA CYS C 34 29.97 4.18 23.79
C CYS C 34 29.44 4.20 22.36
N ASP C 35 29.13 3.00 21.85
CA ASP C 35 28.74 2.80 20.45
C ASP C 35 27.31 3.18 20.14
N ILE C 36 26.55 3.73 21.09
CA ILE C 36 25.28 4.36 20.74
C ILE C 36 25.43 5.85 20.40
N LEU C 37 26.57 6.47 20.75
CA LEU C 37 26.72 7.91 20.59
C LEU C 37 27.21 8.31 19.21
N PHE C 38 28.07 7.52 18.58
CA PHE C 38 28.61 7.88 17.28
C PHE C 38 28.16 6.90 16.22
N LEU C 39 27.70 7.43 15.09
CA LEU C 39 27.35 6.66 13.91
C LEU C 39 28.63 6.42 13.10
N ASP C 40 28.93 5.16 12.86
CA ASP C 40 30.25 4.75 12.38
C ASP C 40 30.13 4.40 10.90
N LYS C 41 30.87 5.15 10.07
CA LYS C 41 31.00 4.83 8.66
C LYS C 41 32.23 4.00 8.35
N GLY C 42 33.26 4.06 9.20
CA GLY C 42 34.45 3.25 8.99
C GLY C 42 34.08 1.78 8.87
N VAL C 43 34.60 1.11 7.84
CA VAL C 43 34.20 -0.27 7.58
C VAL C 43 34.58 -1.18 8.73
N ASP C 44 35.67 -0.86 9.42
CA ASP C 44 36.17 -1.64 10.54
C ASP C 44 35.75 -0.93 11.82
N PHE C 45 34.70 -1.46 12.45
CA PHE C 45 34.19 -0.85 13.68
C PHE C 45 34.98 -1.31 14.90
N TRP C 46 35.45 -2.55 14.89
CA TRP C 46 36.14 -3.09 16.06
C TRP C 46 37.52 -2.49 16.23
N SER C 47 38.24 -2.23 15.14
CA SER C 47 39.59 -1.66 15.28
C SER C 47 39.58 -0.35 16.05
N THR C 48 38.47 0.39 16.00
CA THR C 48 38.37 1.64 16.74
C THR C 48 38.14 1.39 18.23
N ILE C 49 37.24 0.48 18.58
CA ILE C 49 36.93 0.25 19.99
C ILE C 49 38.11 -0.44 20.68
N GLU C 50 38.60 -1.52 20.09
CA GLU C 50 39.68 -2.29 20.70
C GLU C 50 40.86 -1.40 21.04
N LYS C 51 41.16 -0.43 20.19
CA LYS C 51 42.17 0.57 20.51
C LYS C 51 41.75 1.36 21.74
N GLU C 52 40.55 1.97 21.69
CA GLU C 52 40.05 2.83 22.74
C GLU C 52 39.70 2.08 24.02
N ILE C 53 39.64 0.75 24.00
CA ILE C 53 39.35 0.04 25.25
C ILE C 53 40.62 -0.12 26.08
N ARG C 54 41.77 -0.31 25.44
CA ARG C 54 42.99 -0.50 26.21
C ARG C 54 43.75 0.80 26.45
N GLU C 55 43.86 1.66 25.44
CA GLU C 55 44.82 2.76 25.46
C GLU C 55 44.31 4.04 26.11
N ASN C 56 43.09 4.47 25.82
CA ASN C 56 42.59 5.75 26.32
C ASN C 56 41.61 5.58 27.47
N THR C 57 41.30 4.34 27.84
CA THR C 57 40.24 4.05 28.79
C THR C 57 40.74 4.04 30.23
N CYS C 58 40.06 4.80 31.08
CA CYS C 58 40.32 4.81 32.52
C CYS C 58 39.40 3.87 33.29
N LYS C 59 38.17 3.68 32.83
CA LYS C 59 37.24 2.73 33.42
C LYS C 59 36.41 2.06 32.33
N PHE C 60 35.95 0.84 32.64
CA PHE C 60 35.18 0.01 31.72
C PHE C 60 33.81 -0.19 32.34
N LEU C 61 32.76 0.17 31.60
CA LEU C 61 31.40 0.03 32.09
C LEU C 61 30.64 -0.94 31.19
N ILE C 62 30.01 -1.93 31.82
CA ILE C 62 29.33 -3.00 31.10
C ILE C 62 27.92 -3.14 31.66
N VAL C 63 26.95 -3.27 30.76
CA VAL C 63 25.53 -3.31 31.12
C VAL C 63 25.15 -4.77 31.34
N SER C 64 24.94 -5.15 32.60
CA SER C 64 24.55 -6.52 32.94
C SER C 64 23.04 -6.60 32.79
N SER C 65 22.61 -6.82 31.55
CA SER C 65 21.22 -6.89 31.18
C SER C 65 20.88 -8.34 30.85
N THR C 66 19.62 -8.56 30.49
CA THR C 66 19.21 -9.89 30.06
C THR C 66 20.14 -10.41 28.98
N ALA C 67 20.23 -9.68 27.88
CA ALA C 67 21.11 -10.05 26.78
C ALA C 67 22.54 -9.60 27.00
N GLY C 68 22.85 -8.93 28.10
CA GLY C 68 24.21 -8.53 28.37
C GLY C 68 25.14 -9.72 28.49
N ASN C 69 24.72 -10.74 29.25
CA ASN C 69 25.53 -11.94 29.38
C ASN C 69 25.65 -12.65 28.05
N LYS C 70 24.55 -12.70 27.30
CA LYS C 70 24.43 -13.51 26.10
C LYS C 70 24.95 -12.80 24.86
N ARG C 71 25.04 -11.47 24.88
CA ARG C 71 25.42 -10.73 23.69
C ARG C 71 26.83 -11.12 23.24
N GLU C 72 26.98 -11.37 21.94
CA GLU C 72 28.28 -11.76 21.42
C GLU C 72 29.30 -10.64 21.59
N GLY C 73 29.01 -9.48 21.00
CA GLY C 73 29.98 -8.39 21.01
C GLY C 73 30.43 -8.02 22.40
N VAL C 74 29.51 -8.07 23.37
CA VAL C 74 29.84 -7.63 24.72
C VAL C 74 30.83 -8.59 25.36
N LEU C 75 30.63 -9.90 25.18
CA LEU C 75 31.53 -10.85 25.82
C LEU C 75 32.95 -10.79 25.27
N LYS C 76 33.11 -10.37 24.01
CA LYS C 76 34.45 -10.17 23.46
C LYS C 76 34.96 -8.75 23.72
N GLU C 77 34.08 -7.76 23.74
CA GLU C 77 34.46 -6.43 24.21
C GLU C 77 34.87 -6.49 25.67
N LEU C 78 34.14 -7.28 26.47
CA LEU C 78 34.50 -7.46 27.87
C LEU C 78 35.83 -8.20 28.01
N ALA C 79 36.20 -8.99 26.99
CA ALA C 79 37.48 -9.69 27.03
C ALA C 79 38.63 -8.71 27.09
N VAL C 80 38.61 -7.70 26.21
CA VAL C 80 39.73 -6.76 26.12
C VAL C 80 39.90 -6.01 27.43
N ALA C 81 38.80 -5.76 28.14
CA ALA C 81 38.89 -5.10 29.43
C ALA C 81 39.64 -5.96 30.43
N THR C 82 39.45 -7.28 30.36
CA THR C 82 40.19 -8.17 31.24
C THR C 82 41.67 -8.23 30.88
N LYS C 83 42.05 -7.76 29.69
CA LYS C 83 43.46 -7.65 29.35
C LYS C 83 44.10 -6.43 30.02
N VAL C 84 43.34 -5.34 30.13
CA VAL C 84 43.86 -4.14 30.79
C VAL C 84 43.69 -4.22 32.30
N LYS C 85 42.64 -4.90 32.77
CA LYS C 85 42.45 -5.05 34.20
C LYS C 85 43.66 -5.71 34.85
N LYS C 86 44.30 -6.64 34.13
CA LYS C 86 45.52 -7.28 34.62
C LYS C 86 46.77 -6.46 34.31
N HIS C 87 46.71 -5.54 33.34
CA HIS C 87 47.92 -4.82 32.98
C HIS C 87 48.29 -3.78 34.02
N LEU C 88 47.39 -2.86 34.33
CA LEU C 88 47.65 -1.94 35.43
C LEU C 88 47.24 -2.51 36.78
N GLN C 89 46.55 -3.66 36.78
CA GLN C 89 46.25 -4.41 38.00
C GLN C 89 45.36 -3.61 38.95
N ASP C 90 44.24 -3.13 38.42
CA ASP C 90 43.28 -2.33 39.16
C ASP C 90 42.08 -3.21 39.52
N ASP C 91 41.73 -3.23 40.81
CA ASP C 91 40.66 -4.12 41.28
C ASP C 91 39.32 -3.73 40.68
N MET C 92 39.06 -2.43 40.58
CA MET C 92 37.79 -1.92 40.06
C MET C 92 37.95 -1.28 38.69
N PHE C 93 38.86 -1.79 37.86
CA PHE C 93 38.90 -1.31 36.48
C PHE C 93 37.62 -1.65 35.74
N ILE C 94 37.09 -2.85 35.96
CA ILE C 94 35.88 -3.32 35.31
C ILE C 94 34.74 -3.17 36.31
N ILE C 95 33.76 -2.34 35.99
CA ILE C 95 32.65 -2.03 36.87
C ILE C 95 31.34 -2.33 36.14
N PRO C 96 30.47 -3.18 36.69
CA PRO C 96 29.21 -3.51 36.01
C PRO C 96 28.04 -2.67 36.49
N LEU C 97 26.99 -2.58 35.68
CA LEU C 97 25.76 -1.87 36.03
C LEU C 97 24.59 -2.85 36.01
N ALA C 98 24.05 -3.17 37.18
CA ALA C 98 22.93 -4.11 37.29
C ALA C 98 21.63 -3.33 37.14
N ILE C 99 20.98 -3.50 35.99
CA ILE C 99 19.74 -2.79 35.72
C ILE C 99 18.54 -3.72 35.58
N ASP C 100 18.75 -5.00 35.26
CA ASP C 100 17.64 -5.92 35.02
C ASP C 100 17.30 -6.71 36.28
N GLU C 101 16.01 -6.95 36.48
CA GLU C 101 15.53 -7.73 37.61
C GLU C 101 15.45 -9.21 37.31
N ASN C 102 15.12 -9.58 36.06
CA ASN C 102 14.82 -10.98 35.77
C ASN C 102 16.02 -11.88 35.98
N LEU C 103 17.23 -11.39 35.71
CA LEU C 103 18.44 -12.19 35.89
C LEU C 103 18.75 -12.31 37.38
N SER C 104 18.61 -13.51 37.93
CA SER C 104 18.95 -13.80 39.31
C SER C 104 20.47 -13.95 39.47
N TYR C 105 20.88 -14.45 40.64
CA TYR C 105 22.30 -14.63 40.91
C TYR C 105 22.94 -15.68 40.00
N ASP C 106 22.16 -16.66 39.54
CA ASP C 106 22.76 -17.80 38.84
C ASP C 106 23.18 -17.46 37.42
N ASP C 107 22.27 -16.87 36.62
CA ASP C 107 22.49 -16.75 35.19
C ASP C 107 23.59 -15.75 34.84
N ILE C 108 24.03 -14.90 35.77
CA ILE C 108 25.02 -13.88 35.44
C ILE C 108 26.33 -14.54 35.05
N ASN C 109 27.00 -13.95 34.06
CA ASN C 109 28.26 -14.51 33.56
C ASN C 109 29.30 -14.55 34.68
N ILE C 110 30.03 -15.67 34.75
CA ILE C 110 30.97 -15.88 35.84
C ILE C 110 32.13 -14.90 35.77
N GLU C 111 32.33 -14.25 34.62
CA GLU C 111 33.36 -13.22 34.51
C GLU C 111 33.08 -12.05 35.44
N ILE C 112 31.81 -11.82 35.78
CA ILE C 112 31.40 -10.64 36.52
C ILE C 112 30.66 -10.98 37.82
N VAL C 113 30.24 -12.23 38.01
CA VAL C 113 29.48 -12.60 39.21
C VAL C 113 30.23 -12.18 40.46
N ARG C 114 31.52 -12.51 40.53
CA ARG C 114 32.28 -12.18 41.72
C ARG C 114 32.58 -10.69 41.83
N LEU C 115 32.31 -9.90 40.78
CA LEU C 115 32.60 -8.48 40.85
C LEU C 115 31.60 -7.76 41.74
N ASN C 116 32.11 -6.82 42.54
CA ASN C 116 31.25 -5.98 43.37
C ASN C 116 30.45 -5.07 42.46
N ALA C 117 29.15 -5.33 42.32
CA ALA C 117 28.33 -4.66 41.34
C ALA C 117 27.83 -3.32 41.88
N ILE C 118 27.09 -2.60 41.03
CA ILE C 118 26.47 -1.32 41.38
C ILE C 118 24.99 -1.42 41.05
N ASP C 119 24.15 -1.20 42.07
CA ASP C 119 22.72 -1.46 41.98
C ASP C 119 22.01 -0.31 41.25
N PHE C 120 21.42 -0.63 40.10
CA PHE C 120 20.55 0.29 39.37
C PHE C 120 19.11 -0.18 39.29
N LYS C 121 18.79 -1.35 39.84
CA LYS C 121 17.48 -1.96 39.62
C LYS C 121 16.38 -1.16 40.30
N LYS C 122 16.66 -0.62 41.49
CA LYS C 122 15.64 0.02 42.29
C LYS C 122 15.41 1.47 41.88
N SER C 123 16.45 2.30 41.99
CA SER C 123 16.35 3.73 41.70
C SER C 123 17.62 4.17 41.00
N TRP C 124 17.46 4.85 39.86
CA TRP C 124 18.60 5.20 39.03
C TRP C 124 19.48 6.25 39.69
N ALA C 125 18.86 7.19 40.43
CA ALA C 125 19.63 8.23 41.09
C ALA C 125 20.42 7.68 42.27
N LYS C 126 19.74 6.97 43.18
CA LYS C 126 20.41 6.39 44.34
C LYS C 126 21.55 5.46 43.92
N GLY C 127 21.54 4.99 42.68
CA GLY C 127 22.66 4.26 42.11
C GLY C 127 23.69 5.15 41.45
N LEU C 128 23.25 6.18 40.73
CA LEU C 128 24.19 7.07 40.05
C LEU C 128 25.12 7.75 41.05
N GLN C 129 24.57 8.22 42.17
CA GLN C 129 25.42 8.73 43.25
C GLN C 129 26.22 7.60 43.89
N ASP C 130 25.61 6.42 44.02
CA ASP C 130 26.37 5.25 44.45
C ASP C 130 27.42 4.86 43.41
N LEU C 131 27.27 5.32 42.17
CA LEU C 131 28.26 5.05 41.13
C LEU C 131 29.36 6.10 41.07
N LEU C 132 29.01 7.38 41.03
CA LEU C 132 30.08 8.36 40.87
C LEU C 132 30.76 8.69 42.19
N ASP C 133 30.28 8.12 43.29
CA ASP C 133 31.06 8.14 44.52
C ASP C 133 32.25 7.18 44.43
N ALA C 134 32.06 6.04 43.76
CA ALA C 134 33.21 5.17 43.51
C ALA C 134 34.14 5.81 42.49
N PHE C 135 33.59 6.57 41.55
CA PHE C 135 34.39 7.42 40.68
C PHE C 135 35.03 8.56 41.46
N GLU C 136 34.50 8.84 42.66
CA GLU C 136 35.01 9.90 43.52
C GLU C 136 35.97 9.38 44.59
N LYS C 137 35.79 8.15 45.06
CA LYS C 137 36.74 7.56 46.00
C LYS C 137 38.01 7.07 45.31
N GLN C 138 37.95 6.81 44.01
CA GLN C 138 39.14 6.61 43.19
C GLN C 138 39.24 7.82 42.28
N ASN C 139 40.41 8.44 42.25
CA ASN C 139 40.52 9.71 41.54
C ASN C 139 40.45 9.49 40.03
N VAL C 140 39.26 9.58 39.47
CA VAL C 140 39.04 9.43 38.03
C VAL C 140 39.20 10.79 37.39
N PRO C 141 40.14 10.98 36.46
CA PRO C 141 40.40 12.31 35.91
C PRO C 141 39.23 12.88 35.12
N LYS C 142 38.62 13.96 35.62
CA LYS C 142 37.40 14.51 35.03
C LYS C 142 37.41 16.03 35.09
N LYS C 143 37.07 16.66 33.97
CA LYS C 143 37.06 18.11 33.87
C LYS C 143 35.81 18.70 34.53
N PRO C 144 35.81 19.99 34.83
CA PRO C 144 34.66 20.63 35.49
C PRO C 144 33.40 20.53 34.65
N PRO C 145 32.24 20.61 35.29
CA PRO C 145 30.98 20.31 34.59
C PRO C 145 30.59 21.38 33.57
N ASP C 146 30.14 20.91 32.41
CA ASP C 146 29.54 21.78 31.39
C ASP C 146 28.38 21.01 30.76
N HIS C 147 27.16 21.34 31.16
CA HIS C 147 25.98 20.76 30.53
C HIS C 147 25.66 21.42 29.21
N SER C 148 26.49 22.39 28.78
CA SER C 148 26.32 23.02 27.48
C SER C 148 26.60 22.03 26.36
N LYS C 149 27.56 21.13 26.56
CA LYS C 149 27.88 20.10 25.57
C LYS C 149 26.97 18.88 25.69
N SER C 150 26.26 18.74 26.81
CA SER C 150 25.42 17.57 27.04
C SER C 150 24.40 17.40 25.91
N ASN C 151 23.43 18.32 25.82
CA ASN C 151 22.42 18.20 24.78
C ASN C 151 22.94 18.60 23.41
N LEU C 152 24.15 19.15 23.34
CA LEU C 152 24.73 19.49 22.04
C LEU C 152 24.97 18.23 21.23
N LEU C 153 25.26 17.11 21.88
CA LEU C 153 25.17 15.82 21.21
C LEU C 153 23.70 15.46 20.96
N TYR C 154 22.87 15.61 21.99
CA TYR C 154 21.45 15.25 21.86
C TYR C 154 20.80 15.94 20.66
N GLN C 155 21.11 17.22 20.44
CA GLN C 155 20.64 17.89 19.24
C GLN C 155 21.40 17.45 17.99
N GLN C 156 22.63 16.96 18.15
CA GLN C 156 23.43 16.52 17.01
C GLN C 156 23.29 15.04 16.71
N ILE C 157 23.08 14.20 17.73
CA ILE C 157 23.18 12.76 17.55
C ILE C 157 21.85 12.15 17.16
N PHE C 158 20.78 12.48 17.88
CA PHE C 158 19.46 11.89 17.66
C PHE C 158 18.56 12.77 16.80
N LEU C 159 18.55 14.07 17.04
CA LEU C 159 17.68 14.96 16.29
C LEU C 159 18.17 15.23 14.85
N HIS C 160 19.31 14.70 14.42
CA HIS C 160 19.76 14.99 13.07
C HIS C 160 18.84 14.34 12.04
N ASP C 161 18.40 13.10 12.31
CA ASP C 161 17.48 12.43 11.40
C ASP C 161 16.08 13.02 11.49
N LYS C 162 15.71 13.54 12.66
CA LYS C 162 14.35 13.98 12.94
C LYS C 162 14.33 15.50 13.08
N GLN C 163 14.31 16.19 11.96
CA GLN C 163 14.24 17.65 11.97
C GLN C 163 13.62 18.17 10.69
N ALA C 164 13.38 19.48 10.66
CA ALA C 164 12.65 20.13 9.58
C ALA C 164 13.62 20.49 8.45
N ILE C 165 13.56 19.73 7.35
CA ILE C 165 14.37 20.07 6.19
C ILE C 165 13.89 21.40 5.60
N GLU C 166 14.61 21.87 4.59
CA GLU C 166 14.26 23.09 3.87
C GLU C 166 13.61 22.80 2.53
N LYS C 167 13.17 21.55 2.31
CA LYS C 167 12.60 21.16 1.02
C LYS C 167 11.23 21.78 0.81
N GLU C 168 11.05 22.45 -0.32
CA GLU C 168 9.76 23.04 -0.66
C GLU C 168 8.80 21.98 -1.17
N GLU C 169 7.52 22.17 -0.88
CA GLU C 169 6.47 21.28 -1.36
C GLU C 169 5.14 22.04 -1.36
N THR C 170 4.14 21.44 -2.02
CA THR C 170 2.86 22.08 -2.26
C THR C 170 1.74 21.41 -1.46
N TYR C 171 0.83 22.22 -0.94
CA TYR C 171 -0.35 21.74 -0.23
C TYR C 171 -1.62 22.16 -0.97
N ASP C 172 -2.60 21.26 -1.00
CA ASP C 172 -3.92 21.56 -1.52
C ASP C 172 -4.83 22.04 -0.40
N SER C 173 -5.82 22.85 -0.76
CA SER C 173 -6.78 23.39 0.18
C SER C 173 -8.14 22.73 -0.04
N ASN C 174 -9.07 23.05 0.85
CA ASN C 174 -10.47 22.70 0.65
C ASN C 174 -11.28 23.92 0.24
N TRP C 175 -10.60 25.03 -0.06
CA TRP C 175 -11.22 26.21 -0.61
C TRP C 175 -11.21 26.10 -2.12
N PHE C 176 -12.39 26.12 -2.72
CA PHE C 176 -12.53 25.95 -4.16
C PHE C 176 -12.96 27.27 -4.76
N PRO C 177 -12.19 27.84 -5.68
CA PRO C 177 -12.45 29.21 -6.13
C PRO C 177 -13.65 29.27 -7.05
N ILE C 178 -14.33 30.41 -6.99
CA ILE C 178 -15.45 30.70 -7.88
C ILE C 178 -14.87 31.30 -9.16
N ILE C 179 -15.15 30.67 -10.30
CA ILE C 179 -14.68 31.21 -11.57
C ILE C 179 -15.35 32.54 -11.85
N SER C 180 -16.67 32.53 -12.01
CA SER C 180 -17.37 33.72 -12.43
C SER C 180 -18.85 33.63 -12.05
N PHE C 181 -19.41 34.76 -11.66
CA PHE C 181 -20.81 34.93 -11.36
C PHE C 181 -21.60 35.27 -12.63
N PRO C 182 -22.92 35.43 -12.54
CA PRO C 182 -23.65 36.15 -13.58
C PRO C 182 -23.30 37.64 -13.57
N ASN C 183 -23.72 38.33 -14.63
CA ASN C 183 -23.36 39.73 -14.82
C ASN C 183 -23.82 40.60 -13.65
N GLU C 184 -25.13 40.63 -13.40
CA GLU C 184 -25.72 41.57 -12.46
C GLU C 184 -26.59 40.82 -11.45
N LEU C 185 -26.68 41.40 -10.26
CA LEU C 185 -27.59 40.94 -9.21
C LEU C 185 -28.84 41.81 -9.23
N ARG C 186 -30.00 41.17 -9.30
CA ARG C 186 -31.24 41.86 -9.61
C ARG C 186 -32.18 41.92 -8.41
N PHE C 187 -32.82 43.07 -8.26
CA PHE C 187 -33.88 43.29 -7.27
C PHE C 187 -35.18 43.52 -8.03
N HIS C 188 -36.28 43.04 -7.48
CA HIS C 188 -37.58 43.12 -8.15
C HIS C 188 -38.62 43.66 -7.20
N ARG C 189 -39.39 44.66 -7.65
CA ARG C 189 -40.51 45.16 -6.87
C ARG C 189 -41.71 44.25 -7.07
N TYR C 190 -41.67 43.10 -6.41
CA TYR C 190 -42.77 42.15 -6.43
C TYR C 190 -43.61 42.40 -5.18
N ASP C 191 -44.32 43.52 -5.21
CA ASP C 191 -45.09 43.96 -4.06
C ASP C 191 -46.38 43.16 -3.93
N TRP C 192 -47.38 43.48 -4.75
CA TRP C 192 -48.64 42.77 -4.73
C TRP C 192 -48.64 41.56 -5.64
N ARG C 193 -47.65 41.43 -6.51
CA ARG C 193 -47.62 40.31 -7.46
C ARG C 193 -47.31 39.00 -6.74
N LEU C 194 -46.47 39.03 -5.70
CA LEU C 194 -46.21 37.88 -4.85
C LEU C 194 -46.83 38.09 -3.47
N PRO C 195 -47.61 37.15 -2.96
CA PRO C 195 -48.23 37.35 -1.65
C PRO C 195 -47.20 37.34 -0.53
N LYS C 196 -47.46 38.15 0.50
CA LYS C 196 -46.54 38.22 1.64
C LYS C 196 -46.35 36.88 2.34
N GLN C 197 -47.36 36.01 2.29
CA GLN C 197 -47.32 34.73 2.99
C GLN C 197 -46.72 33.59 2.17
N PHE C 198 -46.26 33.85 0.95
CA PHE C 198 -45.65 32.81 0.13
C PHE C 198 -44.18 32.72 0.47
N ASP C 199 -43.76 31.55 0.93
CA ASP C 199 -42.36 31.30 1.22
C ASP C 199 -41.60 31.02 -0.07
N VAL C 200 -40.39 31.60 -0.18
CA VAL C 200 -39.64 31.61 -1.43
C VAL C 200 -38.76 30.38 -1.62
N ARG C 201 -38.68 29.48 -0.64
CA ARG C 201 -37.83 28.30 -0.77
C ARG C 201 -38.30 27.36 -1.87
N THR C 202 -39.58 27.42 -2.23
CA THR C 202 -40.15 26.54 -3.26
C THR C 202 -39.78 26.98 -4.67
N LEU C 203 -39.17 28.14 -4.82
CA LEU C 203 -39.05 28.80 -6.12
C LEU C 203 -38.31 27.96 -7.17
N ALA C 204 -37.52 26.98 -6.75
CA ALA C 204 -36.61 26.21 -7.60
C ALA C 204 -35.47 27.08 -8.15
N PHE C 205 -35.48 28.38 -7.88
CA PHE C 205 -34.41 29.30 -8.25
C PHE C 205 -34.17 30.23 -7.06
N PRO C 206 -32.96 30.75 -6.92
CA PRO C 206 -32.60 31.47 -5.68
C PRO C 206 -33.26 32.83 -5.58
N ALA C 207 -33.95 33.07 -4.46
CA ALA C 207 -34.61 34.34 -4.19
C ALA C 207 -34.67 34.58 -2.70
N ILE C 208 -34.21 35.75 -2.26
CA ILE C 208 -34.24 36.14 -0.85
C ILE C 208 -34.96 37.47 -0.74
N ARG C 209 -36.05 37.50 0.02
CA ARG C 209 -36.83 38.72 0.17
C ARG C 209 -36.05 39.80 0.90
N TYR C 210 -36.04 41.00 0.33
CA TYR C 210 -35.50 42.19 0.95
C TYR C 210 -36.68 43.01 1.49
N LYS C 211 -36.41 44.24 1.95
CA LYS C 211 -37.47 45.06 2.54
C LYS C 211 -38.67 45.20 1.59
N GLU C 212 -38.40 45.55 0.33
CA GLU C 212 -39.45 45.60 -0.68
C GLU C 212 -39.21 44.63 -1.83
N TYR C 213 -37.99 44.14 -2.00
CA TYR C 213 -37.60 43.39 -3.18
C TYR C 213 -37.15 41.99 -2.78
N LEU C 214 -36.80 41.19 -3.79
CA LEU C 214 -36.18 39.88 -3.58
C LEU C 214 -34.97 39.81 -4.51
N CYS C 215 -33.77 39.72 -3.93
CA CYS C 215 -32.56 39.72 -4.74
C CYS C 215 -32.35 38.34 -5.35
N THR C 216 -32.00 38.31 -6.63
CA THR C 216 -31.85 37.06 -7.34
C THR C 216 -31.02 37.30 -8.59
N PHE C 217 -30.34 36.24 -9.03
CA PHE C 217 -29.64 36.29 -10.30
C PHE C 217 -30.59 36.05 -11.46
N ALA C 218 -31.63 35.27 -11.26
CA ALA C 218 -32.64 35.06 -12.29
C ALA C 218 -33.26 36.38 -12.70
N TRP C 219 -33.70 36.44 -13.96
CA TRP C 219 -34.32 37.63 -14.49
C TRP C 219 -35.75 37.76 -13.95
N GLU C 220 -36.33 38.96 -14.09
CA GLU C 220 -37.67 39.18 -13.57
C GLU C 220 -38.72 38.33 -14.27
N TYR C 221 -38.48 38.01 -15.55
CA TYR C 221 -39.36 37.18 -16.35
C TYR C 221 -39.02 35.70 -16.27
N ASP C 222 -38.16 35.29 -15.34
CA ASP C 222 -37.58 33.95 -15.39
C ASP C 222 -38.58 32.86 -14.97
N PHE C 223 -39.21 33.02 -13.81
CA PHE C 223 -40.17 32.04 -13.31
C PHE C 223 -41.58 32.51 -13.66
N ILE C 224 -42.26 31.75 -14.52
CA ILE C 224 -43.63 32.05 -14.90
C ILE C 224 -44.60 31.04 -14.32
N HIS C 225 -44.25 29.74 -14.32
CA HIS C 225 -45.18 28.73 -13.83
C HIS C 225 -45.28 28.73 -12.31
N GLN C 226 -44.13 28.83 -11.61
CA GLN C 226 -44.18 28.85 -10.14
C GLN C 226 -44.90 30.08 -9.65
N LEU C 227 -44.68 31.21 -10.31
CA LEU C 227 -45.33 32.45 -9.92
C LEU C 227 -45.94 33.11 -11.14
N PRO C 228 -47.26 33.12 -11.26
CA PRO C 228 -47.89 33.98 -12.26
C PRO C 228 -47.76 35.43 -11.78
N LYS C 229 -48.32 36.38 -12.51
CA LYS C 229 -48.22 37.82 -12.25
C LYS C 229 -46.81 38.34 -12.49
N THR C 230 -45.93 37.57 -13.13
CA THR C 230 -44.68 38.13 -13.62
C THR C 230 -44.85 38.84 -14.96
N GLU C 231 -45.77 38.36 -15.79
CA GLU C 231 -46.00 38.97 -17.10
C GLU C 231 -46.37 40.45 -16.97
N THR C 232 -46.87 40.87 -15.81
CA THR C 232 -47.18 42.27 -15.57
C THR C 232 -45.95 43.10 -15.26
N TYR C 233 -44.83 42.48 -14.88
CA TYR C 233 -43.68 43.25 -14.43
C TYR C 233 -42.98 43.94 -15.59
N ASN C 234 -42.53 45.16 -15.35
CA ASN C 234 -41.78 45.94 -16.32
C ASN C 234 -40.31 45.97 -15.91
N GLY C 235 -39.42 46.01 -16.91
CA GLY C 235 -38.01 45.89 -16.63
C GLY C 235 -37.38 47.13 -16.02
N GLN C 236 -37.98 48.31 -16.24
CA GLN C 236 -37.43 49.52 -15.65
C GLN C 236 -37.71 49.61 -14.16
N GLU C 237 -38.67 48.84 -13.66
CA GLU C 237 -38.92 48.79 -12.22
C GLU C 237 -37.88 47.97 -11.49
N SER C 238 -37.17 47.08 -12.19
CA SER C 238 -36.14 46.26 -11.57
C SER C 238 -34.87 47.07 -11.34
N ILE C 239 -34.29 46.91 -10.16
CA ILE C 239 -33.03 47.53 -9.79
C ILE C 239 -31.89 46.53 -9.99
N ARG C 240 -30.90 46.90 -10.80
CA ARG C 240 -29.76 46.04 -11.08
C ARG C 240 -28.50 46.58 -10.41
N ILE C 241 -27.62 45.65 -10.02
CA ILE C 241 -26.31 45.96 -9.45
C ILE C 241 -25.29 45.03 -10.10
N SER C 242 -24.18 45.61 -10.57
CA SER C 242 -23.10 44.80 -11.13
C SER C 242 -22.50 43.93 -10.03
N THR C 243 -22.15 42.70 -10.40
CA THR C 243 -21.61 41.75 -9.43
C THR C 243 -20.28 42.21 -8.86
N SER C 244 -19.32 42.51 -9.74
CA SER C 244 -17.96 42.85 -9.33
C SER C 244 -17.83 44.24 -8.71
N ASP C 245 -18.89 45.06 -8.76
CA ASP C 245 -18.81 46.33 -8.04
C ASP C 245 -18.89 46.07 -6.54
N ILE C 246 -19.55 44.99 -6.14
CA ILE C 246 -19.76 44.69 -4.73
C ILE C 246 -18.48 44.17 -4.10
N LEU C 247 -17.91 43.12 -4.69
CA LEU C 247 -16.78 42.42 -4.07
C LEU C 247 -15.52 43.27 -4.05
N SER C 248 -15.46 44.31 -4.86
CA SER C 248 -14.38 45.29 -4.77
C SER C 248 -14.65 46.34 -3.71
N GLY C 249 -15.76 46.24 -2.98
CA GLY C 249 -16.13 47.21 -1.99
C GLY C 249 -16.57 48.56 -2.56
N ARG C 250 -16.62 48.70 -3.88
CA ARG C 250 -16.93 49.99 -4.50
C ARG C 250 -18.39 50.41 -4.28
N TYR C 251 -19.31 49.45 -4.26
CA TYR C 251 -20.73 49.76 -4.20
C TYR C 251 -21.16 49.96 -2.75
N ASP C 252 -21.84 51.07 -2.49
CA ASP C 252 -22.47 51.31 -1.18
C ASP C 252 -23.50 52.40 -1.36
N THR C 253 -24.69 52.21 -0.79
CA THR C 253 -25.79 53.18 -0.91
C THR C 253 -26.43 53.39 0.45
N ASP C 254 -27.40 54.32 0.49
CA ASP C 254 -28.13 54.61 1.71
C ASP C 254 -29.22 53.59 1.99
N PHE C 255 -29.75 52.94 0.96
CA PHE C 255 -30.79 51.94 1.12
C PHE C 255 -30.23 50.52 1.23
N ILE C 256 -29.03 50.28 0.71
CA ILE C 256 -28.34 49.02 0.96
C ILE C 256 -26.84 49.30 1.03
N ARG C 257 -26.20 48.78 2.06
CA ARG C 257 -24.78 48.93 2.31
C ARG C 257 -24.04 47.68 1.83
N ASN C 258 -22.73 47.84 1.58
CA ASN C 258 -21.95 46.77 0.95
C ASN C 258 -21.90 45.53 1.83
N TYR C 259 -21.77 45.70 3.14
CA TYR C 259 -21.71 44.55 4.03
C TYR C 259 -23.01 43.74 4.02
N GLU C 260 -24.10 44.31 3.52
CA GLU C 260 -25.34 43.57 3.36
C GLU C 260 -25.35 42.76 2.06
N CYS C 261 -24.87 43.35 0.96
CA CYS C 261 -24.82 42.64 -0.32
C CYS C 261 -23.91 41.42 -0.26
N GLN C 262 -22.70 41.58 0.28
CA GLN C 262 -21.78 40.45 0.39
C GLN C 262 -22.42 39.26 1.08
N ARG C 263 -23.31 39.53 2.04
CA ARG C 263 -24.05 38.46 2.69
C ARG C 263 -25.19 37.94 1.82
N LEU C 264 -25.75 38.80 0.97
CA LEU C 264 -26.87 38.37 0.14
C LEU C 264 -26.43 37.27 -0.81
N ILE C 265 -25.29 37.47 -1.47
CA ILE C 265 -24.82 36.48 -2.43
C ILE C 265 -24.37 35.22 -1.74
N VAL C 266 -23.78 35.34 -0.54
CA VAL C 266 -23.33 34.17 0.22
C VAL C 266 -24.50 33.24 0.49
N GLN C 267 -25.59 33.78 1.04
CA GLN C 267 -26.77 32.95 1.27
C GLN C 267 -27.32 32.42 -0.05
N LEU C 268 -27.14 33.17 -1.14
CA LEU C 268 -27.58 32.71 -2.44
C LEU C 268 -26.69 31.57 -2.96
N ILE C 269 -25.39 31.63 -2.66
CA ILE C 269 -24.48 30.56 -3.09
C ILE C 269 -24.93 29.23 -2.51
N ASN C 270 -25.31 29.23 -1.23
CA ASN C 270 -25.73 27.99 -0.58
C ASN C 270 -27.00 27.45 -1.19
N LYS C 271 -28.02 28.29 -1.34
CA LYS C 271 -29.27 27.86 -1.95
C LYS C 271 -29.04 27.36 -3.37
N ALA C 272 -28.09 27.97 -4.09
CA ALA C 272 -27.74 27.48 -5.42
C ALA C 272 -27.27 26.03 -5.37
N PHE C 273 -26.46 25.68 -4.37
CA PHE C 273 -25.89 24.33 -4.30
C PHE C 273 -26.94 23.27 -4.04
N GLU C 274 -27.73 23.43 -2.97
CA GLU C 274 -28.65 22.38 -2.53
C GLU C 274 -29.56 21.91 -3.66
N LEU C 275 -30.15 22.85 -4.40
CA LEU C 275 -31.03 22.49 -5.51
C LEU C 275 -30.23 21.85 -6.64
N ARG C 276 -29.08 22.42 -6.98
CA ARG C 276 -28.25 21.87 -8.04
C ARG C 276 -27.78 20.45 -7.72
N MET C 277 -27.74 20.07 -6.45
CA MET C 277 -27.31 18.72 -6.09
C MET C 277 -28.38 17.67 -6.37
N LYS C 278 -29.64 17.97 -6.09
CA LYS C 278 -30.72 17.04 -6.41
C LYS C 278 -30.80 16.75 -7.91
N ASP C 279 -30.04 17.49 -8.72
CA ASP C 279 -29.91 17.27 -10.16
C ASP C 279 -28.78 16.32 -10.53
N LYS C 280 -27.94 15.89 -9.58
CA LYS C 280 -26.68 15.23 -9.91
C LYS C 280 -26.53 13.84 -9.29
N ASN C 281 -27.64 13.19 -8.98
CA ASN C 281 -27.66 11.75 -8.65
C ASN C 281 -26.79 11.45 -7.43
N VAL C 282 -27.08 12.13 -6.33
CA VAL C 282 -26.43 11.88 -5.05
C VAL C 282 -27.49 11.92 -3.96
N ARG C 283 -27.39 10.98 -3.03
CA ARG C 283 -28.28 10.93 -1.87
C ARG C 283 -27.83 11.93 -0.82
N GLU C 284 -28.79 12.57 -0.17
CA GLU C 284 -28.52 13.62 0.80
C GLU C 284 -28.79 13.17 2.23
N TYR C 285 -28.05 13.77 3.15
CA TYR C 285 -28.09 13.45 4.57
C TYR C 285 -28.29 14.75 5.34
N GLN C 286 -29.37 14.83 6.10
CA GLN C 286 -29.77 16.08 6.75
C GLN C 286 -29.13 16.20 8.14
N MET C 287 -28.19 17.13 8.27
CA MET C 287 -27.57 17.48 9.55
C MET C 287 -28.25 18.72 10.11
N SER C 288 -27.70 19.25 11.20
CA SER C 288 -28.34 20.36 11.90
C SER C 288 -28.31 21.64 11.07
N LYS C 289 -27.11 22.11 10.72
CA LYS C 289 -27.00 23.39 10.03
C LYS C 289 -26.85 23.25 8.53
N THR C 290 -26.53 22.07 8.03
CA THR C 290 -26.32 21.90 6.59
C THR C 290 -26.70 20.49 6.19
N PHE C 291 -26.65 20.24 4.88
CA PHE C 291 -26.86 18.94 4.28
C PHE C 291 -25.53 18.26 3.98
N ALA C 292 -25.49 16.94 4.20
CA ALA C 292 -24.39 16.12 3.73
C ALA C 292 -24.84 15.39 2.48
N TYR C 293 -23.91 15.17 1.55
CA TYR C 293 -24.24 14.59 0.25
C TYR C 293 -23.39 13.35 0.01
N TRP C 294 -24.04 12.22 -0.27
CA TRP C 294 -23.33 10.96 -0.44
C TRP C 294 -23.94 10.16 -1.60
N ILE C 295 -23.19 9.16 -2.05
CA ILE C 295 -23.52 8.36 -3.24
C ILE C 295 -23.95 6.97 -2.79
N GLU C 296 -25.04 6.47 -3.37
CA GLU C 296 -25.53 5.13 -3.04
C GLU C 296 -24.61 4.02 -3.57
N LYS C 297 -24.76 2.84 -2.97
CA LYS C 297 -24.00 1.66 -3.36
C LYS C 297 -24.38 1.20 -4.76
N GLY C 298 -23.38 0.75 -5.51
CA GLY C 298 -23.57 0.27 -6.86
C GLY C 298 -23.83 1.36 -7.89
N LYS C 299 -23.88 2.62 -7.48
CA LYS C 299 -24.05 3.73 -8.40
C LYS C 299 -22.78 4.05 -9.17
N LEU C 300 -21.64 3.47 -8.79
CA LEU C 300 -20.41 3.57 -9.56
C LEU C 300 -19.88 2.17 -9.81
N GLU C 301 -18.92 2.07 -10.73
CA GLU C 301 -18.39 0.76 -11.11
C GLU C 301 -17.49 0.23 -9.99
N LYS C 302 -17.86 -0.95 -9.47
CA LYS C 302 -17.17 -1.58 -8.34
C LYS C 302 -16.86 -0.58 -7.23
N ASP C 303 -17.76 0.39 -7.03
CA ASP C 303 -17.68 1.38 -5.96
C ASP C 303 -16.42 2.25 -6.05
N LYS C 304 -15.92 2.50 -7.26
CA LYS C 304 -14.73 3.32 -7.44
C LYS C 304 -14.97 4.49 -8.38
N PHE C 305 -14.40 5.64 -8.04
CA PHE C 305 -14.31 6.80 -8.93
C PHE C 305 -12.86 7.22 -9.06
N GLU C 306 -12.30 7.08 -10.26
CA GLU C 306 -10.89 7.36 -10.55
C GLU C 306 -9.98 6.60 -9.60
N LYS C 307 -10.21 5.28 -9.52
CA LYS C 307 -9.54 4.33 -8.65
C LYS C 307 -9.71 4.64 -7.16
N ILE C 308 -10.51 5.65 -6.80
CA ILE C 308 -10.70 6.01 -5.40
C ILE C 308 -12.06 5.52 -4.96
N LYS C 309 -12.07 4.70 -3.91
CA LYS C 309 -13.33 4.23 -3.36
C LYS C 309 -14.03 5.38 -2.64
N LEU C 310 -15.34 5.45 -2.81
CA LEU C 310 -16.16 6.39 -2.08
C LEU C 310 -17.28 5.70 -1.33
N VAL C 311 -17.38 4.37 -1.44
CA VAL C 311 -18.40 3.56 -0.78
C VAL C 311 -17.75 2.27 -0.34
N GLY C 312 -17.72 2.03 0.97
CA GLY C 312 -17.13 0.82 1.51
C GLY C 312 -17.98 0.32 2.66
N LYS C 313 -17.63 -0.83 3.19
CA LYS C 313 -18.32 -1.38 4.34
C LYS C 313 -17.47 -1.20 5.57
N GLN C 314 -18.11 -1.04 6.72
CA GLN C 314 -17.46 -1.20 8.02
C GLN C 314 -18.28 -2.18 8.84
N LYS C 315 -17.67 -3.31 9.19
CA LYS C 315 -18.36 -4.33 9.98
C LYS C 315 -19.59 -4.73 9.19
N ASN C 316 -20.79 -4.71 9.78
CA ASN C 316 -22.03 -4.90 9.03
C ASN C 316 -22.37 -3.68 8.17
N LYS C 317 -22.07 -2.48 8.66
CA LYS C 317 -22.50 -1.26 8.00
C LYS C 317 -21.74 -1.02 6.70
N TYR C 318 -22.40 -0.33 5.77
CA TYR C 318 -21.79 0.14 4.53
C TYR C 318 -21.60 1.64 4.65
N TRP C 319 -20.38 2.11 4.45
CA TRP C 319 -20.03 3.51 4.68
C TRP C 319 -19.78 4.20 3.34
N HIS C 320 -20.20 5.44 3.26
CA HIS C 320 -20.07 6.23 2.05
C HIS C 320 -19.22 7.45 2.37
N PHE C 321 -18.78 8.15 1.32
CA PHE C 321 -18.07 9.41 1.47
C PHE C 321 -19.03 10.56 1.23
N GLY C 322 -18.86 11.63 2.01
CA GLY C 322 -19.77 12.76 1.94
C GLY C 322 -19.03 14.06 2.02
N ILE C 323 -19.74 15.12 1.63
CA ILE C 323 -19.22 16.49 1.65
C ILE C 323 -20.33 17.41 2.14
N SER C 324 -19.96 18.65 2.44
CA SER C 324 -20.93 19.67 2.84
C SER C 324 -20.38 21.03 2.43
N ALA C 325 -21.15 21.75 1.62
CA ALA C 325 -20.65 22.97 1.00
C ALA C 325 -21.01 24.21 1.82
N ALA C 326 -20.38 25.33 1.45
CA ALA C 326 -20.58 26.64 2.08
C ALA C 326 -19.79 27.70 1.32
N GLY C 327 -20.26 28.95 1.36
CA GLY C 327 -19.60 30.03 0.65
C GLY C 327 -18.87 31.04 1.52
N LYS C 328 -17.91 31.75 0.94
CA LYS C 328 -17.16 32.79 1.63
C LYS C 328 -16.55 33.73 0.59
N LEU C 329 -16.51 35.02 0.91
CA LEU C 329 -16.13 36.04 -0.05
C LEU C 329 -14.83 36.77 0.30
N TYR C 330 -14.34 36.67 1.54
CA TYR C 330 -13.07 37.28 1.94
C TYR C 330 -12.07 36.20 2.29
N PRO C 331 -10.82 36.26 1.78
CA PRO C 331 -10.26 37.28 0.89
C PRO C 331 -10.70 37.10 -0.56
N SER C 332 -10.97 35.86 -0.98
CA SER C 332 -11.32 35.60 -2.35
C SER C 332 -12.72 34.99 -2.41
N PRO C 333 -13.49 35.30 -3.46
CA PRO C 333 -14.76 34.60 -3.67
C PRO C 333 -14.52 33.11 -3.86
N VAL C 334 -14.83 32.31 -2.83
CA VAL C 334 -14.50 30.89 -2.80
C VAL C 334 -15.67 30.12 -2.22
N LEU C 335 -15.62 28.80 -2.41
CA LEU C 335 -16.60 27.88 -1.85
C LEU C 335 -15.86 26.84 -1.04
N MET C 336 -16.15 26.76 0.26
CA MET C 336 -15.47 25.85 1.16
C MET C 336 -16.28 24.57 1.30
N VAL C 337 -15.64 23.43 1.05
CA VAL C 337 -16.29 22.12 1.04
C VAL C 337 -15.72 21.31 2.20
N SER C 338 -16.57 20.99 3.17
CA SER C 338 -16.18 20.23 4.34
C SER C 338 -16.48 18.74 4.13
N SER C 339 -15.72 17.91 4.83
CA SER C 339 -15.77 16.46 4.64
C SER C 339 -16.69 15.81 5.65
N HIS C 340 -17.37 14.74 5.23
CA HIS C 340 -18.23 13.98 6.13
C HIS C 340 -18.21 12.51 5.74
N ILE C 341 -18.63 11.68 6.70
CA ILE C 341 -18.76 10.23 6.52
C ILE C 341 -20.20 9.84 6.81
N ILE C 342 -20.82 9.18 5.85
CA ILE C 342 -22.20 8.72 6.01
C ILE C 342 -22.15 7.22 6.22
N PHE C 343 -23.08 6.72 7.03
CA PHE C 343 -23.15 5.30 7.35
C PHE C 343 -24.49 4.74 6.93
N THR C 344 -24.45 3.52 6.38
CA THR C 344 -25.63 2.87 5.84
C THR C 344 -25.75 1.49 6.45
N MET C 345 -26.98 0.98 6.51
CA MET C 345 -27.28 -0.29 7.14
C MET C 345 -27.07 -1.47 6.20
N ASP C 346 -27.42 -1.31 4.92
CA ASP C 346 -27.23 -2.36 3.93
C ASP C 346 -26.58 -1.86 2.64
N GLY C 347 -26.24 -0.58 2.56
CA GLY C 347 -25.66 0.02 1.36
C GLY C 347 -26.51 1.09 0.72
N ILE C 348 -27.82 1.10 0.96
CA ILE C 348 -28.72 2.10 0.39
C ILE C 348 -29.58 2.75 1.48
N ASN C 349 -29.90 1.99 2.53
CA ASN C 349 -30.83 2.42 3.58
C ASN C 349 -30.05 2.93 4.78
N LEU C 350 -30.20 4.22 5.08
CA LEU C 350 -29.48 4.84 6.18
C LEU C 350 -29.79 4.13 7.50
N ILE C 351 -28.92 4.37 8.49
CA ILE C 351 -29.15 3.86 9.84
C ILE C 351 -29.92 4.90 10.63
N LYS C 352 -31.09 4.50 11.15
CA LYS C 352 -32.01 5.43 11.79
C LYS C 352 -31.42 6.02 13.05
N SER C 353 -30.63 5.24 13.78
CA SER C 353 -30.03 5.72 15.03
C SER C 353 -29.04 6.83 14.73
N LYS C 354 -29.33 8.03 15.23
CA LYS C 354 -28.40 9.15 15.06
C LYS C 354 -27.10 8.90 15.82
N SER C 355 -27.20 8.28 17.00
CA SER C 355 -26.01 7.97 17.80
C SER C 355 -25.01 7.12 17.04
N ILE C 356 -25.49 6.15 16.27
CA ILE C 356 -24.59 5.26 15.54
C ILE C 356 -23.86 6.00 14.43
N GLN C 357 -24.51 7.01 13.84
CA GLN C 357 -23.88 7.75 12.75
C GLN C 357 -22.59 8.43 13.21
N HIS C 358 -22.57 8.97 14.44
CA HIS C 358 -21.41 9.71 14.92
C HIS C 358 -20.36 8.83 15.58
N SER C 359 -20.76 8.00 16.55
CA SER C 359 -19.80 7.22 17.32
C SER C 359 -19.01 6.25 16.44
N SER C 360 -19.57 5.84 15.30
CA SER C 360 -18.83 5.03 14.34
C SER C 360 -18.18 5.88 13.26
N ARG C 361 -18.52 7.18 13.20
CA ARG C 361 -17.82 8.09 12.30
C ARG C 361 -16.43 8.41 12.83
N ARG C 362 -16.30 8.55 14.15
CA ARG C 362 -14.98 8.70 14.73
C ARG C 362 -14.19 7.40 14.65
N LYS C 363 -14.87 6.25 14.71
CA LYS C 363 -14.17 4.97 14.57
C LYS C 363 -13.63 4.76 13.16
N GLN C 364 -14.30 5.28 12.14
CA GLN C 364 -13.78 5.10 10.79
C GLN C 364 -12.75 6.17 10.44
N GLY C 365 -13.07 7.43 10.72
CA GLY C 365 -12.21 8.51 10.30
C GLY C 365 -10.82 8.46 10.91
N LYS C 366 -10.73 8.02 12.17
CA LYS C 366 -9.42 7.86 12.80
C LYS C 366 -8.52 6.93 11.99
N ASN C 367 -9.10 5.96 11.28
CA ASN C 367 -8.30 5.05 10.48
C ASN C 367 -7.75 5.73 9.23
N TRP C 368 -8.40 6.80 8.77
CA TRP C 368 -7.95 7.51 7.58
C TRP C 368 -6.89 8.54 7.95
N TRP C 369 -6.15 8.97 6.94
CA TRP C 369 -5.05 9.92 7.11
C TRP C 369 -4.99 10.83 5.89
N ASN C 370 -3.96 11.67 5.86
CA ASN C 370 -3.83 12.74 4.88
C ASN C 370 -4.11 12.28 3.45
N ASP C 371 -3.61 11.10 3.06
CA ASP C 371 -3.69 10.71 1.66
C ASP C 371 -5.14 10.48 1.23
N LYS C 372 -5.89 9.72 2.02
CA LYS C 372 -7.19 9.24 1.57
C LYS C 372 -8.26 10.33 1.65
N TRP C 373 -8.09 11.32 2.53
CA TRP C 373 -9.03 12.43 2.55
C TRP C 373 -8.89 13.28 1.30
N ARG C 374 -7.64 13.59 0.92
CA ARG C 374 -7.42 14.33 -0.32
C ARG C 374 -7.90 13.55 -1.53
N GLU C 375 -7.63 12.24 -1.54
CA GLU C 375 -8.01 11.41 -2.68
C GLU C 375 -9.52 11.33 -2.82
N LYS C 376 -10.24 11.26 -1.69
CA LYS C 376 -11.69 11.15 -1.74
C LYS C 376 -12.38 12.49 -1.92
N LEU C 377 -11.80 13.57 -1.38
CA LEU C 377 -12.39 14.88 -1.58
C LEU C 377 -12.18 15.37 -3.00
N LEU C 378 -10.94 15.32 -3.49
CA LEU C 378 -10.65 15.81 -4.84
C LEU C 378 -11.29 14.96 -5.92
N ALA C 379 -11.57 13.69 -5.65
CA ALA C 379 -12.32 12.90 -6.61
C ALA C 379 -13.81 13.22 -6.58
N PHE C 380 -14.34 13.55 -5.39
CA PHE C 380 -15.77 13.79 -5.25
C PHE C 380 -16.18 15.07 -5.96
N ILE C 381 -15.33 16.10 -5.91
CA ILE C 381 -15.63 17.34 -6.61
C ILE C 381 -15.43 17.17 -8.11
N ARG C 382 -14.45 16.35 -8.52
CA ARG C 382 -14.33 15.99 -9.92
C ARG C 382 -15.58 15.25 -10.41
N PHE C 383 -16.21 14.44 -9.56
CA PHE C 383 -17.43 13.74 -9.94
C PHE C 383 -18.60 14.71 -10.11
N LEU C 384 -18.72 15.69 -9.22
CA LEU C 384 -19.84 16.61 -9.27
C LEU C 384 -19.72 17.65 -10.38
N SER C 385 -18.58 17.72 -11.06
CA SER C 385 -18.36 18.74 -12.06
C SER C 385 -19.25 18.48 -13.27
N ASP C 386 -19.63 19.55 -13.96
CA ASP C 386 -20.53 19.38 -15.10
C ASP C 386 -19.75 19.14 -16.40
N ASP C 387 -18.67 19.87 -16.62
CA ASP C 387 -17.79 19.65 -17.76
C ASP C 387 -16.34 19.80 -17.27
N GLN C 388 -15.49 18.87 -17.69
CA GLN C 388 -14.04 18.91 -17.48
C GLN C 388 -13.65 19.46 -16.09
N ASN C 389 -13.25 20.73 -16.03
CA ASN C 389 -12.84 21.33 -14.77
C ASN C 389 -13.90 22.24 -14.16
N ALA C 390 -14.82 22.77 -14.95
CA ALA C 390 -15.76 23.75 -14.42
C ALA C 390 -16.97 23.06 -13.78
N ILE C 391 -17.71 23.82 -12.97
CA ILE C 391 -19.01 23.42 -12.42
C ILE C 391 -20.01 24.54 -12.71
N TYR C 392 -21.15 24.18 -13.30
CA TYR C 392 -22.22 25.12 -13.62
C TYR C 392 -23.27 25.03 -12.50
N LEU C 393 -23.38 26.09 -11.70
CA LEU C 393 -24.46 26.21 -10.73
C LEU C 393 -25.53 27.11 -11.35
N ASN C 394 -26.71 26.54 -11.58
CA ASN C 394 -27.80 27.25 -12.23
C ASN C 394 -28.49 28.19 -11.24
N VAL C 395 -28.39 29.49 -11.49
CA VAL C 395 -29.15 30.51 -10.77
C VAL C 395 -30.12 31.24 -11.70
N GLY C 396 -30.16 30.89 -12.97
CA GLY C 396 -31.11 31.46 -13.92
C GLY C 396 -31.19 30.56 -15.13
N SER C 397 -32.22 30.80 -15.94
CA SER C 397 -32.27 30.16 -17.25
C SER C 397 -31.14 30.65 -18.14
N GLU C 398 -30.67 31.87 -17.90
CA GLU C 398 -29.63 32.49 -18.71
C GLU C 398 -28.44 32.98 -17.89
N GLU C 399 -28.55 33.02 -16.57
CA GLU C 399 -27.47 33.40 -15.68
C GLU C 399 -27.05 32.19 -14.84
N LYS C 400 -25.77 31.81 -14.93
CA LYS C 400 -25.25 30.63 -14.28
C LYS C 400 -24.12 31.02 -13.33
N ILE C 401 -23.84 30.14 -12.36
CA ILE C 401 -22.76 30.33 -11.39
C ILE C 401 -21.69 29.29 -11.64
N LEU C 402 -20.45 29.74 -11.83
CA LEU C 402 -19.33 28.90 -12.24
C LEU C 402 -18.39 28.67 -11.06
N ILE C 403 -18.02 27.41 -10.83
CA ILE C 403 -17.10 27.04 -9.77
C ILE C 403 -16.11 26.02 -10.33
N SER C 404 -14.84 26.18 -9.97
CA SER C 404 -13.77 25.36 -10.51
C SER C 404 -13.48 24.17 -9.60
N ASN C 405 -13.36 22.98 -10.21
CA ASN C 405 -13.13 21.76 -9.43
C ASN C 405 -11.71 21.66 -8.90
N LYS C 406 -10.76 22.39 -9.50
CA LYS C 406 -9.38 22.35 -9.05
C LYS C 406 -9.19 23.36 -7.92
N PRO C 407 -9.06 22.93 -6.68
CA PRO C 407 -8.95 23.89 -5.57
C PRO C 407 -7.61 24.60 -5.62
N LEU C 408 -7.61 25.84 -5.13
CA LEU C 408 -6.40 26.64 -5.18
C LEU C 408 -5.34 26.03 -4.29
N LYS C 409 -4.14 25.88 -4.83
CA LYS C 409 -3.05 25.22 -4.12
C LYS C 409 -2.30 26.23 -3.26
N PHE C 410 -1.51 25.72 -2.33
CA PHE C 410 -0.70 26.56 -1.45
C PHE C 410 0.76 26.14 -1.54
N PHE C 411 1.62 27.10 -1.83
CA PHE C 411 3.06 26.84 -1.87
C PHE C 411 3.63 27.00 -0.47
N GLY C 412 4.69 26.23 -0.19
CA GLY C 412 5.32 26.29 1.11
C GLY C 412 6.73 25.77 1.07
N LYS C 413 7.49 26.15 2.11
CA LYS C 413 8.88 25.76 2.27
C LYS C 413 9.07 25.00 3.57
N MET C 414 10.22 24.31 3.65
CA MET C 414 10.65 23.60 4.86
C MET C 414 9.70 22.47 5.25
N SER C 415 9.55 21.50 4.36
CA SER C 415 8.82 20.28 4.68
C SER C 415 9.69 19.28 5.42
N TYR C 416 9.03 18.44 6.23
CA TYR C 416 9.64 17.31 6.93
C TYR C 416 9.82 16.10 6.00
N VAL C 417 10.57 15.12 6.51
CA VAL C 417 10.83 13.86 5.81
C VAL C 417 9.81 12.82 6.26
N THR C 418 8.98 12.34 5.32
CA THR C 418 7.96 11.37 5.73
C THR C 418 8.60 9.99 5.87
N PRO C 419 8.23 9.23 6.89
CA PRO C 419 8.76 7.86 6.99
C PRO C 419 7.93 6.83 6.23
N MET D 1 -1.88 32.23 -5.77
CA MET D 1 -1.32 31.12 -5.00
C MET D 1 -0.46 31.64 -3.86
N LYS D 2 -1.07 31.73 -2.68
CA LYS D 2 -0.40 32.28 -1.52
C LYS D 2 0.60 31.27 -0.96
N GLU D 3 1.67 31.79 -0.39
CA GLU D 3 2.74 30.97 0.17
C GLU D 3 2.62 30.93 1.69
N LEU D 4 3.24 29.92 2.28
CA LEU D 4 3.21 29.79 3.72
C LEU D 4 4.55 30.21 4.31
N ILE D 5 4.50 30.62 5.56
CA ILE D 5 5.69 31.01 6.29
C ILE D 5 5.91 30.03 7.43
N TYR D 6 7.16 29.66 7.68
CA TYR D 6 7.47 28.79 8.81
C TYR D 6 7.77 29.66 10.02
N ILE D 7 6.98 29.49 11.07
CA ILE D 7 7.22 30.11 12.36
C ILE D 7 8.01 29.12 13.21
N GLU D 8 9.29 29.41 13.43
CA GLU D 8 10.18 28.47 14.10
C GLU D 8 9.64 28.06 15.46
N GLU D 9 9.64 26.76 15.70
CA GLU D 9 9.23 26.18 16.98
C GLU D 9 10.13 26.72 18.08
N PRO D 10 9.63 27.57 18.97
CA PRO D 10 10.50 28.16 19.99
C PRO D 10 10.87 27.15 21.07
N SER D 11 11.94 27.45 21.79
CA SER D 11 12.51 26.53 22.75
C SER D 11 12.14 26.96 24.18
N ILE D 12 12.22 26.00 25.08
CA ILE D 12 11.92 26.21 26.49
C ILE D 12 13.17 25.95 27.30
N LEU D 13 13.34 26.71 28.38
CA LEU D 13 14.55 26.65 29.19
C LEU D 13 14.42 25.62 30.30
N PHE D 14 15.57 25.20 30.82
CA PHE D 14 15.65 24.15 31.83
C PHE D 14 16.72 24.51 32.85
N ALA D 15 17.00 23.57 33.75
CA ALA D 15 18.08 23.73 34.71
C ALA D 15 19.41 23.81 33.99
N HIS D 16 20.43 24.26 34.75
CA HIS D 16 21.79 24.40 34.24
C HIS D 16 21.84 25.29 32.99
N GLY D 17 20.78 26.04 32.75
CA GLY D 17 20.74 27.08 31.74
C GLY D 17 20.60 26.61 30.32
N GLN D 18 20.47 25.31 30.08
CA GLN D 18 20.41 24.79 28.73
C GLN D 18 18.96 24.51 28.33
N LYS D 19 18.60 24.90 27.11
CA LYS D 19 17.23 24.79 26.64
C LYS D 19 17.08 23.66 25.63
N CYS D 20 15.83 23.21 25.49
CA CYS D 20 15.42 22.12 24.61
C CYS D 20 14.07 22.47 24.02
N THR D 21 13.53 21.57 23.19
CA THR D 21 12.26 21.79 22.53
C THR D 21 11.15 20.91 23.08
N ASP D 22 11.48 19.77 23.70
CA ASP D 22 10.50 18.84 24.24
C ASP D 22 10.62 18.84 25.76
N PRO D 23 9.55 19.18 26.49
CA PRO D 23 9.65 19.24 27.95
C PRO D 23 9.87 17.91 28.62
N ARG D 24 9.59 16.80 27.95
CA ARG D 24 9.86 15.50 28.54
C ARG D 24 11.33 15.16 28.46
N ASP D 25 11.97 15.51 27.35
CA ASP D 25 13.36 15.13 27.14
C ASP D 25 14.28 15.88 28.11
N GLY D 26 14.08 17.19 28.24
CA GLY D 26 14.96 18.00 29.07
C GLY D 26 14.94 17.63 30.53
N LEU D 27 13.84 17.02 31.01
CA LEU D 27 13.74 16.72 32.44
C LEU D 27 14.81 15.72 32.87
N ALA D 28 14.94 14.59 32.15
CA ALA D 28 15.92 13.59 32.53
C ALA D 28 17.35 14.10 32.32
N LEU D 29 17.58 14.85 31.24
CA LEU D 29 18.93 15.33 30.95
C LEU D 29 19.36 16.46 31.88
N PHE D 30 18.44 17.36 32.25
CA PHE D 30 18.82 18.56 32.96
C PHE D 30 18.10 18.75 34.28
N GLY D 31 16.81 18.40 34.35
CA GLY D 31 16.04 18.66 35.54
C GLY D 31 15.32 20.01 35.50
N PRO D 32 14.57 20.28 36.56
CA PRO D 32 13.70 21.46 36.59
C PRO D 32 14.48 22.77 36.70
N LEU D 33 13.81 23.86 36.31
CA LEU D 33 14.41 25.18 36.36
C LEU D 33 14.89 25.52 37.76
N ASN D 34 13.95 25.54 38.71
CA ASN D 34 14.25 25.68 40.12
C ASN D 34 13.90 24.39 40.84
N GLN D 35 14.76 24.00 41.79
CA GLN D 35 14.75 22.66 42.37
C GLN D 35 14.39 22.73 43.84
N ILE D 36 13.26 22.13 44.20
CA ILE D 36 12.89 21.95 45.60
C ILE D 36 13.49 20.62 46.03
N TYR D 37 13.46 20.33 47.33
CA TYR D 37 14.17 19.17 47.87
C TYR D 37 13.26 18.14 48.51
N GLY D 38 12.01 18.49 48.83
CA GLY D 38 11.11 17.55 49.46
C GLY D 38 9.65 17.66 49.05
N ILE D 39 8.97 16.52 48.91
CA ILE D 39 7.54 16.45 48.66
C ILE D 39 6.96 15.45 49.65
N LYS D 40 6.45 15.95 50.77
CA LYS D 40 5.71 15.10 51.69
C LYS D 40 4.30 14.93 51.15
N SER D 41 3.85 13.68 51.02
CA SER D 41 2.56 13.39 50.41
C SER D 41 1.48 13.27 51.47
N GLY D 42 0.43 14.06 51.33
CA GLY D 42 -0.76 13.96 52.16
C GLY D 42 -1.87 13.29 51.40
N VAL D 43 -2.31 12.14 51.90
CA VAL D 43 -3.28 11.30 51.22
C VAL D 43 -4.63 11.46 51.91
N VAL D 44 -5.69 11.46 51.10
CA VAL D 44 -7.06 11.54 51.61
C VAL D 44 -7.92 10.54 50.84
N GLY D 45 -8.23 9.42 51.46
CA GLY D 45 -9.01 8.39 50.79
C GLY D 45 -9.21 7.20 51.69
N THR D 46 -9.58 6.07 51.07
CA THR D 46 -9.86 4.86 51.81
C THR D 46 -8.55 4.18 52.22
N GLN D 47 -8.69 3.02 52.88
CA GLN D 47 -7.52 2.17 53.11
C GLN D 47 -7.04 1.56 51.82
N LYS D 48 -7.97 1.05 51.00
CA LYS D 48 -7.58 0.48 49.71
C LYS D 48 -6.88 1.53 48.85
N GLY D 49 -7.34 2.78 48.92
CA GLY D 49 -6.71 3.86 48.18
C GLY D 49 -5.30 4.19 48.66
N LEU D 50 -4.95 3.80 49.89
CA LEU D 50 -3.61 4.13 50.39
C LEU D 50 -2.54 3.30 49.69
N GLN D 51 -2.62 1.97 49.79
CA GLN D 51 -1.61 1.14 49.14
C GLN D 51 -1.68 1.30 47.63
N ILE D 52 -2.87 1.54 47.08
CA ILE D 52 -2.98 1.87 45.66
C ILE D 52 -2.15 3.10 45.34
N PHE D 53 -2.21 4.11 46.22
CA PHE D 53 -1.30 5.24 46.09
C PHE D 53 0.13 4.83 46.41
N LYS D 54 0.31 3.96 47.42
CA LYS D 54 1.64 3.46 47.75
C LYS D 54 2.22 2.67 46.58
N SER D 55 1.39 1.84 45.93
CA SER D 55 1.88 1.01 44.84
C SER D 55 2.34 1.87 43.66
N TYR D 56 1.60 2.94 43.36
CA TYR D 56 2.03 3.82 42.28
C TYR D 56 3.25 4.64 42.70
N LEU D 57 3.23 5.16 43.93
CA LEU D 57 4.40 5.85 44.45
C LEU D 57 5.63 4.95 44.51
N ASP D 58 5.44 3.65 44.75
CA ASP D 58 6.57 2.71 44.71
C ASP D 58 7.04 2.39 43.31
N LYS D 59 6.20 2.54 42.28
CA LYS D 59 6.61 2.11 40.95
C LYS D 59 7.23 3.24 40.12
N ILE D 60 6.95 4.51 40.44
CA ILE D 60 7.57 5.61 39.70
C ILE D 60 8.98 5.91 40.18
N GLN D 61 9.44 5.28 41.26
CA GLN D 61 10.85 5.38 41.61
C GLN D 61 11.71 4.57 40.65
N LYS D 62 11.22 3.40 40.27
CA LYS D 62 11.76 2.54 39.24
C LYS D 62 11.40 3.08 37.87
N PRO D 63 12.23 2.87 36.85
CA PRO D 63 11.91 3.39 35.52
C PRO D 63 10.70 2.69 34.93
N ILE D 64 9.92 3.46 34.17
CA ILE D 64 8.71 2.99 33.53
C ILE D 64 8.76 3.39 32.06
N TYR D 65 8.67 2.40 31.18
CA TYR D 65 8.78 2.61 29.74
C TYR D 65 7.41 2.82 29.10
N ASN D 66 7.41 3.38 27.90
CA ASN D 66 6.24 3.51 27.05
C ASN D 66 6.27 2.46 25.94
N HIS D 67 5.19 2.39 25.16
CA HIS D 67 5.11 1.47 24.04
C HIS D 67 5.83 2.00 22.81
N ASN D 68 5.75 3.30 22.54
CA ASN D 68 6.41 3.93 21.39
C ASN D 68 7.34 5.03 21.93
N ASN D 69 8.60 4.67 22.22
CA ASN D 69 9.52 5.63 22.81
C ASN D 69 9.80 6.81 21.90
N ILE D 70 9.74 6.60 20.59
CA ILE D 70 10.00 7.71 19.66
C ILE D 70 8.97 8.81 19.86
N THR D 71 7.76 8.45 20.29
CA THR D 71 6.69 9.42 20.45
C THR D 71 6.41 9.78 21.90
N ARG D 72 6.73 8.92 22.85
CA ARG D 72 6.54 9.21 24.28
C ARG D 72 7.76 8.73 25.05
N PRO D 73 8.67 9.64 25.40
CA PRO D 73 9.97 9.21 25.94
C PRO D 73 9.81 8.46 27.26
N MET D 74 10.86 7.71 27.62
CA MET D 74 10.78 6.87 28.80
C MET D 74 10.81 7.72 30.07
N PHE D 75 10.49 7.09 31.19
CA PHE D 75 10.51 7.74 32.49
C PHE D 75 11.57 7.09 33.36
N PRO D 76 12.61 7.81 33.78
CA PRO D 76 13.68 7.18 34.57
C PRO D 76 13.30 6.89 36.02
N GLY D 77 12.66 7.84 36.66
CA GLY D 77 12.30 7.73 38.07
C GLY D 77 12.32 9.13 38.63
N PHE D 78 11.42 9.38 39.59
CA PHE D 78 11.27 10.73 40.12
C PHE D 78 12.59 11.28 40.66
N GLU D 79 13.17 10.60 41.65
CA GLU D 79 14.46 11.04 42.17
C GLU D 79 15.53 11.06 41.08
N ALA D 80 15.37 10.23 40.05
CA ALA D 80 16.38 10.15 39.00
C ALA D 80 16.32 11.38 38.09
N VAL D 81 15.14 11.98 37.95
CA VAL D 81 14.94 13.09 37.04
C VAL D 81 14.99 14.43 37.75
N PHE D 82 14.17 14.60 38.78
CA PHE D 82 13.96 15.90 39.41
C PHE D 82 14.86 16.14 40.61
N GLY D 83 15.54 15.11 41.12
CA GLY D 83 16.38 15.26 42.29
C GLY D 83 15.58 15.26 43.57
N CYS D 84 14.38 15.83 43.53
CA CYS D 84 13.51 15.82 44.68
C CYS D 84 13.00 14.40 44.93
N LYS D 85 12.80 14.09 46.20
CA LYS D 85 12.43 12.74 46.63
C LYS D 85 10.95 12.69 46.99
N TRP D 86 10.26 11.68 46.45
CA TRP D 86 8.85 11.43 46.73
C TRP D 86 8.73 10.01 47.27
N GLU D 87 8.50 9.89 48.57
CA GLU D 87 8.59 8.60 49.23
C GLU D 87 7.19 8.03 49.48
N SER D 88 7.08 6.71 49.36
CA SER D 88 5.82 6.05 49.63
C SER D 88 5.54 5.99 51.12
N GLN D 89 6.56 5.68 51.93
CA GLN D 89 6.38 5.61 53.37
C GLN D 89 6.32 6.97 54.04
N ASN D 90 6.75 8.03 53.35
CA ASN D 90 6.62 9.38 53.89
C ASN D 90 5.27 9.93 53.44
N ILE D 91 4.22 9.46 54.09
CA ILE D 91 2.84 9.82 53.77
C ILE D 91 2.11 10.24 55.03
N VAL D 92 1.42 11.37 54.97
CA VAL D 92 0.52 11.80 56.02
C VAL D 92 -0.89 11.39 55.60
N PHE D 93 -1.49 10.47 56.36
CA PHE D 93 -2.77 9.88 56.00
C PHE D 93 -3.85 10.38 56.93
N LYS D 94 -4.95 10.88 56.34
CA LYS D 94 -6.19 11.16 57.04
C LYS D 94 -7.24 10.23 56.43
N GLU D 95 -7.73 9.28 57.21
CA GLU D 95 -8.55 8.20 56.68
C GLU D 95 -9.96 8.67 56.40
N ILE D 96 -10.53 8.19 55.29
CA ILE D 96 -11.94 8.34 54.99
C ILE D 96 -12.51 6.93 54.84
N THR D 97 -13.15 6.44 55.89
CA THR D 97 -13.64 5.07 55.94
C THR D 97 -14.78 4.86 54.95
N ASP D 98 -14.96 3.60 54.54
CA ASP D 98 -16.11 3.25 53.71
C ASP D 98 -17.42 3.45 54.45
N GLU D 99 -17.43 3.28 55.79
CA GLU D 99 -18.65 3.49 56.54
C GLU D 99 -19.09 4.95 56.47
N GLU D 100 -18.15 5.87 56.36
CA GLU D 100 -18.49 7.26 56.12
C GLU D 100 -18.95 7.50 54.70
N ILE D 101 -18.53 6.65 53.75
CA ILE D 101 -18.92 6.84 52.36
C ILE D 101 -20.40 6.57 52.16
N ARG D 102 -20.87 5.43 52.66
CA ARG D 102 -22.25 5.01 52.37
C ARG D 102 -23.28 5.96 52.98
N ARG D 103 -22.96 6.62 54.08
CA ARG D 103 -23.92 7.56 54.66
C ARG D 103 -24.12 8.76 53.71
N TYR D 104 -23.04 9.42 53.33
CA TYR D 104 -23.14 10.61 52.50
C TYR D 104 -23.39 10.32 51.02
N LEU D 105 -23.12 9.10 50.56
CA LEU D 105 -23.27 8.85 49.13
C LEU D 105 -24.63 8.30 48.77
N PHE D 106 -25.23 7.49 49.63
CA PHE D 106 -26.51 6.88 49.29
C PHE D 106 -27.61 7.90 49.59
N ASN D 107 -27.74 8.84 48.66
CA ASN D 107 -28.71 9.92 48.71
C ASN D 107 -29.42 9.94 47.36
N ALA D 108 -30.70 10.32 47.37
CA ALA D 108 -31.51 10.15 46.17
C ALA D 108 -31.14 11.14 45.07
N SER D 109 -30.86 12.40 45.43
CA SER D 109 -30.67 13.45 44.44
C SER D 109 -29.19 13.69 44.16
N THR D 110 -28.87 13.88 42.88
CA THR D 110 -27.48 14.10 42.47
C THR D 110 -26.94 15.40 43.05
N HIS D 111 -27.80 16.41 43.15
CA HIS D 111 -27.37 17.75 43.53
C HIS D 111 -26.83 17.77 44.96
N LYS D 112 -27.59 17.17 45.89
CA LYS D 112 -27.13 17.06 47.26
C LYS D 112 -26.16 15.90 47.46
N ARG D 113 -26.12 14.94 46.53
CA ARG D 113 -25.15 13.84 46.61
C ARG D 113 -23.73 14.30 46.28
N THR D 114 -23.57 15.13 45.23
CA THR D 114 -22.23 15.59 44.87
C THR D 114 -21.66 16.51 45.94
N TYR D 115 -22.43 17.53 46.33
CA TYR D 115 -21.95 18.51 47.31
C TYR D 115 -21.57 17.86 48.63
N ASP D 116 -22.34 16.87 49.07
CA ASP D 116 -22.07 16.22 50.35
C ASP D 116 -20.80 15.39 50.32
N LEU D 117 -20.45 14.79 49.18
CA LEU D 117 -19.21 14.04 49.11
C LEU D 117 -17.99 14.96 49.05
N VAL D 118 -18.13 16.14 48.43
CA VAL D 118 -17.07 17.15 48.52
C VAL D 118 -16.89 17.57 49.97
N THR D 119 -18.00 17.67 50.71
CA THR D 119 -17.92 17.90 52.15
C THR D 119 -17.09 16.84 52.84
N LEU D 120 -17.20 15.59 52.37
CA LEU D 120 -16.53 14.48 53.05
C LEU D 120 -15.02 14.56 52.88
N PHE D 121 -14.53 14.93 51.70
CA PHE D 121 -13.10 15.02 51.47
C PHE D 121 -12.52 16.29 52.06
N ASN D 122 -13.26 17.39 51.95
CA ASN D 122 -12.74 18.69 52.37
C ASN D 122 -12.54 18.77 53.88
N ASP D 123 -13.50 18.26 54.65
CA ASP D 123 -13.39 18.34 56.11
C ASP D 123 -12.17 17.58 56.61
N LYS D 124 -11.81 16.47 55.98
CA LYS D 124 -10.64 15.72 56.40
C LYS D 124 -9.35 16.45 56.06
N ILE D 125 -9.39 17.35 55.07
CA ILE D 125 -8.22 18.13 54.69
C ILE D 125 -8.08 19.35 55.59
N ILE D 126 -9.17 20.11 55.75
CA ILE D 126 -9.13 21.34 56.53
C ILE D 126 -8.75 21.04 57.97
N THR D 127 -9.40 20.05 58.57
CA THR D 127 -9.05 19.67 59.94
C THR D 127 -7.65 19.08 60.01
N ALA D 128 -7.17 18.50 58.92
CA ALA D 128 -5.77 18.08 58.82
C ALA D 128 -4.85 19.28 58.59
N ASN D 129 -5.35 20.33 57.95
CA ASN D 129 -4.51 21.48 57.65
C ASN D 129 -4.28 22.38 58.86
N LYS D 130 -5.32 22.65 59.64
CA LYS D 130 -5.15 23.46 60.84
C LYS D 130 -4.23 22.77 61.84
N ASN D 131 -4.62 21.56 62.25
CA ASN D 131 -4.04 20.90 63.41
C ASN D 131 -2.61 20.46 63.16
N ASP D 132 -2.40 19.58 62.18
CA ASP D 132 -1.09 18.98 61.98
C ASP D 132 -0.07 20.03 61.56
N GLU D 133 1.01 20.13 62.34
CA GLU D 133 2.14 21.01 62.06
C GLU D 133 3.10 20.46 61.01
N GLU D 134 2.98 19.18 60.64
CA GLU D 134 3.81 18.63 59.58
C GLU D 134 3.56 19.40 58.30
N ARG D 135 4.59 20.05 57.79
CA ARG D 135 4.45 20.77 56.53
C ARG D 135 4.28 19.76 55.40
N VAL D 136 3.06 19.64 54.90
CA VAL D 136 2.73 18.73 53.81
C VAL D 136 2.69 19.52 52.51
N ASP D 137 3.59 19.18 51.59
CA ASP D 137 3.76 19.96 50.37
C ASP D 137 2.54 19.89 49.47
N VAL D 138 2.01 18.69 49.22
CA VAL D 138 0.82 18.54 48.39
C VAL D 138 -0.14 17.54 49.03
N TRP D 139 -1.44 17.82 48.92
CA TRP D 139 -2.49 16.92 49.38
C TRP D 139 -3.06 16.20 48.18
N PHE D 140 -3.05 14.88 48.24
CA PHE D 140 -3.54 14.04 47.15
C PHE D 140 -4.90 13.48 47.52
N VAL D 141 -5.85 13.57 46.60
CA VAL D 141 -7.21 13.09 46.80
C VAL D 141 -7.35 11.84 45.94
N ILE D 142 -7.56 10.71 46.60
CA ILE D 142 -7.61 9.41 45.94
C ILE D 142 -9.09 9.07 45.82
N VAL D 143 -9.71 9.55 44.73
CA VAL D 143 -11.12 9.35 44.48
C VAL D 143 -11.36 7.86 44.21
N PRO D 144 -12.14 7.17 45.05
CA PRO D 144 -12.48 5.78 44.76
C PRO D 144 -13.39 5.71 43.54
N GLU D 145 -13.42 4.54 42.92
CA GLU D 145 -14.07 4.41 41.62
C GLU D 145 -15.57 4.67 41.72
N GLU D 146 -16.23 4.14 42.76
CA GLU D 146 -17.68 4.26 42.84
C GLU D 146 -18.16 5.70 43.01
N ILE D 147 -17.26 6.67 43.01
CA ILE D 147 -17.62 8.08 43.11
C ILE D 147 -17.69 8.73 41.74
N TYR D 148 -16.76 8.41 40.83
CA TYR D 148 -16.81 9.01 39.50
C TYR D 148 -18.10 8.63 38.78
N LYS D 149 -18.54 7.37 38.94
CA LYS D 149 -19.80 6.94 38.34
C LYS D 149 -21.01 7.56 39.03
N TYR D 150 -20.85 8.00 40.27
CA TYR D 150 -21.98 8.40 41.09
C TYR D 150 -22.02 9.89 41.40
N CYS D 151 -21.04 10.67 40.97
CA CYS D 151 -20.97 12.10 41.27
C CYS D 151 -20.92 12.95 40.01
N ARG D 152 -21.61 12.52 38.96
CA ARG D 152 -21.77 13.41 37.83
C ARG D 152 -23.25 13.66 37.56
N PRO D 153 -23.59 14.81 36.95
CA PRO D 153 -24.91 15.02 36.33
C PRO D 153 -25.10 14.12 35.11
N ALA D 197 -30.29 42.33 43.37
CA ALA D 197 -29.79 42.84 44.64
C ALA D 197 -29.06 41.75 45.42
N LYS D 198 -29.45 40.49 45.22
CA LYS D 198 -28.92 39.35 45.95
C LYS D 198 -27.80 38.66 45.18
N THR D 199 -26.79 38.19 45.91
CA THR D 199 -25.51 37.78 45.32
C THR D 199 -25.16 36.33 45.63
N TYR D 200 -26.14 35.45 45.75
CA TYR D 200 -25.86 34.06 46.05
C TYR D 200 -25.76 33.25 44.76
N ASN D 201 -24.89 32.24 44.76
CA ASN D 201 -24.72 31.41 43.57
C ASN D 201 -23.87 30.21 43.92
N TYR D 202 -24.11 29.09 43.20
CA TYR D 202 -23.44 27.79 43.41
C TYR D 202 -23.96 26.68 42.50
N ASP D 203 -23.05 26.00 41.77
CA ASP D 203 -23.42 24.88 40.90
C ASP D 203 -22.75 23.57 41.30
N ALA D 204 -22.67 22.57 40.40
CA ALA D 204 -22.71 21.17 40.85
C ALA D 204 -21.52 20.25 40.53
N GLN D 205 -20.62 20.57 39.61
CA GLN D 205 -19.56 19.61 39.26
C GLN D 205 -18.49 19.44 40.34
N PHE D 206 -18.01 18.19 40.54
CA PHE D 206 -17.10 17.83 41.64
C PHE D 206 -15.69 18.41 41.53
N HIS D 207 -14.92 17.97 40.53
CA HIS D 207 -13.51 18.36 40.49
C HIS D 207 -13.37 19.85 40.36
N ASP D 208 -14.36 20.50 39.74
CA ASP D 208 -14.40 21.95 39.74
C ASP D 208 -14.82 22.48 41.10
N GLN D 209 -15.71 21.77 41.80
CA GLN D 209 -16.22 22.28 43.07
C GLN D 209 -15.22 22.12 44.20
N LEU D 210 -14.64 20.92 44.36
CA LEU D 210 -13.69 20.73 45.45
C LEU D 210 -12.60 21.78 45.38
N LYS D 211 -12.12 22.09 44.17
CA LYS D 211 -11.12 23.12 44.00
C LYS D 211 -11.61 24.49 44.42
N ALA D 212 -12.92 24.72 44.39
CA ALA D 212 -13.46 26.05 44.65
C ALA D 212 -13.51 26.39 46.13
N ARG D 213 -13.95 25.45 46.97
CA ARG D 213 -14.07 25.70 48.39
C ARG D 213 -12.72 25.67 49.11
N LEU D 214 -11.62 25.47 48.38
CA LEU D 214 -10.28 25.52 48.93
C LEU D 214 -9.53 26.80 48.56
N LEU D 215 -10.25 27.84 48.16
CA LEU D 215 -9.63 29.15 47.91
C LEU D 215 -9.52 29.95 49.19
N GLU D 216 -10.44 29.74 50.13
CA GLU D 216 -10.35 30.37 51.44
C GLU D 216 -9.20 29.83 52.30
N HIS D 217 -8.55 28.74 51.88
CA HIS D 217 -7.40 28.20 52.61
C HIS D 217 -6.10 28.21 51.84
N THR D 218 -6.14 28.31 50.51
CA THR D 218 -4.95 28.23 49.67
C THR D 218 -4.19 26.93 49.91
N ILE D 219 -4.85 25.82 49.59
CA ILE D 219 -4.30 24.49 49.79
C ILE D 219 -4.16 23.82 48.43
N PRO D 220 -2.97 23.35 48.05
CA PRO D 220 -2.82 22.70 46.74
C PRO D 220 -3.29 21.27 46.83
N THR D 221 -4.09 20.86 45.86
CA THR D 221 -4.68 19.54 45.87
C THR D 221 -4.43 18.86 44.54
N GLN D 222 -4.38 17.53 44.60
CA GLN D 222 -4.26 16.70 43.40
C GLN D 222 -5.32 15.63 43.50
N ILE D 223 -6.20 15.59 42.51
CA ILE D 223 -7.31 14.66 42.49
C ILE D 223 -6.95 13.58 41.49
N LEU D 224 -6.79 12.35 41.96
CA LEU D 224 -6.46 11.21 41.14
C LEU D 224 -7.38 10.06 41.54
N ARG D 225 -7.84 9.31 40.56
CA ARG D 225 -8.76 8.21 40.82
C ARG D 225 -8.02 6.91 41.07
N GLU D 226 -8.68 6.00 41.79
CA GLU D 226 -8.13 4.66 41.99
C GLU D 226 -8.11 3.88 40.69
N SER D 227 -9.01 4.21 39.77
CA SER D 227 -9.06 3.53 38.46
C SER D 227 -7.82 3.82 37.64
N THR D 228 -7.10 4.89 37.96
CA THR D 228 -5.94 5.34 37.21
C THR D 228 -4.64 4.78 37.79
N LEU D 229 -4.47 4.89 39.11
CA LEU D 229 -3.19 4.53 39.71
C LEU D 229 -2.90 3.04 39.59
N ALA D 230 -3.89 2.20 39.86
CA ALA D 230 -3.80 0.77 39.64
C ALA D 230 -4.94 0.42 38.68
N TRP D 231 -4.73 0.67 37.39
CA TRP D 231 -5.78 0.45 36.40
C TRP D 231 -5.85 -1.00 35.95
N ARG D 232 -4.80 -1.78 36.19
CA ARG D 232 -4.77 -3.17 35.79
C ARG D 232 -5.75 -3.98 36.63
N ASP D 233 -6.00 -3.54 37.85
CA ASP D 233 -6.88 -4.23 38.78
C ASP D 233 -8.35 -4.01 38.42
N PHE D 234 -8.72 -2.78 38.04
CA PHE D 234 -10.11 -2.42 37.80
C PHE D 234 -10.51 -2.92 36.41
N LYS D 235 -11.35 -3.96 36.39
CA LYS D 235 -11.79 -4.64 35.18
C LYS D 235 -13.28 -4.41 34.97
N ASN D 236 -13.75 -4.83 33.80
CA ASN D 236 -15.18 -4.81 33.49
C ASN D 236 -15.78 -6.17 33.85
N THR D 237 -16.88 -6.55 33.19
CA THR D 237 -17.43 -7.88 33.43
C THR D 237 -16.60 -8.95 32.73
N PHE D 238 -16.03 -8.63 31.57
CA PHE D 238 -15.34 -9.57 30.69
C PHE D 238 -13.87 -9.76 31.03
N GLY D 239 -13.39 -9.13 32.12
CA GLY D 239 -12.04 -9.31 32.59
C GLY D 239 -11.00 -8.41 31.96
N ALA D 240 -11.39 -7.50 31.08
CA ALA D 240 -10.41 -6.58 30.53
C ALA D 240 -10.48 -5.26 31.26
N PRO D 241 -9.34 -4.57 31.41
CA PRO D 241 -9.36 -3.27 32.10
C PRO D 241 -10.24 -2.26 31.36
N ILE D 242 -10.88 -1.39 32.15
CA ILE D 242 -11.80 -0.40 31.60
C ILE D 242 -11.04 0.63 30.76
N ARG D 243 -9.83 0.97 31.18
CA ARG D 243 -8.99 1.95 30.51
C ARG D 243 -7.70 1.26 30.07
N ASP D 244 -7.46 1.21 28.77
CA ASP D 244 -6.29 0.52 28.23
C ASP D 244 -5.07 1.42 28.43
N PHE D 245 -4.30 1.13 29.49
CA PHE D 245 -3.10 1.88 29.79
C PHE D 245 -1.83 1.11 29.47
N SER D 246 -1.96 -0.13 29.00
CA SER D 246 -0.81 -1.00 28.82
C SER D 246 0.29 -0.35 28.00
N LYS D 247 -0.08 0.48 27.01
CA LYS D 247 0.91 1.08 26.13
C LYS D 247 1.63 2.28 26.73
N ILE D 248 0.98 3.04 27.61
CA ILE D 248 1.48 4.37 27.95
C ILE D 248 1.75 4.51 29.44
N GLU D 249 2.06 3.39 30.10
CA GLU D 249 2.22 3.42 31.56
C GLU D 249 3.37 4.32 31.97
N GLY D 250 4.40 4.45 31.13
CA GLY D 250 5.47 5.38 31.43
C GLY D 250 5.02 6.82 31.27
N HIS D 251 4.33 7.12 30.15
CA HIS D 251 3.83 8.47 29.91
C HIS D 251 2.86 8.92 30.98
N LEU D 252 2.09 7.98 31.56
CA LEU D 252 1.22 8.35 32.66
C LEU D 252 2.04 8.86 33.82
N ALA D 253 3.20 8.23 34.06
CA ALA D 253 4.13 8.76 35.05
C ALA D 253 4.63 10.14 34.65
N TRP D 254 4.66 10.45 33.35
CA TRP D 254 5.06 11.80 32.93
C TRP D 254 4.00 12.82 33.27
N THR D 255 2.75 12.58 32.86
CA THR D 255 1.70 13.58 33.09
C THR D 255 1.44 13.76 34.58
N ILE D 256 1.37 12.66 35.34
CA ILE D 256 1.04 12.76 36.75
C ILE D 256 2.17 13.41 37.54
N SER D 257 3.37 12.82 37.45
CA SER D 257 4.49 13.26 38.28
C SER D 257 5.02 14.64 37.91
N THR D 258 4.56 15.23 36.81
CA THR D 258 4.96 16.61 36.52
C THR D 258 4.14 17.59 37.34
N ALA D 259 2.81 17.47 37.28
CA ALA D 259 1.94 18.33 38.08
C ALA D 259 2.17 18.12 39.57
N ALA D 260 2.63 16.93 39.95
CA ALA D 260 2.97 16.70 41.35
C ALA D 260 4.21 17.52 41.74
N TYR D 261 5.20 17.57 40.87
CA TYR D 261 6.35 18.42 41.15
C TYR D 261 5.95 19.88 41.16
N TYR D 262 4.94 20.25 40.37
CA TYR D 262 4.61 21.66 40.20
C TYR D 262 3.95 22.24 41.46
N LYS D 263 2.84 21.66 41.89
CA LYS D 263 2.14 22.21 43.05
C LYS D 263 2.98 22.11 44.31
N ALA D 264 4.05 21.33 44.30
CA ALA D 264 4.94 21.28 45.44
C ALA D 264 5.78 22.56 45.56
N GLY D 265 5.86 23.34 44.49
CA GLY D 265 6.48 24.66 44.54
C GLY D 265 7.51 24.91 43.46
N GLY D 266 7.72 23.92 42.60
CA GLY D 266 8.71 24.06 41.55
C GLY D 266 8.16 24.02 40.15
N LYS D 267 8.43 25.06 39.36
CA LYS D 267 8.05 25.07 37.96
C LYS D 267 9.17 24.44 37.14
N PRO D 268 8.91 23.34 36.43
CA PRO D 268 10.01 22.64 35.75
C PRO D 268 10.68 23.47 34.66
N TRP D 269 9.97 24.39 34.01
CA TRP D 269 10.58 25.11 32.91
C TRP D 269 9.87 26.45 32.69
N LYS D 270 10.66 27.49 32.48
CA LYS D 270 10.18 28.68 31.79
C LYS D 270 10.28 28.46 30.30
N LEU D 271 9.82 29.42 29.50
CA LEU D 271 10.19 29.40 28.10
C LEU D 271 11.48 30.20 27.91
N GLY D 272 12.30 29.75 26.97
CA GLY D 272 13.67 30.18 26.88
C GLY D 272 13.89 31.56 26.32
N ASP D 273 13.27 31.86 25.19
CA ASP D 273 13.55 33.07 24.42
C ASP D 273 12.27 33.86 24.20
N ILE D 274 12.29 35.11 24.64
CA ILE D 274 11.12 35.97 24.63
C ILE D 274 11.63 37.40 24.71
N ARG D 275 10.94 38.32 24.06
CA ARG D 275 11.25 39.70 24.36
C ARG D 275 10.68 40.05 25.72
N PRO D 276 11.50 40.28 26.74
CA PRO D 276 10.98 40.39 28.11
C PRO D 276 10.24 41.71 28.32
N GLY D 277 9.55 41.75 29.45
CA GLY D 277 8.72 42.90 29.80
C GLY D 277 7.46 42.90 28.98
N VAL D 278 6.83 41.74 28.82
CA VAL D 278 5.59 41.60 28.07
C VAL D 278 4.63 40.83 28.96
N CYS D 279 3.33 41.16 28.85
CA CYS D 279 2.31 40.54 29.68
C CYS D 279 1.26 39.90 28.79
N TYR D 280 0.77 38.72 29.19
CA TYR D 280 -0.24 37.98 28.45
C TYR D 280 -1.42 37.75 29.37
N LEU D 281 -2.57 38.29 29.00
CA LEU D 281 -3.75 38.31 29.86
C LEU D 281 -4.86 37.51 29.19
N GLY D 282 -5.38 36.51 29.90
CA GLY D 282 -6.42 35.65 29.37
C GLY D 282 -7.76 35.85 30.08
N LEU D 283 -8.79 36.24 29.36
CA LEU D 283 -10.05 36.61 29.98
C LEU D 283 -10.99 35.40 30.06
N VAL D 284 -11.81 35.38 31.11
CA VAL D 284 -12.73 34.29 31.41
C VAL D 284 -14.04 34.86 31.94
N TYR D 285 -15.14 34.44 31.34
CA TYR D 285 -16.47 34.67 31.90
C TYR D 285 -17.11 33.32 32.22
N LYS D 286 -18.23 33.37 32.94
CA LYS D 286 -19.07 32.18 33.12
C LYS D 286 -20.45 32.63 33.57
N LYS D 287 -21.47 32.23 32.81
CA LYS D 287 -22.85 32.61 33.09
C LYS D 287 -23.44 31.83 34.27
N ILE D 288 -24.09 32.55 35.19
CA ILE D 288 -24.87 31.93 36.26
C ILE D 288 -26.33 31.91 35.81
N GLU D 289 -26.85 30.72 35.50
CA GLU D 289 -28.20 30.59 35.00
C GLU D 289 -29.26 30.75 36.07
N LYS D 290 -28.90 30.56 37.35
CA LYS D 290 -29.91 30.50 38.41
C LYS D 290 -30.41 31.85 38.86
N SER D 291 -29.74 32.95 38.51
CA SER D 291 -30.29 34.23 38.88
C SER D 291 -31.41 34.57 37.91
N LYS D 292 -32.39 35.36 38.39
CA LYS D 292 -33.53 35.69 37.55
C LYS D 292 -33.11 36.59 36.39
N ASN D 293 -32.06 37.40 36.57
CA ASN D 293 -31.59 38.21 35.46
C ASN D 293 -30.64 37.40 34.58
N PRO D 294 -30.80 37.46 33.24
CA PRO D 294 -29.93 36.68 32.35
C PRO D 294 -28.67 37.43 31.92
N GLN D 295 -28.17 38.31 32.78
CA GLN D 295 -26.93 39.02 32.51
C GLN D 295 -25.85 38.77 33.55
N ASN D 296 -26.22 38.30 34.74
CA ASN D 296 -25.23 38.04 35.79
C ASN D 296 -24.29 36.92 35.35
N ALA D 297 -22.99 37.19 35.44
CA ALA D 297 -21.95 36.25 35.09
C ALA D 297 -20.76 36.54 35.98
N CYS D 298 -19.95 35.51 36.21
CA CYS D 298 -18.81 35.63 37.11
C CYS D 298 -17.54 35.82 36.31
N CYS D 299 -16.92 37.00 36.44
CA CYS D 299 -15.74 37.37 35.68
C CYS D 299 -14.46 36.91 36.36
N ALA D 300 -13.46 36.60 35.54
CA ALA D 300 -12.14 36.23 36.02
C ALA D 300 -11.10 36.65 34.99
N ALA D 301 -9.92 37.00 35.48
CA ALA D 301 -8.84 37.45 34.60
C ALA D 301 -7.56 36.73 34.98
N GLN D 302 -7.02 35.94 34.06
CA GLN D 302 -5.79 35.19 34.31
C GLN D 302 -4.65 35.81 33.54
N MET D 303 -3.54 36.01 34.23
CA MET D 303 -2.35 36.63 33.69
C MET D 303 -1.32 35.54 33.46
N PHE D 304 -0.67 35.57 32.30
CA PHE D 304 0.52 34.77 32.09
C PHE D 304 1.70 35.67 31.73
N LEU D 305 2.86 35.30 32.22
CA LEU D 305 4.13 35.89 31.84
C LEU D 305 4.91 34.75 31.20
N ASP D 306 6.22 34.94 31.04
CA ASP D 306 7.07 33.90 30.46
C ASP D 306 6.89 32.54 31.12
N ASN D 307 6.52 32.51 32.42
CA ASN D 307 6.63 31.27 33.17
C ASN D 307 5.45 30.32 32.97
N GLY D 308 4.24 30.85 32.85
CA GLY D 308 3.06 29.99 32.79
C GLY D 308 2.63 29.45 34.13
N ASP D 309 3.45 29.63 35.16
CA ASP D 309 2.94 29.69 36.52
C ASP D 309 1.70 30.58 36.55
N GLY D 310 1.82 31.76 35.95
CA GLY D 310 0.72 32.69 35.75
C GLY D 310 0.03 33.15 37.01
N THR D 311 -1.00 33.97 36.86
CA THR D 311 -1.76 34.45 38.00
C THR D 311 -3.18 34.73 37.55
N VAL D 312 -4.14 34.47 38.44
CA VAL D 312 -5.55 34.63 38.15
C VAL D 312 -6.15 35.60 39.15
N PHE D 313 -6.81 36.64 38.64
CA PHE D 313 -7.44 37.66 39.46
C PHE D 313 -8.95 37.51 39.32
N LYS D 314 -9.63 37.26 40.45
CA LYS D 314 -11.06 37.04 40.40
C LYS D 314 -11.79 38.35 40.14
N GLY D 315 -12.65 38.35 39.14
CA GLY D 315 -13.45 39.51 38.83
C GLY D 315 -14.80 39.44 39.53
N GLU D 316 -15.36 40.60 39.83
CA GLU D 316 -16.62 40.60 40.56
C GLU D 316 -17.77 40.13 39.66
N VAL D 317 -18.86 39.76 40.30
CA VAL D 317 -20.03 39.24 39.60
C VAL D 317 -20.92 40.40 39.21
N GLY D 318 -21.38 40.40 37.96
CA GLY D 318 -22.23 41.44 37.46
C GLY D 318 -22.80 41.13 36.10
N PRO D 319 -23.60 42.04 35.56
CA PRO D 319 -24.20 41.81 34.23
C PRO D 319 -23.20 41.95 33.09
N TRP D 320 -22.79 40.83 32.51
CA TRP D 320 -21.88 40.81 31.36
C TRP D 320 -22.43 40.10 30.13
N TYR D 321 -23.38 39.18 30.29
CA TYR D 321 -23.89 38.40 29.18
C TYR D 321 -24.83 39.27 28.35
N ASN D 322 -24.45 39.52 27.10
CA ASN D 322 -25.26 40.22 26.11
C ASN D 322 -26.03 39.22 25.26
N PRO D 323 -27.28 38.91 25.60
CA PRO D 323 -27.99 37.82 24.91
C PRO D 323 -28.39 38.13 23.49
N GLU D 324 -28.36 39.40 23.06
CA GLU D 324 -28.75 39.73 21.69
C GLU D 324 -27.68 39.26 20.70
N LYS D 325 -26.44 39.70 20.89
CA LYS D 325 -25.35 39.25 20.03
C LYS D 325 -24.79 37.91 20.44
N GLY D 326 -24.98 37.50 21.70
CA GLY D 326 -24.56 36.20 22.16
C GLY D 326 -23.21 36.19 22.85
N GLU D 327 -22.42 37.23 22.66
CA GLU D 327 -21.07 37.31 23.19
C GLU D 327 -21.06 37.93 24.58
N TYR D 328 -20.06 37.56 25.36
CA TYR D 328 -19.82 38.26 26.61
C TYR D 328 -19.02 39.52 26.34
N HIS D 329 -19.32 40.58 27.10
CA HIS D 329 -18.61 41.84 26.96
C HIS D 329 -18.55 42.49 28.33
N LEU D 330 -17.59 43.41 28.52
CA LEU D 330 -17.41 44.04 29.80
C LEU D 330 -18.13 45.38 29.88
N LYS D 331 -18.28 45.85 31.13
CA LYS D 331 -18.76 47.15 31.54
C LYS D 331 -17.60 47.95 32.12
N PRO D 332 -17.51 49.24 31.79
CA PRO D 332 -16.30 50.02 32.13
C PRO D 332 -15.92 50.02 33.61
N LYS D 333 -16.79 49.59 34.52
CA LYS D 333 -16.41 49.60 35.93
C LYS D 333 -15.46 48.45 36.26
N GLU D 334 -15.84 47.22 35.90
CA GLU D 334 -15.00 46.05 36.16
C GLU D 334 -13.86 45.94 35.17
N ALA D 335 -14.02 46.52 33.98
CA ALA D 335 -12.95 46.47 32.98
C ALA D 335 -11.72 47.22 33.46
N LYS D 336 -11.91 48.34 34.15
CA LYS D 336 -10.80 49.10 34.70
C LYS D 336 -10.25 48.46 35.97
N ALA D 337 -11.14 48.00 36.86
CA ALA D 337 -10.72 47.44 38.14
C ALA D 337 -9.93 46.14 38.02
N LEU D 338 -9.99 45.46 36.88
CA LEU D 338 -9.23 44.23 36.69
C LEU D 338 -7.93 44.45 35.94
N LEU D 339 -7.92 45.33 34.94
CA LEU D 339 -6.67 45.66 34.28
C LEU D 339 -5.69 46.26 35.28
N THR D 340 -6.18 47.14 36.16
CA THR D 340 -5.31 47.79 37.14
C THR D 340 -4.82 46.82 38.19
N GLN D 341 -5.76 46.09 38.82
CA GLN D 341 -5.40 45.12 39.85
C GLN D 341 -4.38 44.09 39.34
N ALA D 342 -4.31 43.87 38.03
CA ALA D 342 -3.27 43.00 37.48
C ALA D 342 -1.96 43.75 37.32
N LEU D 343 -2.01 44.97 36.78
CA LEU D 343 -0.79 45.70 36.47
C LEU D 343 -0.08 46.19 37.73
N GLU D 344 -0.86 46.64 38.73
CA GLU D 344 -0.25 47.07 39.98
C GLU D 344 0.39 45.89 40.71
N SER D 345 -0.19 44.70 40.58
CA SER D 345 0.48 43.51 41.09
C SER D 345 1.75 43.21 40.30
N TYR D 346 1.81 43.65 39.04
CA TYR D 346 3.01 43.48 38.26
C TYR D 346 4.10 44.48 38.65
N LYS D 347 3.72 45.70 39.04
CA LYS D 347 4.72 46.65 39.53
C LYS D 347 5.40 46.17 40.80
N GLU D 348 4.79 45.24 41.53
CA GLU D 348 5.45 44.62 42.67
C GLU D 348 6.21 43.36 42.27
N GLN D 349 5.75 42.67 41.22
CA GLN D 349 6.46 41.48 40.76
C GLN D 349 7.77 41.85 40.07
N ASN D 350 7.70 42.72 39.07
CA ASN D 350 8.88 43.30 38.43
C ASN D 350 8.99 44.77 38.78
N LYS D 351 10.19 45.31 38.61
CA LYS D 351 10.48 46.68 39.01
C LYS D 351 9.73 47.71 38.18
N SER D 352 9.05 47.30 37.10
CA SER D 352 8.47 48.22 36.14
C SER D 352 7.05 47.79 35.77
N TYR D 353 6.41 48.63 34.97
CA TYR D 353 5.17 48.32 34.30
C TYR D 353 5.48 47.54 33.02
N PRO D 354 4.52 46.80 32.48
CA PRO D 354 4.81 46.02 31.27
C PRO D 354 4.95 46.91 30.04
N LYS D 355 5.77 46.43 29.10
CA LYS D 355 6.05 47.14 27.87
C LYS D 355 5.04 46.79 26.78
N GLU D 356 4.71 45.52 26.65
CA GLU D 356 3.67 45.06 25.74
C GLU D 356 2.71 44.17 26.52
N VAL D 357 1.41 44.34 26.27
CA VAL D 357 0.38 43.54 26.93
C VAL D 357 -0.58 43.03 25.85
N PHE D 358 -0.81 41.72 25.84
CA PHE D 358 -1.73 41.10 24.91
C PHE D 358 -2.86 40.45 25.68
N ILE D 359 -4.11 40.73 25.27
CA ILE D 359 -5.30 40.22 25.94
C ILE D 359 -5.95 39.20 25.00
N HIS D 360 -5.99 37.95 25.43
CA HIS D 360 -6.53 36.85 24.63
C HIS D 360 -8.00 36.63 24.96
N ALA D 361 -8.77 36.26 23.95
CA ALA D 361 -10.20 36.01 24.13
C ALA D 361 -10.72 35.30 22.89
N ARG D 362 -11.95 34.79 23.01
CA ARG D 362 -12.59 34.03 21.95
C ARG D 362 -13.51 34.87 21.09
N THR D 363 -14.11 35.90 21.68
CA THR D 363 -15.04 36.77 21.00
C THR D 363 -14.33 38.04 20.56
N ARG D 364 -14.88 38.70 19.54
CA ARG D 364 -14.34 39.99 19.14
C ARG D 364 -14.67 41.04 20.19
N PHE D 365 -13.84 42.07 20.26
CA PHE D 365 -14.02 43.14 21.23
C PHE D 365 -14.91 44.23 20.64
N ASN D 366 -15.92 44.65 21.40
CA ASN D 366 -16.65 45.84 20.99
C ASN D 366 -15.89 47.06 21.48
N ASP D 367 -16.43 48.24 21.18
CA ASP D 367 -15.67 49.47 21.40
C ASP D 367 -15.77 49.98 22.84
N GLU D 368 -16.91 49.77 23.52
CA GLU D 368 -17.08 50.35 24.84
C GLU D 368 -16.15 49.73 25.87
N GLU D 369 -15.72 48.49 25.63
CA GLU D 369 -14.82 47.82 26.57
C GLU D 369 -13.37 48.21 26.32
N TRP D 370 -13.00 48.41 25.06
CA TRP D 370 -11.60 48.63 24.74
C TRP D 370 -11.13 50.00 25.21
N ASN D 371 -11.95 51.04 25.06
CA ASN D 371 -11.58 52.34 25.59
C ASN D 371 -11.47 52.33 27.11
N ALA D 372 -12.11 51.37 27.77
CA ALA D 372 -11.91 51.20 29.21
C ALA D 372 -10.51 50.74 29.52
N PHE D 373 -9.89 49.97 28.62
CA PHE D 373 -8.52 49.54 28.84
C PHE D 373 -7.52 50.65 28.50
N ASN D 374 -7.71 51.32 27.37
CA ASN D 374 -6.81 52.41 26.99
C ASN D 374 -6.74 53.49 28.07
N GLU D 375 -7.86 53.73 28.76
CA GLU D 375 -7.88 54.78 29.77
C GLU D 375 -6.97 54.42 30.94
N VAL D 376 -6.91 53.15 31.32
CA VAL D 376 -6.04 52.74 32.41
C VAL D 376 -4.63 52.37 31.93
N THR D 377 -4.48 52.00 30.67
CA THR D 377 -3.18 51.58 30.17
C THR D 377 -2.24 52.78 30.09
N PRO D 378 -0.99 52.64 30.55
CA PRO D 378 -0.01 53.71 30.36
C PRO D 378 0.11 54.10 28.90
N LYS D 379 0.45 55.38 28.67
CA LYS D 379 0.60 55.86 27.31
C LYS D 379 1.79 55.22 26.60
N ASN D 380 2.79 54.76 27.37
CA ASN D 380 3.92 54.07 26.77
C ASN D 380 3.52 52.68 26.29
N THR D 381 2.79 51.95 27.13
CA THR D 381 2.60 50.51 26.91
C THR D 381 1.65 50.28 25.74
N ASN D 382 2.17 49.65 24.69
CA ASN D 382 1.34 49.19 23.58
C ASN D 382 0.45 48.07 24.07
N LEU D 383 -0.82 48.10 23.67
CA LEU D 383 -1.85 47.22 24.19
C LEU D 383 -2.63 46.64 23.03
N VAL D 384 -2.78 45.32 23.02
CA VAL D 384 -3.39 44.61 21.91
C VAL D 384 -4.25 43.48 22.47
N GLY D 385 -5.45 43.33 21.92
CA GLY D 385 -6.33 42.21 22.25
C GLY D 385 -6.42 41.30 21.04
N VAL D 386 -6.36 39.99 21.29
CA VAL D 386 -6.19 39.02 20.22
C VAL D 386 -7.32 37.99 20.32
N THR D 387 -7.96 37.70 19.19
CA THR D 387 -9.08 36.77 19.15
C THR D 387 -8.61 35.45 18.54
N ILE D 388 -8.55 34.41 19.37
CA ILE D 388 -8.18 33.08 18.92
C ILE D 388 -9.44 32.26 18.88
N THR D 389 -9.90 31.95 17.69
CA THR D 389 -11.12 31.15 17.52
C THR D 389 -10.76 29.83 16.88
N LYS D 390 -11.31 28.75 17.42
CA LYS D 390 -11.15 27.44 16.80
C LYS D 390 -12.29 27.27 15.81
N SER D 391 -12.10 27.77 14.61
CA SER D 391 -13.13 27.69 13.60
C SER D 391 -12.74 26.63 12.60
N LYS D 392 -13.63 26.33 11.69
CA LYS D 392 -13.30 25.25 10.77
C LYS D 392 -13.28 25.74 9.33
N PRO D 393 -12.76 26.94 9.05
CA PRO D 393 -12.94 27.49 7.71
C PRO D 393 -12.17 26.71 6.65
N LEU D 394 -10.92 26.34 6.92
CA LEU D 394 -10.13 25.59 5.94
C LEU D 394 -9.23 24.60 6.65
N LYS D 395 -9.06 23.43 6.05
CA LYS D 395 -7.97 22.52 6.29
C LYS D 395 -6.97 22.66 5.15
N LEU D 396 -5.76 22.20 5.40
CA LEU D 396 -4.74 22.17 4.35
C LEU D 396 -4.28 20.72 4.20
N TYR D 397 -4.74 20.09 3.13
CA TYR D 397 -4.43 18.70 2.86
C TYR D 397 -3.10 18.64 2.12
N LYS D 398 -2.09 17.99 2.73
CA LYS D 398 -0.80 17.83 2.09
C LYS D 398 -0.95 17.00 0.81
N THR D 399 -0.30 17.47 -0.26
CA THR D 399 -0.52 16.90 -1.59
C THR D 399 0.30 15.64 -1.87
N GLU D 400 1.30 15.33 -1.05
CA GLU D 400 2.13 14.17 -1.30
C GLU D 400 2.36 13.44 0.01
N GLY D 401 2.00 12.16 0.06
CA GLY D 401 2.21 11.35 1.23
C GLY D 401 0.98 11.26 2.10
N ALA D 402 0.95 10.24 2.95
CA ALA D 402 -0.20 9.99 3.82
C ALA D 402 -0.17 10.81 5.10
N PHE D 403 0.80 11.69 5.27
CA PHE D 403 1.03 12.49 6.46
C PHE D 403 0.71 13.97 6.25
N PRO D 404 0.24 14.67 7.28
CA PRO D 404 -0.20 16.07 7.12
C PRO D 404 0.98 17.04 7.10
N ILE D 405 0.66 18.33 6.95
CA ILE D 405 1.70 19.36 6.92
C ILE D 405 2.29 19.51 8.33
N MET D 406 3.50 20.07 8.39
CA MET D 406 4.16 20.18 9.67
C MET D 406 3.74 21.45 10.41
N ARG D 407 3.69 21.32 11.74
CA ARG D 407 3.30 22.41 12.63
C ARG D 407 4.22 23.61 12.45
N GLY D 408 3.63 24.77 12.24
CA GLY D 408 4.40 26.00 12.12
C GLY D 408 4.12 26.85 10.89
N ASN D 409 3.63 26.22 9.82
CA ASN D 409 3.22 26.98 8.65
C ASN D 409 2.00 27.83 8.96
N ALA D 410 1.89 28.96 8.25
CA ALA D 410 0.83 29.92 8.54
C ALA D 410 0.60 30.81 7.33
N TYR D 411 -0.63 30.81 6.82
CA TYR D 411 -1.07 31.77 5.81
C TYR D 411 -1.34 33.08 6.52
N ILE D 412 -0.72 34.16 6.04
CA ILE D 412 -1.05 35.51 6.48
C ILE D 412 -2.04 36.07 5.48
N VAL D 413 -3.29 36.23 5.90
CA VAL D 413 -4.33 36.70 4.99
C VAL D 413 -4.20 38.20 4.77
N ASP D 414 -4.27 38.98 5.84
CA ASP D 414 -3.98 40.40 5.85
C ASP D 414 -3.07 40.67 7.04
N GLU D 415 -2.71 41.94 7.22
CA GLU D 415 -1.73 42.28 8.24
C GLU D 415 -2.30 42.28 9.65
N LYS D 416 -3.57 41.89 9.82
CA LYS D 416 -4.14 41.71 11.14
C LYS D 416 -4.80 40.36 11.38
N LYS D 417 -4.94 39.51 10.36
CA LYS D 417 -5.54 38.20 10.51
C LYS D 417 -4.67 37.14 9.83
N ALA D 418 -4.58 35.97 10.45
CA ALA D 418 -3.72 34.91 9.92
C ALA D 418 -4.17 33.56 10.48
N PHE D 419 -3.97 32.52 9.68
CA PHE D 419 -4.22 31.13 10.10
C PHE D 419 -2.92 30.52 10.60
N LEU D 420 -3.00 29.78 11.70
CA LEU D 420 -1.80 29.20 12.31
C LEU D 420 -2.04 27.73 12.62
N TRP D 421 -1.08 26.89 12.23
CA TRP D 421 -1.16 25.45 12.47
C TRP D 421 -0.43 25.10 13.77
N THR D 422 -1.20 24.91 14.83
CA THR D 422 -0.66 24.33 16.05
C THR D 422 -0.69 22.81 16.01
N LEU D 423 -1.52 22.23 15.17
CA LEU D 423 -1.63 20.79 15.01
C LEU D 423 -0.93 20.39 13.71
N GLY D 424 -0.96 19.09 13.41
CA GLY D 424 -0.28 18.58 12.23
C GLY D 424 0.91 17.69 12.55
N PHE D 425 1.96 17.79 11.74
CA PHE D 425 3.13 16.93 11.90
C PHE D 425 4.16 17.58 12.80
N VAL D 426 4.85 16.75 13.59
CA VAL D 426 5.97 17.18 14.40
C VAL D 426 7.18 16.28 14.09
N PRO D 427 8.28 16.81 13.59
CA PRO D 427 9.40 15.94 13.20
C PRO D 427 10.10 15.31 14.39
N LYS D 428 10.16 16.01 15.52
CA LYS D 428 10.75 15.42 16.72
C LYS D 428 10.01 14.15 17.11
N LEU D 429 8.69 14.17 17.05
CA LEU D 429 7.88 13.01 17.42
C LEU D 429 7.68 12.06 16.25
N GLN D 430 7.71 12.59 15.03
CA GLN D 430 7.51 11.87 13.77
C GLN D 430 6.15 11.20 13.68
N SER D 431 5.18 11.69 14.45
CA SER D 431 3.78 11.34 14.30
C SER D 431 2.98 12.62 14.48
N THR D 432 1.77 12.63 13.91
CA THR D 432 0.99 13.84 13.99
C THR D 432 0.30 13.94 15.35
N LEU D 433 -0.19 15.15 15.64
CA LEU D 433 -0.93 15.43 16.86
C LEU D 433 -2.44 15.35 16.68
N SER D 434 -2.93 15.43 15.45
CA SER D 434 -4.34 15.23 15.14
C SER D 434 -4.53 13.92 14.41
N MET D 435 -5.51 13.13 14.85
CA MET D 435 -5.76 11.79 14.32
C MET D 435 -6.57 11.80 13.03
N GLU D 436 -6.69 12.98 12.41
CA GLU D 436 -7.16 13.17 11.03
C GLU D 436 -6.36 14.33 10.47
N VAL D 437 -6.77 14.81 9.30
CA VAL D 437 -6.23 16.06 8.77
C VAL D 437 -6.44 17.14 9.83
N PRO D 438 -5.38 17.83 10.26
CA PRO D 438 -5.51 18.75 11.39
C PRO D 438 -6.29 20.02 11.01
N ASN D 439 -6.63 20.78 12.04
CA ASN D 439 -7.41 21.99 11.89
C ASN D 439 -6.61 23.19 12.40
N PRO D 440 -6.37 24.21 11.57
CA PRO D 440 -5.64 25.39 12.05
C PRO D 440 -6.52 26.25 12.94
N ILE D 441 -5.88 27.17 13.66
CA ILE D 441 -6.60 28.12 14.50
C ILE D 441 -6.53 29.50 13.85
N PHE D 442 -7.59 30.28 14.05
CA PHE D 442 -7.74 31.58 13.42
C PHE D 442 -7.40 32.64 14.46
N ILE D 443 -6.41 33.47 14.17
CA ILE D 443 -5.90 34.49 15.10
C ILE D 443 -6.12 35.86 14.47
N GLU D 444 -6.92 36.70 15.13
CA GLU D 444 -7.25 38.03 14.64
C GLU D 444 -6.80 39.08 15.63
N ILE D 445 -6.01 40.06 15.14
CA ILE D 445 -5.65 41.23 15.92
C ILE D 445 -6.86 42.15 15.91
N ASN D 446 -7.77 41.96 16.87
CA ASN D 446 -9.04 42.67 16.79
C ASN D 446 -8.91 44.14 17.17
N LYS D 447 -8.15 44.44 18.23
CA LYS D 447 -7.97 45.81 18.68
C LYS D 447 -6.50 46.03 19.03
N GLY D 448 -6.02 47.22 18.73
CA GLY D 448 -4.60 47.51 18.80
C GLY D 448 -3.95 47.26 17.46
N GLU D 449 -2.62 47.24 17.47
CA GLU D 449 -1.90 46.85 16.27
C GLU D 449 -0.51 46.34 16.65
N ALA D 450 -0.13 45.22 16.06
CA ALA D 450 1.14 44.58 16.36
C ALA D 450 1.59 43.86 15.10
N GLU D 451 2.90 43.66 14.98
CA GLU D 451 3.43 42.89 13.87
C GLU D 451 2.82 41.51 13.90
N ILE D 452 2.00 41.18 12.88
CA ILE D 452 1.18 39.99 12.91
C ILE D 452 2.03 38.73 12.99
N GLN D 453 3.20 38.73 12.35
CA GLN D 453 4.03 37.54 12.34
C GLN D 453 4.62 37.24 13.72
N GLN D 454 4.69 38.23 14.62
CA GLN D 454 5.15 37.99 15.97
C GLN D 454 4.04 37.55 16.92
N VAL D 455 2.79 37.93 16.66
CA VAL D 455 1.68 37.35 17.41
C VAL D 455 1.64 35.86 17.19
N LEU D 456 1.78 35.44 15.93
CA LEU D 456 1.87 34.02 15.62
C LEU D 456 3.07 33.40 16.34
N LYS D 457 4.24 34.07 16.27
CA LYS D 457 5.43 33.60 16.95
C LYS D 457 5.29 33.57 18.47
N ASP D 458 4.31 34.27 19.05
CA ASP D 458 4.13 34.26 20.50
C ASP D 458 3.10 33.24 20.98
N ILE D 459 1.99 33.06 20.27
CA ILE D 459 1.00 32.08 20.70
C ILE D 459 1.60 30.69 20.69
N LEU D 460 2.46 30.41 19.71
CA LEU D 460 3.22 29.16 19.71
C LEU D 460 3.98 28.99 21.02
N ALA D 461 4.64 30.04 21.47
CA ALA D 461 5.41 29.95 22.71
C ALA D 461 4.50 29.71 23.92
N LEU D 462 3.21 30.00 23.81
CA LEU D 462 2.23 29.70 24.85
C LEU D 462 1.57 28.34 24.67
N THR D 463 1.95 27.57 23.65
CA THR D 463 1.53 26.18 23.50
C THR D 463 2.49 25.23 24.22
N LYS D 464 3.79 25.42 24.01
CA LYS D 464 4.81 24.65 24.74
C LYS D 464 4.57 24.68 26.24
N LEU D 465 4.16 25.84 26.72
CA LEU D 465 3.98 26.07 28.15
C LEU D 465 2.67 25.42 28.58
N ASN D 466 2.76 24.21 29.12
CA ASN D 466 1.62 23.58 29.78
C ASN D 466 2.21 22.60 30.79
N TYR D 467 2.03 22.87 32.08
CA TYR D 467 2.70 22.06 33.09
C TYR D 467 1.93 20.78 33.39
N ASN D 468 0.60 20.85 33.44
CA ASN D 468 -0.20 19.74 33.94
C ASN D 468 -0.05 18.48 33.10
N ALA D 469 0.54 18.57 31.90
CA ALA D 469 0.85 17.38 31.12
C ALA D 469 2.15 17.64 30.38
N CYS D 470 3.08 16.69 30.46
CA CYS D 470 4.38 16.84 29.80
C CYS D 470 4.20 16.38 28.37
N ILE D 471 3.89 17.33 27.49
CA ILE D 471 3.67 17.05 26.08
C ILE D 471 4.49 18.02 25.25
N TYR D 472 4.68 17.68 23.97
CA TYR D 472 5.35 18.58 23.06
C TYR D 472 4.61 19.90 22.92
N ALA D 473 3.29 19.83 22.72
CA ALA D 473 2.52 21.06 22.52
C ALA D 473 1.04 20.77 22.70
N ASP D 474 0.30 21.83 23.01
CA ASP D 474 -1.15 21.83 22.99
C ASP D 474 -1.63 22.43 21.67
N GLY D 475 -2.92 22.29 21.41
CA GLY D 475 -3.50 22.89 20.23
C GLY D 475 -3.85 24.34 20.42
N GLU D 476 -4.44 24.64 21.58
CA GLU D 476 -4.77 26.00 21.97
C GLU D 476 -3.76 26.55 22.97
N PRO D 477 -3.42 27.84 22.89
CA PRO D 477 -2.45 28.40 23.84
C PRO D 477 -2.93 28.29 25.28
N VAL D 478 -2.00 28.46 26.21
CA VAL D 478 -2.32 28.23 27.61
C VAL D 478 -3.19 29.34 28.20
N THR D 479 -3.23 30.52 27.56
CA THR D 479 -4.02 31.62 28.11
C THR D 479 -5.52 31.33 28.10
N LEU D 480 -5.99 30.55 27.13
CA LEU D 480 -7.38 30.10 27.09
C LEU D 480 -7.51 28.61 27.32
N ARG D 481 -6.43 27.95 27.75
CA ARG D 481 -6.44 26.51 27.97
C ARG D 481 -7.51 26.14 28.99
N PHE D 482 -7.45 26.76 30.17
CA PHE D 482 -8.33 26.46 31.28
C PHE D 482 -9.38 27.54 31.48
N ALA D 483 -9.72 28.27 30.41
CA ALA D 483 -10.74 29.31 30.49
C ALA D 483 -12.02 28.80 31.13
N ASN D 484 -12.60 27.74 30.57
CA ASN D 484 -13.86 27.22 31.09
C ASN D 484 -13.67 26.44 32.38
N LYS D 485 -12.54 25.74 32.54
CA LYS D 485 -12.34 24.97 33.77
C LYS D 485 -12.13 25.88 34.97
N ILE D 486 -11.51 27.04 34.77
CA ILE D 486 -11.46 28.04 35.83
C ILE D 486 -12.83 28.67 36.02
N GLY D 487 -13.52 28.98 34.92
CA GLY D 487 -14.85 29.56 35.01
C GLY D 487 -15.80 28.71 35.83
N GLU D 488 -15.69 27.38 35.72
CA GLU D 488 -16.55 26.50 36.50
C GLU D 488 -16.22 26.54 37.98
N ILE D 489 -15.05 27.06 38.36
CA ILE D 489 -14.72 27.26 39.76
C ILE D 489 -15.35 28.55 40.29
N LEU D 490 -15.36 29.61 39.47
CA LEU D 490 -15.91 30.88 39.95
C LEU D 490 -17.39 30.74 40.28
N THR D 491 -18.16 30.11 39.39
CA THR D 491 -19.56 29.88 39.69
C THR D 491 -19.74 28.88 40.81
N ALA D 492 -18.71 28.07 41.08
CA ALA D 492 -18.77 27.18 42.21
C ALA D 492 -18.59 27.91 43.54
N SER D 493 -17.98 29.10 43.54
CA SER D 493 -17.89 29.87 44.77
C SER D 493 -17.88 31.36 44.42
N THR D 494 -18.97 32.05 44.74
CA THR D 494 -19.08 33.49 44.51
C THR D 494 -18.77 34.32 45.74
N GLU D 495 -19.02 33.77 46.93
CA GLU D 495 -18.88 34.52 48.17
C GLU D 495 -17.44 34.66 48.63
N ILE D 496 -16.54 33.83 48.12
CA ILE D 496 -15.16 33.85 48.59
C ILE D 496 -14.50 35.14 48.15
N LYS D 497 -13.70 35.72 49.03
CA LYS D 497 -12.97 36.95 48.70
C LYS D 497 -11.52 36.54 48.42
N THR D 498 -11.26 36.15 47.19
CA THR D 498 -9.96 35.62 46.81
C THR D 498 -9.07 36.72 46.25
N PRO D 499 -7.90 36.96 46.83
CA PRO D 499 -6.96 37.90 46.23
C PRO D 499 -6.36 37.29 44.97
N PRO D 500 -5.40 37.97 44.32
CA PRO D 500 -4.61 37.31 43.29
C PRO D 500 -4.11 35.96 43.79
N LEU D 501 -4.37 34.91 43.03
CA LEU D 501 -4.04 33.55 43.45
C LEU D 501 -3.23 32.85 42.37
N ALA D 502 -2.31 32.00 42.81
CA ALA D 502 -1.51 31.20 41.90
C ALA D 502 -2.39 30.20 41.14
N PHE D 503 -1.81 29.65 40.07
CA PHE D 503 -2.57 28.78 39.19
C PHE D 503 -2.75 27.38 39.77
N LYS D 504 -1.78 26.90 40.56
CA LYS D 504 -1.85 25.55 41.10
C LYS D 504 -2.99 25.37 42.09
N TYR D 505 -3.60 26.45 42.56
CA TYR D 505 -4.78 26.35 43.41
C TYR D 505 -6.08 26.25 42.63
N TYR D 506 -6.06 26.52 41.32
CA TYR D 506 -7.26 26.34 40.49
C TYR D 506 -7.23 25.06 39.67
N ILE D 507 -6.07 24.65 39.16
CA ILE D 507 -6.00 23.38 38.42
C ILE D 507 -5.93 22.20 39.38
#